data_5AYE
#
_entry.id   5AYE
#
_cell.length_a   92.474
_cell.length_b   166.151
_cell.length_c   92.722
_cell.angle_alpha   90.00
_cell.angle_beta   118.87
_cell.angle_gamma   90.00
#
_symmetry.space_group_name_H-M   'P 1 21 1'
#
loop_
_entity.id
_entity.type
_entity.pdbx_description
1 polymer 'Beta-1,4-mannooligosaccharide phosphorylase'
2 branched beta-D-mannopyranose-(1-4)-beta-D-mannopyranose
3 non-polymer 'PHOSPHATE ION'
4 water water
#
_entity_poly.entity_id   1
_entity_poly.type   'polypeptide(L)'
_entity_poly.pdbx_seq_one_letter_code
;MKTQIINGVSLPNIPWQDKPADCKDVIWRYDANPIIPRDQLPTSNSIFNSAVVPYESEKGKFAGVFRVDDKCRNMELHAG
FSKDGIHWDINPDRIVFEQAEKSTEEVNQWGYGYDPRVCFIEDRFWVTWCNAYGWKPTIGVAYTFDFKTFYQCENAFLPF
NRNGVLFPRKINGKYVMFSRPSDSGHTPFGDMFISQSPDMKYWGEHRHVMGPLRAWESKKIGAGPIPIETSEGWLCFYHG
VLESCNGFVYSFSACILDKDEPWKVKYRCAEYLLSPQKIYECVGDVQNVTFPCATLVDADTGRIAIYYGCADTCVSMAFT
TVDDVVDYVKSHSSV
;
_entity_poly.pdbx_strand_id   A,B,C,D,E,F
#
# COMPACT_ATOMS: atom_id res chain seq x y z
N MET A 1 26.85 -17.03 42.81
CA MET A 1 26.56 -16.35 41.56
C MET A 1 26.88 -14.86 41.65
N LYS A 2 27.16 -14.24 40.50
CA LYS A 2 27.60 -12.84 40.43
C LYS A 2 26.45 -11.84 40.49
N THR A 3 25.33 -12.17 39.84
CA THR A 3 24.15 -11.33 39.91
C THR A 3 23.12 -11.99 40.81
N GLN A 4 22.63 -11.25 41.80
CA GLN A 4 21.69 -11.82 42.74
C GLN A 4 20.26 -11.69 42.22
N ILE A 5 19.48 -12.75 42.43
CA ILE A 5 18.04 -12.72 42.14
C ILE A 5 17.36 -12.09 43.33
N ILE A 6 16.46 -11.16 43.07
CA ILE A 6 15.79 -10.45 44.14
C ILE A 6 14.31 -10.82 44.14
N ASN A 7 13.79 -11.08 45.33
CA ASN A 7 12.39 -11.44 45.49
C ASN A 7 12.02 -12.63 44.63
N GLY A 8 12.94 -13.58 44.52
CA GLY A 8 12.74 -14.76 43.70
C GLY A 8 12.26 -15.94 44.52
N VAL A 9 12.26 -17.13 43.92
CA VAL A 9 11.86 -18.33 44.63
C VAL A 9 12.85 -19.44 44.40
N SER A 10 12.93 -20.32 45.40
CA SER A 10 13.72 -21.52 45.35
C SER A 10 13.00 -22.50 44.45
N LEU A 11 13.71 -23.04 43.48
CA LEU A 11 13.05 -23.87 42.49
C LEU A 11 13.95 -25.01 42.06
N PRO A 12 14.30 -25.90 43.00
CA PRO A 12 15.22 -27.00 42.72
C PRO A 12 14.73 -27.87 41.58
N ASN A 13 13.42 -27.91 41.38
CA ASN A 13 12.81 -28.79 40.38
C ASN A 13 12.63 -28.13 39.01
N ILE A 14 13.25 -26.96 38.82
CA ILE A 14 13.14 -26.27 37.53
C ILE A 14 13.46 -27.24 36.40
N PRO A 15 12.69 -27.19 35.30
CA PRO A 15 13.08 -27.96 34.11
C PRO A 15 14.45 -27.50 33.67
N TRP A 16 15.35 -28.43 33.35
CA TRP A 16 16.72 -28.04 33.07
C TRP A 16 17.48 -29.05 32.25
N GLN A 17 18.35 -28.55 31.38
CA GLN A 17 19.35 -29.37 30.71
C GLN A 17 20.61 -28.53 30.66
N ASP A 18 21.75 -29.17 30.88
CA ASP A 18 23.03 -28.48 30.84
C ASP A 18 23.42 -28.04 29.44
N LYS A 19 24.27 -27.02 29.37
CA LYS A 19 24.74 -26.50 28.09
C LYS A 19 25.68 -27.50 27.41
N PRO A 20 25.33 -27.93 26.19
CA PRO A 20 26.22 -28.80 25.40
C PRO A 20 27.60 -28.15 25.22
N ALA A 21 28.65 -28.96 25.19
CA ALA A 21 30.03 -28.46 25.04
C ALA A 21 30.20 -27.70 23.72
N ASP A 22 29.50 -28.14 22.68
CA ASP A 22 29.63 -27.53 21.36
C ASP A 22 28.84 -26.21 21.25
N CYS A 23 27.90 -25.99 22.16
CA CYS A 23 27.09 -24.78 22.11
C CYS A 23 27.92 -23.54 22.42
N LYS A 24 27.85 -22.56 21.51
CA LYS A 24 28.57 -21.30 21.66
C LYS A 24 27.64 -20.11 21.89
N ASP A 25 26.37 -20.38 22.15
CA ASP A 25 25.39 -19.33 22.32
C ASP A 25 25.05 -19.13 23.79
N VAL A 26 24.51 -17.97 24.12
CA VAL A 26 24.13 -17.66 25.49
C VAL A 26 23.00 -18.56 25.96
N ILE A 27 22.08 -18.81 25.05
CA ILE A 27 20.88 -19.59 25.32
C ILE A 27 20.95 -20.88 24.50
N TRP A 28 20.65 -22.02 25.11
CA TRP A 28 20.60 -23.27 24.36
C TRP A 28 19.21 -23.87 24.39
N ARG A 29 18.84 -24.58 23.33
CA ARG A 29 17.50 -25.15 23.22
C ARG A 29 17.38 -26.53 23.87
N TYR A 30 16.25 -26.75 24.54
CA TYR A 30 15.83 -28.07 24.98
C TYR A 30 15.98 -29.04 23.81
N ASP A 31 16.36 -30.28 24.10
CA ASP A 31 16.81 -31.17 23.04
C ASP A 31 15.68 -32.02 22.47
N ALA A 32 14.47 -31.86 22.99
CA ALA A 32 13.33 -32.58 22.44
C ALA A 32 12.16 -31.64 22.14
N ASN A 33 12.46 -30.49 21.55
CA ASN A 33 11.45 -29.50 21.23
C ASN A 33 10.60 -30.02 20.07
N PRO A 34 9.31 -29.64 20.01
CA PRO A 34 8.55 -28.82 20.98
C PRO A 34 8.07 -29.61 22.19
N ILE A 35 7.84 -28.93 23.32
CA ILE A 35 7.35 -29.62 24.50
C ILE A 35 5.84 -29.71 24.46
N ILE A 36 5.23 -28.85 23.66
CA ILE A 36 3.80 -28.91 23.42
C ILE A 36 3.56 -28.76 21.92
N PRO A 37 3.20 -29.87 21.26
CA PRO A 37 2.88 -29.90 19.83
C PRO A 37 1.56 -29.22 19.53
N ARG A 38 1.33 -28.90 18.25
CA ARG A 38 0.16 -28.13 17.85
C ARG A 38 -1.15 -28.87 18.09
N ASP A 39 -1.07 -30.21 18.11
CA ASP A 39 -2.25 -31.04 18.15
C ASP A 39 -2.42 -31.78 19.46
N GLN A 40 -1.98 -31.17 20.57
CA GLN A 40 -2.07 -31.86 21.85
C GLN A 40 -3.52 -31.96 22.35
N LEU A 41 -4.33 -30.96 22.05
CA LEU A 41 -5.76 -31.02 22.31
C LEU A 41 -6.47 -31.54 21.07
N PRO A 42 -7.66 -32.17 21.26
CA PRO A 42 -8.40 -32.69 20.12
C PRO A 42 -8.92 -31.59 19.20
N THR A 43 -9.03 -30.38 19.74
CA THR A 43 -9.58 -29.23 19.02
C THR A 43 -8.52 -28.20 18.60
N SER A 44 -7.27 -28.41 19.00
CA SER A 44 -6.28 -27.36 18.80
C SER A 44 -5.67 -27.39 17.39
N ASN A 45 -5.65 -26.22 16.76
CA ASN A 45 -4.89 -26.01 15.52
C ASN A 45 -3.41 -25.71 15.83
N SER A 46 -3.18 -24.97 16.91
CA SER A 46 -1.86 -24.58 17.33
C SER A 46 -1.90 -24.21 18.80
N ILE A 47 -0.76 -24.35 19.47
CA ILE A 47 -0.63 -23.97 20.87
C ILE A 47 0.74 -23.32 21.02
N PHE A 48 0.77 -22.04 21.38
CA PHE A 48 2.02 -21.30 21.38
C PHE A 48 1.97 -20.07 22.29
N ASN A 49 3.04 -19.28 22.32
CA ASN A 49 3.09 -18.01 23.10
C ASN A 49 2.32 -18.07 24.43
N SER A 50 2.84 -18.85 25.38
CA SER A 50 2.07 -19.27 26.55
C SER A 50 2.69 -18.91 27.92
N ALA A 51 1.86 -18.90 28.95
CA ALA A 51 2.27 -18.42 30.28
C ALA A 51 2.43 -19.56 31.27
N VAL A 52 3.49 -19.48 32.09
CA VAL A 52 3.85 -20.55 33.04
C VAL A 52 4.36 -19.97 34.35
N VAL A 53 3.93 -20.54 35.49
CA VAL A 53 4.45 -20.15 36.81
C VAL A 53 4.58 -21.38 37.73
N PRO A 54 5.48 -21.30 38.73
CA PRO A 54 5.45 -22.32 39.78
C PRO A 54 4.10 -22.32 40.49
N TYR A 55 3.48 -23.48 40.68
CA TYR A 55 2.22 -23.55 41.41
C TYR A 55 1.92 -24.98 41.83
N GLU A 56 1.86 -25.20 43.15
CA GLU A 56 1.62 -26.52 43.68
C GLU A 56 0.12 -26.82 43.65
N SER A 57 -0.28 -27.85 42.90
CA SER A 57 -1.67 -28.27 42.85
C SER A 57 -1.74 -29.78 42.81
N GLU A 58 -2.94 -30.31 42.61
CA GLU A 58 -3.13 -31.75 42.51
C GLU A 58 -2.57 -32.33 41.22
N LYS A 59 -2.38 -31.47 40.21
CA LYS A 59 -1.89 -31.97 38.93
C LYS A 59 -0.39 -31.67 38.71
N GLY A 60 0.25 -31.03 39.68
CA GLY A 60 1.68 -30.82 39.58
C GLY A 60 2.28 -29.66 40.36
N LYS A 61 3.44 -29.22 39.89
CA LYS A 61 4.21 -28.18 40.57
C LYS A 61 4.24 -26.88 39.77
N PHE A 62 3.78 -26.95 38.52
CA PHE A 62 3.65 -25.74 37.71
C PHE A 62 2.25 -25.64 37.09
N ALA A 63 1.81 -24.40 36.89
CA ALA A 63 0.53 -24.15 36.23
C ALA A 63 0.72 -23.09 35.17
N GLY A 64 -0.25 -22.94 34.29
CA GLY A 64 -0.15 -21.92 33.28
C GLY A 64 -1.42 -21.59 32.52
N VAL A 65 -1.32 -20.56 31.69
CA VAL A 65 -2.40 -20.14 30.81
C VAL A 65 -1.87 -20.23 29.38
N PHE A 66 -2.53 -21.01 28.55
CA PHE A 66 -2.00 -21.31 27.24
C PHE A 66 -2.84 -20.72 26.14
N ARG A 67 -2.19 -20.12 25.16
CA ARG A 67 -2.88 -19.74 23.95
C ARG A 67 -3.18 -20.94 23.09
N VAL A 68 -4.43 -21.20 22.88
CA VAL A 68 -4.86 -22.27 22.00
C VAL A 68 -5.70 -21.63 20.91
N ASP A 69 -5.31 -21.88 19.66
CA ASP A 69 -6.13 -21.53 18.52
C ASP A 69 -6.79 -22.82 18.06
N ASP A 70 -8.12 -22.80 17.92
CA ASP A 70 -8.86 -23.99 17.52
C ASP A 70 -8.96 -24.13 16.00
N LYS A 71 -9.74 -25.10 15.54
CA LYS A 71 -9.79 -25.39 14.10
C LYS A 71 -10.71 -24.40 13.35
N CYS A 72 -11.25 -23.44 14.09
CA CYS A 72 -11.89 -22.26 13.49
C CYS A 72 -10.85 -21.18 13.30
N ARG A 73 -9.68 -21.38 13.93
CA ARG A 73 -8.65 -20.35 14.09
C ARG A 73 -9.11 -19.22 15.01
N ASN A 74 -10.14 -19.47 15.83
CA ASN A 74 -10.41 -18.61 16.99
C ASN A 74 -9.22 -18.66 17.92
N MET A 75 -8.99 -17.56 18.63
CA MET A 75 -7.90 -17.50 19.59
C MET A 75 -8.46 -17.52 21.03
N GLU A 76 -7.95 -18.42 21.85
CA GLU A 76 -8.52 -18.76 23.16
C GLU A 76 -7.45 -18.98 24.26
N LEU A 77 -7.88 -18.91 25.51
CA LEU A 77 -7.00 -19.22 26.64
C LEU A 77 -7.45 -20.49 27.36
N HIS A 78 -6.54 -21.45 27.51
CA HIS A 78 -6.82 -22.68 28.27
C HIS A 78 -5.89 -22.77 29.46
N ALA A 79 -6.42 -23.25 30.59
CA ALA A 79 -5.61 -23.49 31.79
C ALA A 79 -4.86 -24.82 31.65
N GLY A 80 -3.73 -24.94 32.34
CA GLY A 80 -2.92 -26.15 32.25
C GLY A 80 -1.98 -26.41 33.43
N PHE A 81 -1.51 -27.66 33.52
CA PHE A 81 -0.75 -28.11 34.68
C PHE A 81 0.35 -29.09 34.31
N SER A 82 1.44 -29.08 35.06
CA SER A 82 2.57 -29.98 34.80
C SER A 82 3.24 -30.43 36.09
N LYS A 83 3.73 -31.67 36.12
CA LYS A 83 4.50 -32.11 37.28
C LYS A 83 5.95 -31.65 37.15
N ASP A 84 6.47 -31.64 35.93
CA ASP A 84 7.87 -31.33 35.68
C ASP A 84 8.11 -30.02 34.92
N GLY A 85 7.04 -29.40 34.42
CA GLY A 85 7.16 -28.18 33.66
C GLY A 85 7.47 -28.39 32.18
N ILE A 86 7.48 -29.65 31.77
CA ILE A 86 7.83 -30.00 30.38
C ILE A 86 6.65 -30.68 29.71
N HIS A 87 6.12 -31.69 30.38
CA HIS A 87 4.93 -32.37 29.91
C HIS A 87 3.72 -31.74 30.56
N TRP A 88 2.76 -31.38 29.73
CA TRP A 88 1.66 -30.54 30.19
C TRP A 88 0.30 -31.20 30.04
N ASP A 89 -0.53 -30.97 31.05
CA ASP A 89 -1.93 -31.39 31.03
C ASP A 89 -2.74 -30.13 30.82
N ILE A 90 -3.19 -29.93 29.58
CA ILE A 90 -3.89 -28.71 29.23
C ILE A 90 -5.38 -28.96 29.15
N ASN A 91 -6.16 -28.15 29.87
CA ASN A 91 -7.61 -28.28 29.84
C ASN A 91 -8.13 -28.25 28.43
N PRO A 92 -9.03 -29.18 28.10
CA PRO A 92 -9.60 -29.30 26.75
C PRO A 92 -10.42 -28.07 26.35
N ASP A 93 -11.02 -27.39 27.31
CA ASP A 93 -11.91 -26.26 27.01
C ASP A 93 -11.34 -24.93 27.49
N ARG A 94 -11.81 -23.85 26.87
CA ARG A 94 -11.31 -22.52 27.16
C ARG A 94 -11.65 -22.06 28.57
N ILE A 95 -10.88 -21.09 29.04
CA ILE A 95 -11.23 -20.36 30.24
C ILE A 95 -12.44 -19.50 29.99
N VAL A 96 -13.50 -19.74 30.75
CA VAL A 96 -14.66 -18.87 30.74
C VAL A 96 -14.55 -17.94 31.94
N PHE A 97 -14.30 -16.67 31.70
CA PHE A 97 -14.08 -15.74 32.80
C PHE A 97 -15.37 -15.45 33.59
N GLU A 98 -15.20 -15.26 34.89
CA GLU A 98 -16.20 -14.61 35.74
C GLU A 98 -15.73 -13.18 35.96
N GLN A 99 -16.66 -12.24 36.09
CA GLN A 99 -16.29 -10.85 36.30
C GLN A 99 -15.96 -10.63 37.77
N ALA A 100 -14.89 -9.86 38.02
CA ALA A 100 -14.47 -9.54 39.38
C ALA A 100 -15.57 -8.74 40.08
N GLU A 101 -15.95 -7.63 39.47
CA GLU A 101 -17.10 -6.86 39.91
C GLU A 101 -18.23 -6.96 38.90
N LYS A 102 -19.45 -6.72 39.37
CA LYS A 102 -20.64 -6.78 38.53
C LYS A 102 -20.63 -5.68 37.49
N SER A 103 -19.90 -4.60 37.76
CA SER A 103 -19.90 -3.43 36.89
C SER A 103 -19.22 -3.64 35.53
N THR A 104 -18.74 -4.84 35.26
CA THR A 104 -18.12 -5.14 33.96
C THR A 104 -18.85 -6.27 33.23
N GLU A 105 -20.00 -6.69 33.79
CA GLU A 105 -20.82 -7.73 33.18
C GLU A 105 -21.15 -7.41 31.73
N GLU A 106 -21.43 -6.14 31.45
CA GLU A 106 -21.78 -5.72 30.09
C GLU A 106 -20.59 -5.56 29.17
N VAL A 107 -19.57 -4.81 29.58
CA VAL A 107 -18.41 -4.56 28.72
C VAL A 107 -17.67 -5.82 28.28
N ASN A 108 -17.46 -6.74 29.22
CA ASN A 108 -16.45 -7.77 29.02
C ASN A 108 -16.93 -9.04 28.37
N GLN A 109 -17.77 -8.91 27.35
CA GLN A 109 -18.18 -10.07 26.58
C GLN A 109 -16.98 -10.66 25.85
N TRP A 110 -16.94 -11.97 25.74
CA TRP A 110 -15.78 -12.65 25.19
C TRP A 110 -15.73 -12.59 23.67
N GLY A 111 -14.58 -12.18 23.14
CA GLY A 111 -14.36 -12.16 21.71
C GLY A 111 -13.22 -13.10 21.41
N TYR A 112 -12.01 -12.67 21.75
CA TYR A 112 -10.87 -13.55 21.64
C TYR A 112 -9.82 -13.19 22.67
N GLY A 113 -8.79 -14.00 22.76
CA GLY A 113 -7.70 -13.73 23.66
C GLY A 113 -6.46 -14.51 23.31
N TYR A 114 -5.31 -13.87 23.42
CA TYR A 114 -4.09 -14.54 23.11
C TYR A 114 -2.87 -13.93 23.80
N ASP A 115 -1.79 -14.69 23.77
CA ASP A 115 -0.51 -14.30 24.35
C ASP A 115 -0.63 -13.86 25.80
N PRO A 116 -1.08 -14.77 26.68
CA PRO A 116 -1.17 -14.38 28.09
C PRO A 116 0.21 -14.29 28.74
N ARG A 117 0.35 -13.38 29.69
CA ARG A 117 1.47 -13.41 30.61
C ARG A 117 0.90 -13.51 32.03
N VAL A 118 1.56 -14.30 32.88
CA VAL A 118 1.09 -14.53 34.24
C VAL A 118 2.23 -14.37 35.25
N CYS A 119 1.93 -13.67 36.33
CA CYS A 119 2.81 -13.60 37.49
C CYS A 119 2.02 -13.46 38.78
N PHE A 120 2.56 -14.05 39.84
CA PHE A 120 2.03 -13.90 41.18
C PHE A 120 2.35 -12.52 41.75
N ILE A 121 1.34 -11.82 42.27
CA ILE A 121 1.57 -10.56 42.97
C ILE A 121 0.79 -10.54 44.29
N GLU A 122 1.53 -10.23 45.36
CA GLU A 122 1.14 -10.35 46.79
C GLU A 122 0.30 -11.57 47.20
N ASP A 123 -0.88 -11.78 46.63
CA ASP A 123 -1.80 -12.77 47.18
C ASP A 123 -2.52 -13.64 46.13
N ARG A 124 -2.30 -13.32 44.85
CA ARG A 124 -2.99 -14.01 43.78
C ARG A 124 -2.11 -14.03 42.54
N PHE A 125 -2.55 -14.73 41.51
CA PHE A 125 -1.88 -14.68 40.23
C PHE A 125 -2.61 -13.72 39.29
N TRP A 126 -1.88 -12.77 38.72
CA TRP A 126 -2.46 -11.85 37.76
C TRP A 126 -2.17 -12.31 36.32
N VAL A 127 -3.20 -12.18 35.47
CA VAL A 127 -3.14 -12.58 34.07
C VAL A 127 -3.43 -11.39 33.17
N THR A 128 -2.49 -11.08 32.27
CA THR A 128 -2.75 -10.14 31.19
C THR A 128 -2.68 -10.89 29.86
N TRP A 129 -3.48 -10.45 28.88
CA TRP A 129 -3.43 -11.06 27.55
C TRP A 129 -3.94 -10.04 26.55
N CYS A 130 -3.81 -10.34 25.27
CA CYS A 130 -4.39 -9.49 24.24
C CYS A 130 -5.87 -9.83 24.09
N ASN A 131 -6.73 -8.95 24.60
CA ASN A 131 -8.17 -9.19 24.71
C ASN A 131 -8.97 -8.36 23.72
N ALA A 132 -9.99 -8.95 23.11
CA ALA A 132 -10.80 -8.18 22.17
C ALA A 132 -11.83 -7.35 22.89
N TYR A 133 -11.84 -6.06 22.59
CA TYR A 133 -12.95 -5.22 23.00
C TYR A 133 -13.61 -4.70 21.73
N GLY A 134 -14.81 -5.18 21.46
CA GLY A 134 -15.46 -4.88 20.21
C GLY A 134 -14.60 -5.31 19.04
N TRP A 135 -13.97 -6.48 19.18
CA TRP A 135 -13.09 -7.06 18.16
C TRP A 135 -11.92 -6.12 17.77
N LYS A 136 -11.40 -5.40 18.75
CA LYS A 136 -10.20 -4.61 18.59
C LYS A 136 -9.21 -5.03 19.67
N PRO A 137 -7.92 -5.15 19.32
CA PRO A 137 -6.92 -5.62 20.29
C PRO A 137 -6.61 -4.64 21.42
N THR A 138 -6.80 -5.08 22.66
CA THR A 138 -6.36 -4.33 23.83
C THR A 138 -5.87 -5.29 24.93
N ILE A 139 -5.53 -4.74 26.10
CA ILE A 139 -4.98 -5.58 27.16
C ILE A 139 -6.05 -5.94 28.19
N GLY A 140 -6.35 -7.23 28.26
CA GLY A 140 -7.26 -7.76 29.25
C GLY A 140 -6.54 -8.04 30.56
N VAL A 141 -7.27 -7.90 31.65
CA VAL A 141 -6.74 -8.17 32.99
C VAL A 141 -7.68 -9.11 33.77
N ALA A 142 -7.08 -10.07 34.47
CA ALA A 142 -7.84 -10.98 35.31
C ALA A 142 -6.94 -11.55 36.40
N TYR A 143 -7.55 -12.13 37.43
CA TYR A 143 -6.77 -12.75 38.50
C TYR A 143 -7.35 -14.10 38.86
N THR A 144 -6.51 -14.94 39.46
CA THR A 144 -6.92 -16.27 39.91
C THR A 144 -6.17 -16.66 41.17
N PHE A 145 -6.83 -17.49 41.99
CA PHE A 145 -6.25 -18.00 43.21
C PHE A 145 -5.80 -19.45 43.04
N ASP A 146 -6.42 -20.17 42.12
CA ASP A 146 -6.16 -21.60 41.99
C ASP A 146 -5.95 -22.10 40.55
N PHE A 147 -6.00 -21.18 39.58
CA PHE A 147 -6.00 -21.54 38.16
C PHE A 147 -7.17 -22.47 37.81
N LYS A 148 -8.28 -22.33 38.53
CA LYS A 148 -9.51 -23.04 38.18
C LYS A 148 -10.60 -22.03 37.86
N THR A 149 -10.70 -20.98 38.66
CA THR A 149 -11.64 -19.91 38.40
C THR A 149 -10.88 -18.60 38.16
N PHE A 150 -11.25 -17.89 37.11
CA PHE A 150 -10.54 -16.69 36.70
C PHE A 150 -11.48 -15.50 36.73
N TYR A 151 -11.07 -14.45 37.43
CA TYR A 151 -11.91 -13.27 37.59
C TYR A 151 -11.43 -12.09 36.74
N GLN A 152 -12.22 -11.72 35.74
CA GLN A 152 -11.86 -10.66 34.80
C GLN A 152 -12.07 -9.26 35.39
N CYS A 153 -11.15 -8.36 35.09
CA CYS A 153 -11.26 -6.97 35.49
C CYS A 153 -11.45 -6.06 34.27
N GLU A 154 -11.34 -4.75 34.46
CA GLU A 154 -11.40 -3.81 33.35
C GLU A 154 -10.20 -3.97 32.43
N ASN A 155 -10.42 -3.98 31.12
CA ASN A 155 -9.32 -3.83 30.15
C ASN A 155 -8.51 -2.60 30.57
N ALA A 156 -7.19 -2.74 30.65
CA ALA A 156 -6.35 -1.69 31.17
C ALA A 156 -6.32 -0.44 30.29
N PHE A 157 -6.38 -0.64 28.97
CA PHE A 157 -6.26 0.48 28.05
C PHE A 157 -7.32 0.51 26.97
N LEU A 158 -7.36 1.62 26.25
CA LEU A 158 -8.01 1.68 24.97
C LEU A 158 -7.24 0.83 23.96
N PRO A 159 -7.95 0.32 22.94
CA PRO A 159 -7.26 -0.18 21.75
C PRO A 159 -6.43 0.96 21.13
N PHE A 160 -5.41 0.69 20.33
CA PHE A 160 -4.98 -0.64 19.91
C PHE A 160 -3.66 -0.93 20.63
N ASN A 161 -3.62 -2.05 21.33
CA ASN A 161 -2.53 -2.35 22.24
C ASN A 161 -2.37 -3.85 22.39
N ARG A 162 -1.14 -4.30 22.60
CA ARG A 162 -0.82 -5.72 22.69
C ARG A 162 0.44 -5.85 23.54
N ASN A 163 0.77 -7.05 24.01
CA ASN A 163 1.99 -7.31 24.78
C ASN A 163 1.98 -6.56 26.12
N GLY A 164 0.83 -6.60 26.79
CA GLY A 164 0.71 -6.13 28.16
C GLY A 164 1.31 -7.13 29.13
N VAL A 165 2.28 -6.67 29.91
CA VAL A 165 3.03 -7.54 30.82
C VAL A 165 3.26 -6.83 32.17
N LEU A 166 2.77 -7.41 33.25
CA LEU A 166 2.95 -6.83 34.59
C LEU A 166 4.36 -7.04 35.16
N PHE A 167 4.90 -6.04 35.85
CA PHE A 167 6.02 -6.28 36.75
C PHE A 167 5.45 -7.04 37.96
N PRO A 168 6.25 -7.93 38.57
CA PRO A 168 5.66 -8.87 39.55
C PRO A 168 5.50 -8.32 40.98
N ARG A 169 5.68 -7.01 41.17
CA ARG A 169 5.37 -6.37 42.45
C ARG A 169 5.10 -4.91 42.20
N LYS A 170 4.48 -4.22 43.15
CA LYS A 170 4.34 -2.77 43.02
C LYS A 170 5.72 -2.12 43.08
N ILE A 171 5.83 -0.96 42.46
CA ILE A 171 7.04 -0.16 42.43
C ILE A 171 6.67 1.28 42.72
N ASN A 172 7.25 1.86 43.77
CA ASN A 172 6.77 3.13 44.31
C ASN A 172 5.26 3.10 44.58
N GLY A 173 4.79 1.99 45.14
CA GLY A 173 3.40 1.84 45.50
C GLY A 173 2.41 1.84 44.34
N LYS A 174 2.87 1.42 43.15
CA LYS A 174 1.96 1.33 41.98
C LYS A 174 2.23 0.08 41.16
N TYR A 175 1.17 -0.50 40.60
CA TYR A 175 1.32 -1.57 39.62
C TYR A 175 1.98 -0.99 38.38
N VAL A 176 2.87 -1.76 37.78
CA VAL A 176 3.57 -1.30 36.58
C VAL A 176 3.38 -2.32 35.49
N MET A 177 2.94 -1.86 34.32
CA MET A 177 2.71 -2.76 33.20
C MET A 177 3.31 -2.29 31.87
N PHE A 178 4.15 -3.15 31.29
CA PHE A 178 4.54 -3.02 29.88
C PHE A 178 3.29 -3.02 29.01
N SER A 179 3.27 -2.19 27.97
CA SER A 179 2.35 -2.43 26.86
C SER A 179 3.01 -1.96 25.56
N ARG A 180 2.27 -2.02 24.46
CA ARG A 180 2.87 -1.79 23.15
C ARG A 180 1.82 -1.31 22.17
N PRO A 181 1.64 0.00 22.08
CA PRO A 181 0.65 0.60 21.18
C PRO A 181 0.81 0.04 19.78
N SER A 182 -0.30 -0.43 19.25
CA SER A 182 -0.34 -1.16 17.98
C SER A 182 -1.33 -0.48 17.08
N ASP A 183 -1.77 -1.19 16.04
CA ASP A 183 -2.86 -0.71 15.18
C ASP A 183 -3.87 -1.82 15.01
N SER A 184 -4.70 -1.71 13.96
CA SER A 184 -5.77 -2.68 13.71
C SER A 184 -5.32 -3.96 12.97
N GLY A 185 -4.12 -3.95 12.39
CA GLY A 185 -3.66 -5.10 11.62
C GLY A 185 -2.34 -5.67 12.11
N HIS A 186 -1.54 -6.18 11.20
CA HIS A 186 -0.20 -6.66 11.50
C HIS A 186 0.71 -5.46 11.59
N THR A 187 0.69 -4.86 12.75
CA THR A 187 1.36 -3.59 13.05
C THR A 187 2.79 -3.53 12.55
N PRO A 188 3.09 -2.56 11.68
CA PRO A 188 4.42 -2.37 11.10
C PRO A 188 5.24 -1.35 11.87
N PHE A 189 5.04 -1.30 13.19
CA PHE A 189 5.76 -0.39 14.09
C PHE A 189 5.54 -0.88 15.52
N GLY A 190 6.22 -0.27 16.48
CA GLY A 190 6.03 -0.65 17.86
C GLY A 190 7.16 -0.37 18.82
N ASP A 191 6.87 0.48 19.81
CA ASP A 191 7.76 0.81 20.92
C ASP A 191 7.24 0.21 22.23
N MET A 192 8.14 -0.11 23.15
CA MET A 192 7.67 -0.59 24.44
C MET A 192 7.39 0.62 25.34
N PHE A 193 6.27 0.54 26.08
CA PHE A 193 5.90 1.55 27.07
C PHE A 193 5.64 0.89 28.43
N ILE A 194 5.68 1.68 29.50
CA ILE A 194 5.01 1.27 30.74
C ILE A 194 3.91 2.26 31.12
N SER A 195 2.92 1.76 31.82
CA SER A 195 1.89 2.57 32.44
C SER A 195 1.83 2.17 33.92
N GLN A 196 1.22 3.02 34.75
CA GLN A 196 1.19 2.82 36.19
C GLN A 196 -0.22 2.99 36.77
N SER A 197 -0.53 2.21 37.80
CA SER A 197 -1.87 2.18 38.39
C SER A 197 -1.85 1.92 39.91
N PRO A 198 -2.56 2.74 40.69
CA PRO A 198 -2.66 2.44 42.11
C PRO A 198 -3.57 1.24 42.40
N ASP A 199 -4.46 0.88 41.47
CA ASP A 199 -5.51 -0.06 41.83
C ASP A 199 -5.82 -1.17 40.79
N MET A 200 -4.97 -1.28 39.77
CA MET A 200 -5.23 -2.18 38.64
C MET A 200 -6.54 -1.90 37.92
N LYS A 201 -7.03 -0.67 37.98
CA LYS A 201 -8.20 -0.32 37.18
C LYS A 201 -7.95 0.94 36.37
N TYR A 202 -7.39 1.94 37.03
CA TYR A 202 -7.11 3.19 36.37
C TYR A 202 -5.62 3.33 36.11
N TRP A 203 -5.25 3.74 34.90
CA TRP A 203 -3.86 3.73 34.46
C TRP A 203 -3.44 5.10 33.98
N GLY A 204 -2.17 5.45 34.23
CA GLY A 204 -1.66 6.73 33.78
C GLY A 204 -0.17 6.82 33.99
N GLU A 205 0.37 8.03 33.96
CA GLU A 205 1.80 8.25 34.05
C GLU A 205 2.55 7.32 33.07
N HIS A 206 2.19 7.42 31.80
CA HIS A 206 2.75 6.56 30.78
C HIS A 206 4.19 6.97 30.47
N ARG A 207 5.08 5.99 30.35
CA ARG A 207 6.47 6.29 30.06
C ARG A 207 7.01 5.42 28.92
N HIS A 208 7.72 6.08 28.01
CA HIS A 208 8.35 5.38 26.89
C HIS A 208 9.57 4.62 27.39
N VAL A 209 9.59 3.31 27.17
CA VAL A 209 10.75 2.50 27.52
C VAL A 209 11.79 2.61 26.39
N MET A 210 11.53 1.93 25.29
CA MET A 210 12.48 1.94 24.18
C MET A 210 11.78 1.58 22.87
N GLY A 211 12.46 1.80 21.75
CA GLY A 211 11.91 1.52 20.43
C GLY A 211 12.86 0.64 19.64
N PRO A 212 12.51 0.35 18.36
CA PRO A 212 13.38 -0.41 17.49
C PRO A 212 14.74 0.25 17.37
N LEU A 213 15.78 -0.56 17.38
CA LEU A 213 17.14 -0.02 17.36
C LEU A 213 18.04 -0.82 16.40
N ARG A 214 18.41 -2.04 16.77
CA ARG A 214 19.30 -2.83 15.91
C ARG A 214 18.54 -3.47 14.75
N ALA A 215 19.29 -3.92 13.75
CA ALA A 215 18.71 -4.52 12.55
C ALA A 215 17.71 -5.64 12.85
N TRP A 216 18.05 -6.55 13.77
CA TRP A 216 17.18 -7.71 14.03
C TRP A 216 15.86 -7.30 14.67
N GLU A 217 15.82 -6.06 15.12
CA GLU A 217 14.71 -5.51 15.88
C GLU A 217 14.35 -4.15 15.30
N SER A 218 14.51 -4.03 13.99
CA SER A 218 14.38 -2.73 13.33
C SER A 218 12.92 -2.34 13.05
N LYS A 219 12.04 -3.31 12.96
CA LYS A 219 10.66 -3.01 12.56
C LYS A 219 9.77 -2.70 13.77
N LYS A 220 9.86 -3.53 14.79
CA LYS A 220 9.11 -3.29 16.01
C LYS A 220 9.66 -4.15 17.13
N ILE A 221 9.34 -3.77 18.37
CA ILE A 221 9.67 -4.54 19.55
C ILE A 221 8.42 -4.64 20.44
N GLY A 222 8.40 -5.62 21.33
CA GLY A 222 7.37 -5.74 22.37
C GLY A 222 7.90 -6.59 23.52
N ALA A 223 7.36 -6.39 24.73
CA ALA A 223 7.84 -7.10 25.91
C ALA A 223 7.57 -8.59 25.81
N GLY A 224 8.40 -9.38 26.48
CA GLY A 224 8.27 -10.82 26.44
C GLY A 224 7.64 -11.34 27.71
N PRO A 225 8.40 -12.09 28.51
CA PRO A 225 7.94 -12.70 29.77
C PRO A 225 7.92 -11.70 30.93
N ILE A 226 7.50 -12.14 32.10
CA ILE A 226 7.51 -11.30 33.30
C ILE A 226 8.93 -10.82 33.58
N PRO A 227 9.10 -9.54 33.89
CA PRO A 227 10.43 -9.07 34.32
C PRO A 227 10.98 -9.84 35.52
N ILE A 228 12.30 -10.00 35.55
CA ILE A 228 12.97 -10.67 36.66
C ILE A 228 13.76 -9.62 37.44
N GLU A 229 13.58 -9.60 38.76
CA GLU A 229 14.26 -8.60 39.58
C GLU A 229 15.62 -9.11 39.98
N THR A 230 16.66 -8.35 39.66
CA THR A 230 18.03 -8.72 40.02
C THR A 230 18.76 -7.54 40.65
N SER A 231 19.99 -7.77 41.09
CA SER A 231 20.83 -6.71 41.65
C SER A 231 21.32 -5.68 40.63
N GLU A 232 21.04 -5.94 39.35
CA GLU A 232 21.39 -5.00 38.29
C GLU A 232 20.20 -4.13 37.92
N GLY A 233 19.02 -4.57 38.32
CA GLY A 233 17.79 -3.94 37.87
C GLY A 233 16.86 -5.01 37.35
N TRP A 234 15.94 -4.63 36.46
CA TRP A 234 14.99 -5.60 35.94
C TRP A 234 15.50 -6.29 34.66
N LEU A 235 15.74 -7.59 34.74
CA LEU A 235 16.10 -8.37 33.57
C LEU A 235 14.83 -8.65 32.77
N CYS A 236 14.76 -8.08 31.57
CA CYS A 236 13.57 -8.20 30.76
C CYS A 236 13.86 -8.74 29.37
N PHE A 237 13.51 -10.00 29.13
CA PHE A 237 13.55 -10.54 27.79
C PHE A 237 12.46 -9.86 26.98
N TYR A 238 12.72 -9.65 25.69
CA TYR A 238 11.76 -8.97 24.84
C TYR A 238 11.92 -9.45 23.40
N HIS A 239 10.86 -9.34 22.60
CA HIS A 239 10.95 -9.71 21.19
C HIS A 239 11.18 -8.48 20.31
N GLY A 240 11.79 -8.72 19.15
CA GLY A 240 12.04 -7.69 18.15
C GLY A 240 11.95 -8.31 16.76
N VAL A 241 11.60 -7.49 15.78
CA VAL A 241 11.21 -7.98 14.47
C VAL A 241 12.06 -7.36 13.37
N LEU A 242 12.49 -8.19 12.42
CA LEU A 242 13.09 -7.72 11.18
C LEU A 242 12.12 -8.00 10.03
N GLU A 243 12.01 -7.05 9.12
CA GLU A 243 11.16 -7.23 7.95
C GLU A 243 12.00 -7.55 6.74
N SER A 244 11.78 -8.73 6.19
CA SER A 244 12.42 -9.18 4.94
C SER A 244 11.47 -8.93 3.78
N CYS A 245 11.84 -9.34 2.57
CA CYS A 245 10.92 -9.19 1.44
C CYS A 245 9.71 -10.14 1.57
N ASN A 246 9.83 -11.19 2.37
CA ASN A 246 8.75 -12.16 2.48
C ASN A 246 7.94 -12.14 3.79
N GLY A 247 8.24 -11.17 4.66
CA GLY A 247 7.50 -11.03 5.90
C GLY A 247 8.37 -10.67 7.11
N PHE A 248 7.86 -11.01 8.29
CA PHE A 248 8.54 -10.70 9.55
C PHE A 248 9.39 -11.87 10.07
N VAL A 249 10.48 -11.54 10.74
CA VAL A 249 11.26 -12.51 11.48
C VAL A 249 11.30 -12.10 12.95
N TYR A 250 10.77 -12.94 13.84
CA TYR A 250 10.70 -12.64 15.27
C TYR A 250 11.83 -13.33 16.03
N SER A 251 12.72 -12.55 16.61
CA SER A 251 13.79 -13.04 17.46
C SER A 251 13.60 -12.47 18.89
N PHE A 252 14.39 -12.90 19.86
CA PHE A 252 14.33 -12.21 21.15
C PHE A 252 15.69 -12.06 21.80
N SER A 253 15.76 -11.10 22.72
CA SER A 253 16.99 -10.76 23.42
C SER A 253 16.62 -10.30 24.83
N ALA A 254 17.50 -9.54 25.47
CA ALA A 254 17.26 -9.07 26.83
C ALA A 254 17.82 -7.67 27.04
N CYS A 255 17.20 -6.94 27.95
CA CYS A 255 17.67 -5.62 28.37
C CYS A 255 17.60 -5.58 29.89
N ILE A 256 18.27 -4.58 30.47
CA ILE A 256 18.29 -4.36 31.91
C ILE A 256 17.78 -2.97 32.20
N LEU A 257 16.69 -2.90 32.95
CA LEU A 257 16.01 -1.63 33.22
C LEU A 257 16.20 -1.18 34.70
N ASP A 258 16.24 0.14 34.89
CA ASP A 258 16.41 0.73 36.22
C ASP A 258 15.40 0.22 37.26
N LYS A 259 15.89 -0.05 38.46
CA LYS A 259 15.06 -0.66 39.50
C LYS A 259 13.83 0.16 39.85
N ASP A 260 14.00 1.47 39.98
CA ASP A 260 12.98 2.37 40.51
C ASP A 260 12.09 2.97 39.42
N GLU A 261 12.69 3.28 38.27
CA GLU A 261 12.00 3.81 37.11
C GLU A 261 12.31 2.95 35.88
N PRO A 262 11.59 1.83 35.71
CA PRO A 262 11.93 0.77 34.75
C PRO A 262 11.82 1.18 33.28
N TRP A 263 11.39 2.41 33.02
CA TRP A 263 11.36 2.92 31.66
C TRP A 263 12.74 3.42 31.22
N LYS A 264 13.62 3.59 32.18
CA LYS A 264 14.98 3.98 31.89
C LYS A 264 15.84 2.74 31.66
N VAL A 265 16.35 2.59 30.44
CA VAL A 265 17.20 1.46 30.10
C VAL A 265 18.63 1.63 30.62
N LYS A 266 19.13 0.61 31.33
CA LYS A 266 20.52 0.61 31.76
C LYS A 266 21.42 -0.11 30.74
N TYR A 267 21.01 -1.31 30.33
CA TYR A 267 21.70 -2.05 29.28
C TYR A 267 20.70 -2.65 28.32
N ARG A 268 21.16 -2.93 27.10
CA ARG A 268 20.34 -3.45 26.03
C ARG A 268 21.20 -4.27 25.07
N CYS A 269 20.98 -5.58 25.03
CA CYS A 269 21.81 -6.41 24.17
C CYS A 269 21.64 -6.08 22.68
N ALA A 270 22.77 -5.79 22.03
CA ALA A 270 22.76 -5.43 20.61
C ALA A 270 22.34 -6.63 19.74
N GLU A 271 22.70 -7.82 20.18
CA GLU A 271 22.39 -9.04 19.44
C GLU A 271 21.11 -9.64 19.94
N TYR A 272 20.45 -10.42 19.10
CA TYR A 272 19.41 -11.29 19.61
C TYR A 272 20.10 -12.38 20.42
N LEU A 273 19.35 -13.03 21.31
CA LEU A 273 19.87 -14.20 22.02
C LEU A 273 19.33 -15.50 21.43
N LEU A 274 18.19 -15.42 20.74
CA LEU A 274 17.62 -16.58 20.05
C LEU A 274 16.76 -16.08 18.91
N SER A 275 16.83 -16.78 17.78
CA SER A 275 16.14 -16.42 16.56
C SER A 275 15.69 -17.71 15.85
N PRO A 276 14.74 -17.62 14.92
CA PRO A 276 14.22 -18.83 14.28
C PRO A 276 15.28 -19.51 13.41
N GLN A 277 15.64 -20.74 13.77
CA GLN A 277 16.70 -21.43 13.08
C GLN A 277 16.39 -22.90 12.91
N LYS A 278 15.58 -23.45 13.80
CA LYS A 278 15.22 -24.87 13.74
C LYS A 278 13.95 -25.05 12.90
N ILE A 279 13.71 -26.28 12.44
CA ILE A 279 12.62 -26.53 11.51
C ILE A 279 11.28 -26.12 12.14
N TYR A 280 11.13 -26.32 13.44
CA TYR A 280 9.88 -26.02 14.12
C TYR A 280 9.73 -24.54 14.46
N GLU A 281 10.80 -23.78 14.26
CA GLU A 281 10.77 -22.33 14.45
C GLU A 281 10.57 -21.60 13.11
N CYS A 282 10.93 -22.28 12.02
CA CYS A 282 10.91 -21.68 10.70
C CYS A 282 9.73 -22.15 9.83
N VAL A 283 9.14 -23.30 10.16
CA VAL A 283 8.01 -23.88 9.42
C VAL A 283 6.79 -24.07 10.32
N GLY A 284 5.63 -23.64 9.83
CA GLY A 284 4.41 -23.65 10.62
C GLY A 284 3.45 -22.57 10.18
N ASP A 285 2.45 -22.28 11.01
CA ASP A 285 1.38 -21.33 10.65
C ASP A 285 1.88 -19.92 10.33
N VAL A 286 2.94 -19.50 11.01
CA VAL A 286 3.60 -18.22 10.71
C VAL A 286 5.11 -18.46 10.76
N GLN A 287 5.74 -18.50 9.60
CA GLN A 287 7.15 -18.88 9.52
C GLN A 287 8.06 -17.90 10.28
N ASN A 288 9.17 -18.43 10.80
CA ASN A 288 10.21 -17.61 11.41
C ASN A 288 9.75 -16.80 12.62
N VAL A 289 9.22 -17.50 13.63
CA VAL A 289 8.84 -16.85 14.88
C VAL A 289 9.38 -17.63 16.07
N THR A 290 10.11 -16.93 16.93
CA THR A 290 10.46 -17.46 18.24
C THR A 290 10.05 -16.39 19.25
N PHE A 291 9.05 -16.70 20.08
CA PHE A 291 8.28 -15.69 20.81
C PHE A 291 8.10 -16.03 22.29
N PRO A 292 8.91 -15.43 23.16
CA PRO A 292 8.86 -15.79 24.60
C PRO A 292 7.75 -15.12 25.38
N CYS A 293 6.99 -15.89 26.16
CA CYS A 293 5.98 -15.30 27.04
C CYS A 293 6.16 -15.71 28.50
N ALA A 294 7.05 -16.65 28.77
CA ALA A 294 7.29 -17.01 30.16
C ALA A 294 8.68 -17.58 30.40
N THR A 295 9.20 -17.31 31.61
CA THR A 295 10.38 -18.00 32.09
C THR A 295 10.15 -18.48 33.53
N LEU A 296 10.81 -19.56 33.88
CA LEU A 296 10.96 -19.99 35.27
C LEU A 296 12.37 -19.61 35.73
N VAL A 297 12.50 -19.02 36.92
CA VAL A 297 13.81 -18.65 37.45
C VAL A 297 14.07 -19.28 38.82
N ASP A 298 15.10 -20.12 38.91
CA ASP A 298 15.49 -20.70 40.20
C ASP A 298 16.50 -19.78 40.91
N ALA A 299 16.01 -19.02 41.88
CA ALA A 299 16.84 -18.04 42.58
C ALA A 299 18.05 -18.66 43.29
N ASP A 300 17.96 -19.94 43.63
CA ASP A 300 19.06 -20.59 44.33
C ASP A 300 20.29 -20.78 43.47
N THR A 301 20.08 -20.97 42.16
CA THR A 301 21.17 -21.27 41.25
C THR A 301 21.30 -20.24 40.14
N GLY A 302 20.20 -19.56 39.83
CA GLY A 302 20.17 -18.64 38.70
C GLY A 302 19.94 -19.34 37.37
N ARG A 303 19.38 -20.54 37.43
CA ARG A 303 18.95 -21.25 36.23
C ARG A 303 17.65 -20.65 35.69
N ILE A 304 17.55 -20.54 34.37
CA ILE A 304 16.36 -19.99 33.73
C ILE A 304 15.84 -20.96 32.67
N ALA A 305 14.58 -21.32 32.80
CA ALA A 305 13.88 -22.09 31.77
C ALA A 305 12.96 -21.13 31.00
N ILE A 306 13.13 -21.07 29.68
CA ILE A 306 12.33 -20.16 28.86
C ILE A 306 11.29 -20.92 28.04
N TYR A 307 10.03 -20.48 28.12
CA TYR A 307 8.98 -20.98 27.24
C TYR A 307 8.81 -20.02 26.07
N TYR A 308 8.77 -20.53 24.86
CA TYR A 308 8.53 -19.63 23.73
C TYR A 308 7.74 -20.30 22.61
N GLY A 309 6.88 -19.51 21.99
CA GLY A 309 6.12 -19.96 20.84
C GLY A 309 7.01 -20.10 19.61
N CYS A 310 6.80 -21.19 18.87
CA CYS A 310 7.55 -21.44 17.64
C CYS A 310 6.65 -21.46 16.41
N ALA A 311 6.92 -20.53 15.50
CA ALA A 311 6.20 -20.42 14.23
C ALA A 311 4.68 -20.36 14.44
N ASP A 312 4.28 -19.77 15.57
CA ASP A 312 2.88 -19.71 15.98
C ASP A 312 2.22 -21.06 15.84
N THR A 313 2.95 -22.11 16.18
CA THR A 313 2.48 -23.46 15.97
C THR A 313 2.58 -24.29 17.25
N CYS A 314 3.71 -24.20 17.94
CA CYS A 314 3.96 -25.05 19.11
C CYS A 314 4.70 -24.29 20.22
N VAL A 315 4.90 -24.95 21.36
CA VAL A 315 5.64 -24.36 22.46
C VAL A 315 6.95 -25.07 22.63
N SER A 316 8.02 -24.30 22.75
CA SER A 316 9.33 -24.91 22.96
C SER A 316 9.97 -24.36 24.21
N MET A 317 11.09 -24.97 24.59
CA MET A 317 11.80 -24.57 25.79
C MET A 317 13.25 -24.30 25.47
N ALA A 318 13.86 -23.37 26.20
CA ALA A 318 15.28 -23.12 26.07
C ALA A 318 15.87 -22.76 27.44
N PHE A 319 17.18 -22.89 27.56
CA PHE A 319 17.84 -22.72 28.85
C PHE A 319 18.96 -21.69 28.80
N THR A 320 19.22 -21.08 29.97
CA THR A 320 20.31 -20.14 30.16
C THR A 320 20.38 -19.82 31.66
N THR A 321 21.30 -18.95 32.05
CA THR A 321 21.39 -18.51 33.44
C THR A 321 21.36 -17.00 33.53
N VAL A 322 20.97 -16.50 34.70
CA VAL A 322 20.94 -15.06 34.93
C VAL A 322 22.32 -14.44 34.74
N ASP A 323 23.34 -15.09 35.30
CA ASP A 323 24.71 -14.62 35.16
C ASP A 323 25.17 -14.58 33.70
N ASP A 324 24.86 -15.63 32.95
CA ASP A 324 25.23 -15.68 31.53
C ASP A 324 24.55 -14.56 30.74
N VAL A 325 23.26 -14.34 30.98
CA VAL A 325 22.53 -13.35 30.22
C VAL A 325 22.94 -11.94 30.61
N VAL A 326 23.08 -11.70 31.92
CA VAL A 326 23.44 -10.36 32.38
C VAL A 326 24.83 -9.96 31.88
N ASP A 327 25.80 -10.86 32.03
CA ASP A 327 27.15 -10.61 31.54
C ASP A 327 27.17 -10.25 30.05
N TYR A 328 26.42 -11.02 29.25
CA TYR A 328 26.39 -10.81 27.81
C TYR A 328 25.65 -9.52 27.45
N VAL A 329 24.51 -9.26 28.10
CA VAL A 329 23.80 -8.01 27.89
C VAL A 329 24.70 -6.78 28.13
N LYS A 330 25.42 -6.77 29.24
CA LYS A 330 26.30 -5.65 29.57
C LYS A 330 27.47 -5.48 28.60
N SER A 331 28.07 -6.58 28.18
CA SER A 331 29.28 -6.51 27.37
C SER A 331 28.95 -6.41 25.88
N HIS A 332 27.68 -6.55 25.56
CA HIS A 332 27.25 -6.40 24.17
C HIS A 332 26.15 -5.36 24.11
N SER A 333 26.25 -4.33 24.95
CA SER A 333 25.14 -3.39 25.09
C SER A 333 25.05 -2.38 23.96
N SER A 334 23.80 -2.04 23.59
CA SER A 334 23.53 -1.04 22.56
C SER A 334 23.69 0.37 23.14
N VAL A 335 22.56 0.98 23.51
CA VAL A 335 22.57 2.34 24.05
C VAL A 335 21.64 2.47 25.27
N MET B 1 35.45 -29.05 -27.01
CA MET B 1 34.26 -28.32 -26.60
C MET B 1 33.80 -27.42 -27.73
N LYS B 2 32.50 -27.25 -27.86
CA LYS B 2 31.94 -26.56 -29.01
C LYS B 2 32.09 -25.06 -28.83
N THR B 3 31.96 -24.60 -27.60
CA THR B 3 32.12 -23.19 -27.30
C THR B 3 33.44 -22.98 -26.58
N GLN B 4 34.18 -21.96 -26.97
CA GLN B 4 35.49 -21.68 -26.36
C GLN B 4 35.40 -20.68 -25.20
N ILE B 5 36.30 -20.87 -24.23
CA ILE B 5 36.48 -19.93 -23.13
C ILE B 5 37.59 -18.94 -23.45
N ILE B 6 37.26 -17.66 -23.40
CA ILE B 6 38.18 -16.61 -23.77
C ILE B 6 38.71 -15.87 -22.55
N ASN B 7 40.02 -15.63 -22.53
CA ASN B 7 40.68 -14.97 -21.41
C ASN B 7 40.38 -15.70 -20.10
N GLY B 8 40.28 -17.03 -20.19
CA GLY B 8 39.97 -17.86 -19.04
C GLY B 8 41.21 -18.27 -18.26
N VAL B 9 41.00 -19.23 -17.37
CA VAL B 9 42.06 -19.71 -16.51
C VAL B 9 42.01 -21.22 -16.52
N SER B 10 43.17 -21.86 -16.52
CA SER B 10 43.23 -23.31 -16.40
C SER B 10 42.96 -23.65 -14.94
N LEU B 11 41.95 -24.47 -14.71
CA LEU B 11 41.53 -24.82 -13.35
C LEU B 11 41.30 -26.32 -13.16
N PRO B 12 42.36 -27.13 -13.33
CA PRO B 12 42.16 -28.58 -13.23
C PRO B 12 41.65 -29.00 -11.85
N ASN B 13 41.95 -28.18 -10.85
CA ASN B 13 41.53 -28.46 -9.47
C ASN B 13 40.17 -27.82 -9.08
N ILE B 14 39.36 -27.49 -10.08
CA ILE B 14 38.05 -26.87 -9.86
C ILE B 14 37.16 -27.84 -9.07
N PRO B 15 36.42 -27.31 -8.07
CA PRO B 15 35.52 -28.23 -7.37
C PRO B 15 34.54 -28.79 -8.37
N TRP B 16 34.30 -30.09 -8.30
CA TRP B 16 33.53 -30.73 -9.34
C TRP B 16 32.87 -32.01 -8.88
N GLN B 17 31.68 -32.23 -9.40
CA GLN B 17 30.95 -33.47 -9.19
C GLN B 17 30.18 -33.77 -10.46
N ASP B 18 30.26 -35.01 -10.92
CA ASP B 18 29.66 -35.40 -12.19
C ASP B 18 28.13 -35.42 -12.12
N LYS B 19 27.52 -35.12 -13.25
CA LYS B 19 26.07 -35.11 -13.34
C LYS B 19 25.51 -36.49 -12.99
N PRO B 20 24.58 -36.54 -12.01
CA PRO B 20 23.89 -37.81 -11.73
C PRO B 20 23.12 -38.29 -12.97
N ALA B 21 23.08 -39.60 -13.19
CA ALA B 21 22.47 -40.12 -14.42
C ALA B 21 20.97 -39.89 -14.45
N ASP B 22 20.34 -39.81 -13.27
CA ASP B 22 18.92 -39.51 -13.18
C ASP B 22 18.64 -38.03 -13.35
N CYS B 23 19.68 -37.20 -13.35
CA CYS B 23 19.49 -35.75 -13.50
C CYS B 23 19.18 -35.35 -14.93
N LYS B 24 18.01 -34.74 -15.11
CA LYS B 24 17.55 -34.30 -16.42
C LYS B 24 17.74 -32.79 -16.65
N ASP B 25 18.27 -32.09 -15.65
CA ASP B 25 18.43 -30.65 -15.69
C ASP B 25 19.77 -30.19 -16.27
N VAL B 26 19.83 -28.94 -16.72
CA VAL B 26 21.06 -28.33 -17.22
C VAL B 26 22.11 -28.23 -16.11
N ILE B 27 21.67 -27.77 -14.94
CA ILE B 27 22.54 -27.56 -13.79
C ILE B 27 22.19 -28.56 -12.68
N TRP B 28 23.19 -29.09 -11.99
CA TRP B 28 22.91 -30.02 -10.90
C TRP B 28 23.62 -29.60 -9.62
N ARG B 29 22.98 -29.87 -8.48
CA ARG B 29 23.51 -29.45 -7.20
C ARG B 29 24.55 -30.40 -6.62
N TYR B 30 25.56 -29.81 -5.99
CA TYR B 30 26.49 -30.52 -5.12
C TYR B 30 25.69 -31.35 -4.10
N ASP B 31 26.09 -32.60 -3.88
CA ASP B 31 25.24 -33.48 -3.12
C ASP B 31 25.42 -33.34 -1.62
N ALA B 32 26.27 -32.41 -1.19
CA ALA B 32 26.46 -32.15 0.24
C ALA B 32 26.26 -30.67 0.60
N ASN B 33 25.30 -30.03 -0.04
CA ASN B 33 24.96 -28.66 0.31
C ASN B 33 24.34 -28.59 1.71
N PRO B 34 24.53 -27.45 2.40
CA PRO B 34 25.35 -26.32 1.94
C PRO B 34 26.85 -26.56 2.16
N ILE B 35 27.69 -25.87 1.41
CA ILE B 35 29.14 -25.94 1.63
C ILE B 35 29.58 -24.98 2.74
N ILE B 36 28.76 -23.97 3.04
CA ILE B 36 29.02 -23.10 4.18
C ILE B 36 27.72 -22.89 4.95
N PRO B 37 27.67 -23.41 6.20
CA PRO B 37 26.47 -23.28 7.03
C PRO B 37 26.32 -21.88 7.64
N ARG B 38 25.12 -21.55 8.07
CA ARG B 38 24.83 -20.24 8.67
C ARG B 38 25.73 -19.93 9.87
N ASP B 39 26.18 -20.96 10.58
CA ASP B 39 26.87 -20.76 11.86
C ASP B 39 28.33 -21.15 11.83
N GLN B 40 29.00 -21.01 10.70
CA GLN B 40 30.39 -21.41 10.62
C GLN B 40 31.28 -20.53 11.46
N LEU B 41 30.91 -19.26 11.58
CA LEU B 41 31.60 -18.33 12.46
C LEU B 41 30.88 -18.24 13.80
N PRO B 42 31.63 -17.96 14.87
CA PRO B 42 31.02 -17.80 16.20
C PRO B 42 30.00 -16.66 16.20
N THR B 43 30.24 -15.65 15.38
CA THR B 43 29.37 -14.49 15.37
C THR B 43 28.30 -14.54 14.27
N SER B 44 28.33 -15.53 13.38
CA SER B 44 27.48 -15.42 12.19
C SER B 44 26.03 -15.86 12.42
N ASN B 45 25.09 -14.99 12.03
CA ASN B 45 23.68 -15.37 11.89
C ASN B 45 23.46 -16.17 10.60
N SER B 46 24.16 -15.74 9.55
CA SER B 46 24.00 -16.34 8.23
C SER B 46 25.16 -15.91 7.32
N ILE B 47 25.49 -16.77 6.35
CA ILE B 47 26.57 -16.49 5.40
C ILE B 47 26.10 -16.91 4.02
N PHE B 48 25.98 -15.96 3.11
CA PHE B 48 25.39 -16.30 1.82
C PHE B 48 25.86 -15.33 0.76
N ASN B 49 25.30 -15.46 -0.44
CA ASN B 49 25.56 -14.51 -1.53
C ASN B 49 27.01 -14.02 -1.60
N SER B 50 27.96 -14.92 -1.82
CA SER B 50 29.37 -14.56 -1.68
C SER B 50 30.22 -14.70 -2.95
N ALA B 51 31.37 -14.04 -2.96
CA ALA B 51 32.21 -13.94 -4.15
C ALA B 51 33.44 -14.82 -3.99
N VAL B 52 33.82 -15.49 -5.09
CA VAL B 52 34.91 -16.46 -5.07
C VAL B 52 35.75 -16.39 -6.36
N VAL B 53 37.08 -16.37 -6.21
CA VAL B 53 38.00 -16.48 -7.36
C VAL B 53 39.16 -17.43 -7.08
N PRO B 54 39.85 -17.87 -8.16
CA PRO B 54 41.13 -18.55 -7.97
C PRO B 54 42.15 -17.61 -7.36
N TYR B 55 42.96 -18.10 -6.44
CA TYR B 55 44.01 -17.29 -5.85
C TYR B 55 44.96 -18.17 -5.05
N GLU B 56 46.23 -18.14 -5.43
CA GLU B 56 47.25 -18.93 -4.77
C GLU B 56 47.74 -18.19 -3.52
N SER B 57 47.57 -18.81 -2.36
CA SER B 57 48.07 -18.22 -1.11
C SER B 57 48.53 -19.31 -0.15
N GLU B 58 48.84 -18.89 1.08
CA GLU B 58 49.29 -19.82 2.10
C GLU B 58 48.14 -20.63 2.67
N LYS B 59 46.93 -20.14 2.46
CA LYS B 59 45.75 -20.80 3.01
C LYS B 59 44.92 -21.49 1.95
N GLY B 60 45.43 -21.56 0.72
CA GLY B 60 44.75 -22.34 -0.29
C GLY B 60 44.97 -21.96 -1.74
N LYS B 61 44.05 -22.42 -2.58
CA LYS B 61 44.08 -22.17 -4.01
C LYS B 61 42.93 -21.27 -4.45
N PHE B 62 42.01 -20.99 -3.53
CA PHE B 62 40.90 -20.09 -3.80
C PHE B 62 40.75 -19.09 -2.66
N ALA B 63 40.30 -17.89 -3.00
CA ALA B 63 39.96 -16.88 -2.01
C ALA B 63 38.59 -16.29 -2.32
N GLY B 64 38.05 -15.52 -1.40
CA GLY B 64 36.78 -14.89 -1.65
C GLY B 64 36.39 -13.81 -0.67
N VAL B 65 35.31 -13.11 -1.00
CA VAL B 65 34.70 -12.14 -0.09
C VAL B 65 33.29 -12.62 0.24
N PHE B 66 33.01 -12.74 1.53
CA PHE B 66 31.79 -13.36 1.98
C PHE B 66 30.87 -12.38 2.68
N ARG B 67 29.64 -12.34 2.25
CA ARG B 67 28.62 -11.66 3.00
C ARG B 67 28.32 -12.44 4.26
N VAL B 68 28.51 -11.80 5.39
CA VAL B 68 28.23 -12.39 6.69
C VAL B 68 27.27 -11.46 7.42
N ASP B 69 26.08 -11.97 7.76
CA ASP B 69 25.19 -11.21 8.62
C ASP B 69 25.36 -11.72 10.05
N ASP B 70 25.64 -10.81 10.98
CA ASP B 70 25.94 -11.20 12.36
C ASP B 70 24.68 -11.28 13.21
N LYS B 71 24.84 -11.44 14.52
CA LYS B 71 23.70 -11.70 15.39
C LYS B 71 22.99 -10.43 15.85
N CYS B 72 23.46 -9.28 15.35
CA CYS B 72 22.68 -8.04 15.34
C CYS B 72 21.86 -7.92 14.04
N ARG B 73 22.13 -8.82 13.08
CA ARG B 73 21.68 -8.75 11.69
C ARG B 73 22.33 -7.60 10.91
N ASN B 74 23.49 -7.16 11.38
CA ASN B 74 24.31 -6.27 10.58
C ASN B 74 24.77 -7.01 9.32
N MET B 75 24.93 -6.27 8.24
CA MET B 75 25.41 -6.84 6.98
C MET B 75 26.88 -6.43 6.73
N GLU B 76 27.76 -7.43 6.65
CA GLU B 76 29.24 -7.28 6.58
C GLU B 76 29.94 -8.10 5.51
N LEU B 77 31.20 -7.76 5.23
CA LEU B 77 32.02 -8.57 4.33
C LEU B 77 33.22 -9.13 5.08
N HIS B 78 33.45 -10.43 4.92
CA HIS B 78 34.60 -11.13 5.50
C HIS B 78 35.42 -11.83 4.41
N ALA B 79 36.75 -11.64 4.43
CA ALA B 79 37.61 -12.40 3.51
C ALA B 79 37.68 -13.85 3.96
N GLY B 80 37.94 -14.72 2.99
CA GLY B 80 37.96 -16.15 3.21
C GLY B 80 38.92 -16.85 2.28
N PHE B 81 39.35 -18.05 2.69
CA PHE B 81 40.31 -18.82 1.92
C PHE B 81 39.99 -20.31 1.95
N SER B 82 40.40 -21.00 0.90
CA SER B 82 40.08 -22.42 0.77
C SER B 82 41.09 -23.16 -0.07
N LYS B 83 41.34 -24.40 0.31
CA LYS B 83 42.23 -25.27 -0.43
C LYS B 83 41.53 -25.90 -1.63
N ASP B 84 40.26 -26.31 -1.46
CA ASP B 84 39.54 -27.06 -2.49
C ASP B 84 38.39 -26.32 -3.16
N GLY B 85 37.97 -25.18 -2.59
CA GLY B 85 36.83 -24.43 -3.11
C GLY B 85 35.52 -24.82 -2.43
N ILE B 86 35.60 -25.79 -1.54
CA ILE B 86 34.44 -26.36 -0.89
C ILE B 86 34.45 -26.11 0.60
N HIS B 87 35.61 -26.32 1.24
CA HIS B 87 35.75 -26.06 2.67
C HIS B 87 36.49 -24.74 2.87
N TRP B 88 35.86 -23.82 3.57
CA TRP B 88 36.34 -22.45 3.61
C TRP B 88 36.80 -22.02 4.99
N ASP B 89 37.93 -21.33 5.01
CA ASP B 89 38.42 -20.68 6.23
C ASP B 89 38.12 -19.19 6.13
N ILE B 90 37.01 -18.79 6.76
CA ILE B 90 36.56 -17.41 6.67
C ILE B 90 37.01 -16.60 7.89
N ASN B 91 37.59 -15.44 7.65
CA ASN B 91 38.02 -14.57 8.73
C ASN B 91 36.90 -14.26 9.70
N PRO B 92 37.18 -14.40 11.00
CA PRO B 92 36.15 -14.17 12.04
C PRO B 92 35.64 -12.74 12.03
N ASP B 93 36.44 -11.82 11.50
CA ASP B 93 36.14 -10.39 11.57
C ASP B 93 35.96 -9.77 10.20
N ARG B 94 35.27 -8.63 10.17
CA ARG B 94 34.94 -7.99 8.90
C ARG B 94 36.14 -7.34 8.28
N ILE B 95 36.10 -7.21 6.96
CA ILE B 95 37.03 -6.36 6.26
C ILE B 95 36.82 -4.93 6.73
N VAL B 96 37.91 -4.30 7.19
CA VAL B 96 37.91 -2.87 7.51
C VAL B 96 38.71 -2.20 6.40
N PHE B 97 38.05 -1.40 5.60
CA PHE B 97 38.66 -0.90 4.37
C PHE B 97 39.67 0.19 4.64
N GLU B 98 40.71 0.22 3.81
CA GLU B 98 41.58 1.38 3.67
C GLU B 98 41.04 2.21 2.50
N GLN B 99 41.08 3.52 2.58
CA GLN B 99 40.78 4.34 1.42
C GLN B 99 41.98 4.35 0.44
N ALA B 100 41.71 4.06 -0.84
CA ALA B 100 42.76 4.10 -1.86
C ALA B 100 43.36 5.50 -2.00
N GLU B 101 42.55 6.52 -1.76
CA GLU B 101 42.99 7.91 -1.76
C GLU B 101 42.37 8.64 -0.58
N LYS B 102 43.07 9.65 -0.05
CA LYS B 102 42.59 10.37 1.12
C LYS B 102 41.31 11.15 0.82
N SER B 103 41.07 11.46 -0.45
CA SER B 103 39.91 12.24 -0.85
C SER B 103 38.56 11.55 -0.54
N THR B 104 38.61 10.27 -0.16
CA THR B 104 37.39 9.56 0.20
C THR B 104 37.35 9.18 1.68
N GLU B 105 38.25 9.71 2.49
CA GLU B 105 38.24 9.36 3.91
C GLU B 105 37.02 9.89 4.65
N GLU B 106 36.52 11.05 4.27
CA GLU B 106 35.31 11.57 4.90
C GLU B 106 34.06 10.85 4.39
N VAL B 107 33.97 10.72 3.08
CA VAL B 107 32.76 10.24 2.45
C VAL B 107 32.48 8.75 2.72
N ASN B 108 33.52 7.92 2.85
CA ASN B 108 33.29 6.48 2.87
C ASN B 108 33.24 5.82 4.25
N GLN B 109 32.55 6.47 5.19
CA GLN B 109 32.27 5.85 6.49
C GLN B 109 31.53 4.54 6.34
N TRP B 110 31.86 3.55 7.16
CA TRP B 110 31.29 2.22 7.02
C TRP B 110 29.91 2.14 7.67
N GLY B 111 28.91 1.78 6.87
CA GLY B 111 27.55 1.54 7.37
C GLY B 111 27.24 0.06 7.32
N TYR B 112 27.07 -0.45 6.10
CA TYR B 112 26.91 -1.88 5.88
C TYR B 112 27.43 -2.25 4.50
N GLY B 113 27.49 -3.55 4.21
CA GLY B 113 27.85 -4.01 2.88
C GLY B 113 27.44 -5.44 2.63
N TYR B 114 26.97 -5.73 1.43
CA TYR B 114 26.60 -7.10 1.15
C TYR B 114 26.68 -7.47 -0.32
N ASP B 115 26.48 -8.76 -0.57
CA ASP B 115 26.49 -9.34 -1.90
C ASP B 115 27.68 -8.90 -2.75
N PRO B 116 28.91 -9.23 -2.30
CA PRO B 116 30.12 -8.93 -3.06
C PRO B 116 30.22 -9.71 -4.35
N ARG B 117 30.87 -9.10 -5.35
CA ARG B 117 31.27 -9.79 -6.57
C ARG B 117 32.74 -9.43 -6.79
N VAL B 118 33.55 -10.42 -7.17
CA VAL B 118 34.99 -10.24 -7.33
C VAL B 118 35.51 -10.84 -8.63
N CYS B 119 36.38 -10.09 -9.32
CA CYS B 119 37.10 -10.59 -10.49
C CYS B 119 38.47 -9.91 -10.61
N PHE B 120 39.42 -10.66 -11.16
CA PHE B 120 40.72 -10.10 -11.51
C PHE B 120 40.66 -9.24 -12.78
N ILE B 121 41.21 -8.04 -12.72
CA ILE B 121 41.34 -7.24 -13.94
C ILE B 121 42.75 -6.66 -14.00
N GLU B 122 43.44 -6.96 -15.09
CA GLU B 122 44.86 -6.67 -15.36
C GLU B 122 45.86 -6.91 -14.21
N ASP B 123 45.77 -6.17 -13.11
CA ASP B 123 46.82 -6.28 -12.08
C ASP B 123 46.34 -6.43 -10.63
N ARG B 124 45.05 -6.69 -10.42
CA ARG B 124 44.52 -6.75 -9.07
C ARG B 124 43.10 -7.29 -9.05
N PHE B 125 42.63 -7.65 -7.88
CA PHE B 125 41.25 -8.12 -7.75
C PHE B 125 40.37 -6.93 -7.38
N TRP B 126 39.33 -6.72 -8.20
CA TRP B 126 38.35 -5.68 -7.92
C TRP B 126 37.15 -6.28 -7.18
N VAL B 127 36.63 -5.52 -6.22
CA VAL B 127 35.43 -5.93 -5.49
C VAL B 127 34.34 -4.88 -5.64
N THR B 128 33.14 -5.32 -6.01
CA THR B 128 31.93 -4.50 -5.92
C THR B 128 30.97 -5.12 -4.91
N TRP B 129 30.25 -4.27 -4.20
CA TRP B 129 29.22 -4.76 -3.30
C TRP B 129 28.13 -3.71 -3.14
N CYS B 130 27.03 -4.09 -2.50
CA CYS B 130 26.00 -3.10 -2.22
C CYS B 130 26.42 -2.38 -0.93
N ASN B 131 26.90 -1.16 -1.10
CA ASN B 131 27.53 -0.41 -0.02
C ASN B 131 26.62 0.72 0.49
N ALA B 132 26.45 0.82 1.80
CA ALA B 132 25.64 1.91 2.34
C ALA B 132 26.37 3.27 2.27
N TYR B 133 25.77 4.22 1.58
CA TYR B 133 26.24 5.61 1.65
C TYR B 133 25.13 6.41 2.34
N GLY B 134 25.39 6.83 3.59
CA GLY B 134 24.38 7.49 4.39
C GLY B 134 23.18 6.59 4.65
N TRP B 135 23.46 5.30 4.79
CA TRP B 135 22.48 4.24 5.02
C TRP B 135 21.57 3.98 3.83
N LYS B 136 22.00 4.41 2.64
CA LYS B 136 21.30 4.12 1.38
C LYS B 136 22.14 3.22 0.48
N PRO B 137 21.52 2.17 -0.10
CA PRO B 137 22.24 1.23 -0.97
C PRO B 137 22.78 1.84 -2.25
N THR B 138 24.07 1.66 -2.48
CA THR B 138 24.66 1.92 -3.79
C THR B 138 25.79 0.92 -4.00
N ILE B 139 26.56 1.07 -5.07
CA ILE B 139 27.61 0.10 -5.40
C ILE B 139 28.94 0.61 -4.89
N GLY B 140 29.50 -0.12 -3.92
CA GLY B 140 30.83 0.16 -3.42
C GLY B 140 31.87 -0.43 -4.36
N VAL B 141 33.05 0.16 -4.39
CA VAL B 141 34.14 -0.32 -5.21
C VAL B 141 35.43 -0.37 -4.38
N ALA B 142 36.19 -1.44 -4.55
CA ALA B 142 37.48 -1.59 -3.89
C ALA B 142 38.40 -2.47 -4.72
N TYR B 143 39.68 -2.48 -4.37
CA TYR B 143 40.58 -3.45 -4.97
C TYR B 143 41.50 -4.05 -3.93
N THR B 144 42.03 -5.21 -4.26
CA THR B 144 42.96 -5.90 -3.39
C THR B 144 43.98 -6.69 -4.22
N PHE B 145 45.18 -6.84 -3.70
CA PHE B 145 46.20 -7.65 -4.37
C PHE B 145 46.29 -9.01 -3.69
N ASP B 146 45.89 -9.09 -2.43
CA ASP B 146 46.21 -10.26 -1.59
C ASP B 146 45.08 -10.76 -0.67
N PHE B 147 43.91 -10.15 -0.77
CA PHE B 147 42.78 -10.45 0.11
C PHE B 147 43.12 -10.31 1.60
N LYS B 148 44.13 -9.49 1.90
CA LYS B 148 44.40 -9.13 3.27
C LYS B 148 44.11 -7.64 3.52
N THR B 149 44.55 -6.79 2.59
CA THR B 149 44.22 -5.37 2.67
C THR B 149 43.33 -4.98 1.50
N PHE B 150 42.23 -4.30 1.78
CA PHE B 150 41.32 -3.88 0.72
C PHE B 150 41.27 -2.35 0.64
N TYR B 151 41.41 -1.83 -0.56
CA TYR B 151 41.49 -0.40 -0.75
C TYR B 151 40.23 0.11 -1.42
N GLN B 152 39.42 0.86 -0.66
CA GLN B 152 38.11 1.29 -1.14
C GLN B 152 38.23 2.52 -2.03
N CYS B 153 37.48 2.54 -3.13
CA CYS B 153 37.42 3.70 -4.01
C CYS B 153 36.08 4.43 -3.85
N GLU B 154 35.81 5.40 -4.72
CA GLU B 154 34.50 6.06 -4.80
C GLU B 154 33.40 5.05 -5.13
N ASN B 155 32.28 5.14 -4.42
CA ASN B 155 31.02 4.52 -4.86
C ASN B 155 30.79 4.93 -6.30
N ALA B 156 30.50 3.96 -7.16
CA ALA B 156 30.37 4.21 -8.60
C ALA B 156 29.18 5.09 -8.92
N PHE B 157 28.06 4.87 -8.23
CA PHE B 157 26.81 5.51 -8.58
C PHE B 157 26.15 6.18 -7.40
N LEU B 158 25.15 7.01 -7.69
CA LEU B 158 24.23 7.49 -6.67
C LEU B 158 23.39 6.33 -6.17
N PRO B 159 22.89 6.42 -4.92
CA PRO B 159 21.78 5.56 -4.52
C PRO B 159 20.61 5.85 -5.47
N PHE B 160 19.63 4.96 -5.63
CA PHE B 160 19.54 3.66 -5.00
C PHE B 160 19.88 2.60 -6.04
N ASN B 161 20.88 1.78 -5.72
CA ASN B 161 21.43 0.85 -6.69
C ASN B 161 22.00 -0.37 -6.00
N ARG B 162 21.99 -1.51 -6.70
CA ARG B 162 22.39 -2.79 -6.11
C ARG B 162 22.80 -3.72 -7.27
N ASN B 163 23.44 -4.85 -6.98
CA ASN B 163 23.79 -5.83 -8.01
C ASN B 163 24.79 -5.24 -9.02
N GLY B 164 25.79 -4.54 -8.52
CA GLY B 164 26.82 -3.99 -9.38
C GLY B 164 27.84 -5.07 -9.66
N VAL B 165 28.05 -5.42 -10.93
CA VAL B 165 28.98 -6.49 -11.28
C VAL B 165 29.92 -6.10 -12.41
N LEU B 166 31.22 -6.17 -12.17
CA LEU B 166 32.21 -5.82 -13.20
C LEU B 166 32.44 -6.86 -14.28
N PHE B 167 32.52 -6.42 -15.53
CA PHE B 167 33.10 -7.27 -16.56
C PHE B 167 34.61 -7.39 -16.27
N PRO B 168 35.20 -8.56 -16.55
CA PRO B 168 36.57 -8.85 -16.10
C PRO B 168 37.68 -8.24 -16.98
N ARG B 169 37.31 -7.40 -17.96
CA ARG B 169 38.31 -6.64 -18.71
C ARG B 169 37.71 -5.35 -19.22
N LYS B 170 38.56 -4.41 -19.65
CA LYS B 170 38.07 -3.25 -20.39
C LYS B 170 37.44 -3.65 -21.72
N ILE B 171 36.38 -2.95 -22.09
CA ILE B 171 35.74 -3.16 -23.36
C ILE B 171 35.73 -1.83 -24.08
N ASN B 172 36.41 -1.80 -25.23
CA ASN B 172 36.52 -0.57 -26.01
C ASN B 172 37.26 0.48 -25.24
N GLY B 173 38.22 0.05 -24.43
CA GLY B 173 39.03 0.97 -23.65
C GLY B 173 38.35 1.48 -22.38
N LYS B 174 37.23 0.85 -21.99
CA LYS B 174 36.53 1.27 -20.78
C LYS B 174 36.12 0.12 -19.87
N TYR B 175 36.15 0.36 -18.57
CA TYR B 175 35.54 -0.56 -17.64
C TYR B 175 34.03 -0.53 -17.84
N VAL B 176 33.41 -1.68 -17.65
CA VAL B 176 31.98 -1.83 -17.85
C VAL B 176 31.40 -2.54 -16.62
N MET B 177 30.31 -2.00 -16.07
CA MET B 177 29.72 -2.61 -14.89
C MET B 177 28.21 -2.75 -15.03
N PHE B 178 27.72 -3.96 -14.79
CA PHE B 178 26.30 -4.21 -14.56
C PHE B 178 25.92 -3.40 -13.34
N SER B 179 24.75 -2.74 -13.36
CA SER B 179 24.11 -2.39 -12.09
C SER B 179 22.58 -2.54 -12.23
N ARG B 180 21.84 -2.01 -11.27
CA ARG B 180 20.42 -2.37 -11.17
C ARG B 180 19.72 -1.37 -10.29
N PRO B 181 19.31 -0.24 -10.89
CA PRO B 181 18.62 0.81 -10.16
C PRO B 181 17.48 0.23 -9.31
N SER B 182 17.45 0.64 -8.06
CA SER B 182 16.49 0.12 -7.08
C SER B 182 15.72 1.26 -6.43
N ASP B 183 15.12 0.99 -5.27
CA ASP B 183 14.57 2.05 -4.42
C ASP B 183 15.15 1.91 -3.01
N SER B 184 14.46 2.48 -2.02
CA SER B 184 14.98 2.44 -0.65
C SER B 184 14.48 1.23 0.15
N GLY B 185 13.69 0.36 -0.46
CA GLY B 185 13.16 -0.80 0.24
C GLY B 185 13.37 -2.12 -0.49
N HIS B 186 12.50 -3.08 -0.25
CA HIS B 186 12.49 -4.34 -0.96
C HIS B 186 11.93 -4.09 -2.34
N THR B 187 12.78 -3.62 -3.21
CA THR B 187 12.42 -3.05 -4.50
C THR B 187 11.49 -3.95 -5.31
N PRO B 188 10.31 -3.43 -5.68
CA PRO B 188 9.32 -4.17 -6.47
C PRO B 188 9.49 -3.97 -7.98
N PHE B 189 10.71 -3.69 -8.42
CA PHE B 189 11.04 -3.58 -9.85
C PHE B 189 12.53 -3.82 -10.01
N GLY B 190 13.00 -3.88 -11.25
CA GLY B 190 14.42 -3.91 -11.50
C GLY B 190 14.79 -4.39 -12.90
N ASP B 191 15.47 -3.51 -13.65
CA ASP B 191 16.11 -3.84 -14.93
C ASP B 191 17.63 -3.84 -14.79
N MET B 192 18.29 -4.65 -15.60
CA MET B 192 19.75 -4.61 -15.69
C MET B 192 20.23 -3.50 -16.63
N PHE B 193 21.25 -2.77 -16.19
CA PHE B 193 21.91 -1.76 -17.00
C PHE B 193 23.43 -2.00 -16.98
N ILE B 194 24.14 -1.38 -17.90
CA ILE B 194 25.58 -1.23 -17.73
C ILE B 194 25.96 0.24 -17.77
N SER B 195 27.06 0.55 -17.12
CA SER B 195 27.65 1.88 -17.17
C SER B 195 29.13 1.72 -17.54
N GLN B 196 29.73 2.78 -18.03
CA GLN B 196 31.11 2.67 -18.51
C GLN B 196 32.01 3.70 -17.86
N SER B 197 33.30 3.37 -17.78
CA SER B 197 34.24 4.24 -17.10
C SER B 197 35.66 4.13 -17.67
N PRO B 198 36.26 5.29 -17.98
CA PRO B 198 37.67 5.30 -18.37
C PRO B 198 38.60 4.91 -17.22
N ASP B 199 38.22 5.15 -15.97
CA ASP B 199 39.19 5.15 -14.90
C ASP B 199 38.76 4.50 -13.60
N MET B 200 37.61 3.83 -13.61
CA MET B 200 37.01 3.29 -12.38
C MET B 200 36.67 4.36 -11.34
N LYS B 201 36.58 5.60 -11.75
CA LYS B 201 36.11 6.64 -10.84
C LYS B 201 34.82 7.31 -11.34
N TYR B 202 34.83 7.75 -12.59
CA TYR B 202 33.70 8.46 -13.19
C TYR B 202 32.97 7.56 -14.17
N TRP B 203 31.63 7.61 -14.14
CA TRP B 203 30.82 6.65 -14.92
C TRP B 203 29.80 7.32 -15.82
N GLY B 204 29.44 6.65 -16.91
CA GLY B 204 28.56 7.25 -17.89
C GLY B 204 28.32 6.31 -19.04
N GLU B 205 27.74 6.85 -20.11
CA GLU B 205 27.32 6.05 -21.27
C GLU B 205 26.46 4.88 -20.79
N HIS B 206 25.48 5.21 -19.96
CA HIS B 206 24.60 4.20 -19.38
C HIS B 206 23.79 3.55 -20.48
N ARG B 207 23.72 2.22 -20.44
CA ARG B 207 22.98 1.46 -21.45
C ARG B 207 22.03 0.45 -20.80
N HIS B 208 20.81 0.40 -21.31
CA HIS B 208 19.85 -0.56 -20.84
C HIS B 208 20.16 -1.94 -21.42
N VAL B 209 20.29 -2.93 -20.55
CA VAL B 209 20.52 -4.29 -20.98
C VAL B 209 19.19 -5.01 -21.25
N MET B 210 18.37 -5.16 -20.21
CA MET B 210 17.10 -5.88 -20.30
C MET B 210 16.30 -5.77 -19.00
N GLY B 211 15.00 -6.08 -19.07
CA GLY B 211 14.16 -6.08 -17.90
C GLY B 211 13.44 -7.40 -17.70
N PRO B 212 12.58 -7.47 -16.67
CA PRO B 212 11.72 -8.63 -16.38
C PRO B 212 11.05 -9.13 -17.66
N LEU B 213 10.87 -10.44 -17.80
CA LEU B 213 10.31 -10.94 -19.05
C LEU B 213 9.42 -12.17 -18.86
N ARG B 214 10.01 -13.35 -18.66
CA ARG B 214 9.20 -14.56 -18.42
C ARG B 214 8.60 -14.56 -17.00
N ALA B 215 7.64 -15.44 -16.74
CA ALA B 215 6.95 -15.48 -15.46
C ALA B 215 7.88 -15.59 -14.26
N TRP B 216 8.88 -16.48 -14.35
CA TRP B 216 9.77 -16.77 -13.22
C TRP B 216 10.64 -15.56 -12.87
N GLU B 217 10.67 -14.60 -13.79
CA GLU B 217 11.51 -13.42 -13.70
C GLU B 217 10.65 -12.18 -13.99
N SER B 218 9.40 -12.20 -13.51
CA SER B 218 8.42 -11.22 -13.95
C SER B 218 8.45 -9.94 -13.14
N LYS B 219 8.97 -10.04 -11.93
CA LYS B 219 8.92 -8.93 -10.98
C LYS B 219 10.13 -8.00 -11.11
N LYS B 220 11.31 -8.59 -11.22
CA LYS B 220 12.57 -7.86 -11.34
C LYS B 220 13.69 -8.87 -11.63
N ILE B 221 14.80 -8.36 -12.17
CA ILE B 221 15.98 -9.17 -12.44
C ILE B 221 17.25 -8.43 -11.99
N GLY B 222 18.38 -9.13 -11.97
CA GLY B 222 19.65 -8.47 -11.72
C GLY B 222 20.83 -9.38 -12.00
N ALA B 223 22.01 -8.79 -12.19
CA ALA B 223 23.23 -9.55 -12.50
C ALA B 223 23.60 -10.45 -11.35
N GLY B 224 24.11 -11.64 -11.67
CA GLY B 224 24.59 -12.58 -10.67
C GLY B 224 26.11 -12.53 -10.60
N PRO B 225 26.78 -13.61 -11.02
CA PRO B 225 28.26 -13.64 -10.92
C PRO B 225 28.95 -12.84 -12.04
N ILE B 226 30.28 -12.81 -11.98
CA ILE B 226 31.06 -12.16 -13.02
C ILE B 226 30.71 -12.71 -14.42
N PRO B 227 30.57 -11.83 -15.42
CA PRO B 227 30.38 -12.26 -16.80
C PRO B 227 31.51 -13.19 -17.29
N ILE B 228 31.16 -14.25 -17.99
CA ILE B 228 32.13 -15.22 -18.51
C ILE B 228 32.31 -14.99 -20.01
N GLU B 229 33.53 -14.66 -20.44
CA GLU B 229 33.82 -14.42 -21.86
C GLU B 229 33.91 -15.75 -22.62
N THR B 230 33.26 -15.78 -23.78
CA THR B 230 32.92 -17.00 -24.49
C THR B 230 32.95 -16.66 -25.99
N SER B 231 33.24 -17.64 -26.85
CA SER B 231 33.25 -17.37 -28.30
C SER B 231 31.87 -17.00 -28.87
N GLU B 232 30.81 -17.23 -28.09
CA GLU B 232 29.46 -16.75 -28.45
C GLU B 232 29.17 -15.35 -27.92
N GLY B 233 30.04 -14.85 -27.05
CA GLY B 233 29.83 -13.58 -26.40
C GLY B 233 29.90 -13.74 -24.88
N TRP B 234 29.35 -12.79 -24.14
CA TRP B 234 29.39 -12.84 -22.69
C TRP B 234 28.30 -13.76 -22.09
N LEU B 235 28.75 -14.82 -21.43
CA LEU B 235 27.85 -15.74 -20.72
C LEU B 235 27.56 -15.19 -19.32
N CYS B 236 26.33 -14.74 -19.11
CA CYS B 236 25.97 -14.01 -17.90
C CYS B 236 24.83 -14.69 -17.15
N PHE B 237 25.15 -15.33 -16.01
CA PHE B 237 24.11 -15.85 -15.14
C PHE B 237 23.52 -14.66 -14.39
N TYR B 238 22.20 -14.66 -14.21
CA TYR B 238 21.51 -13.54 -13.59
C TYR B 238 20.34 -14.09 -12.78
N HIS B 239 19.84 -13.32 -11.80
CA HIS B 239 18.69 -13.77 -11.03
C HIS B 239 17.40 -13.11 -11.48
N GLY B 240 16.29 -13.81 -11.25
CA GLY B 240 14.97 -13.32 -11.59
C GLY B 240 14.02 -13.61 -10.46
N VAL B 241 13.04 -12.74 -10.30
CA VAL B 241 12.10 -12.87 -9.19
C VAL B 241 10.67 -13.03 -9.72
N LEU B 242 9.98 -14.01 -9.16
CA LEU B 242 8.53 -14.12 -9.28
C LEU B 242 7.91 -13.74 -7.94
N GLU B 243 6.79 -13.03 -7.96
CA GLU B 243 6.09 -12.65 -6.74
C GLU B 243 4.81 -13.49 -6.53
N SER B 244 4.77 -14.26 -5.46
CA SER B 244 3.55 -14.95 -5.06
C SER B 244 2.71 -14.12 -4.11
N CYS B 245 1.60 -14.70 -3.65
CA CYS B 245 0.81 -14.05 -2.63
C CYS B 245 1.61 -13.94 -1.31
N ASN B 246 2.67 -14.73 -1.18
CA ASN B 246 3.42 -14.85 0.06
C ASN B 246 4.80 -14.20 0.08
N GLY B 247 5.18 -13.58 -1.03
CA GLY B 247 6.49 -12.97 -1.10
C GLY B 247 7.21 -13.19 -2.42
N PHE B 248 8.52 -13.23 -2.35
CA PHE B 248 9.37 -13.34 -3.53
C PHE B 248 9.93 -14.74 -3.67
N VAL B 249 10.10 -15.17 -4.92
CA VAL B 249 10.84 -16.37 -5.23
C VAL B 249 12.01 -16.00 -6.17
N TYR B 250 13.22 -16.23 -5.68
CA TYR B 250 14.42 -15.93 -6.44
C TYR B 250 14.98 -17.19 -7.09
N SER B 251 14.99 -17.18 -8.42
CA SER B 251 15.58 -18.22 -9.25
C SER B 251 16.71 -17.59 -10.05
N PHE B 252 17.52 -18.41 -10.73
CA PHE B 252 18.47 -17.81 -11.68
C PHE B 252 18.60 -18.62 -12.96
N SER B 253 19.07 -17.95 -14.01
CA SER B 253 19.22 -18.52 -15.35
C SER B 253 20.45 -17.90 -16.02
N ALA B 254 20.46 -17.87 -17.35
CA ALA B 254 21.59 -17.26 -18.05
C ALA B 254 21.17 -16.62 -19.37
N CYS B 255 21.98 -15.66 -19.82
CA CYS B 255 21.80 -15.02 -21.12
C CYS B 255 23.18 -14.89 -21.79
N ILE B 256 23.19 -14.62 -23.08
CA ILE B 256 24.44 -14.32 -23.78
C ILE B 256 24.37 -12.94 -24.40
N LEU B 257 25.29 -12.08 -24.02
CA LEU B 257 25.31 -10.70 -24.50
C LEU B 257 26.40 -10.50 -25.52
N ASP B 258 26.21 -9.49 -26.37
CA ASP B 258 27.16 -9.17 -27.42
C ASP B 258 28.53 -8.81 -26.85
N LYS B 259 29.58 -9.36 -27.46
CA LYS B 259 30.95 -9.21 -26.98
C LYS B 259 31.42 -7.76 -26.93
N ASP B 260 31.01 -6.98 -27.94
CA ASP B 260 31.50 -5.61 -28.08
C ASP B 260 30.55 -4.59 -27.45
N GLU B 261 29.25 -4.87 -27.52
CA GLU B 261 28.24 -4.00 -26.92
C GLU B 261 27.36 -4.85 -26.01
N PRO B 262 27.82 -5.03 -24.75
CA PRO B 262 27.28 -6.03 -23.82
C PRO B 262 25.84 -5.76 -23.37
N TRP B 263 25.34 -4.57 -23.68
CA TRP B 263 23.95 -4.27 -23.36
C TRP B 263 23.01 -4.88 -24.39
N LYS B 264 23.57 -5.39 -25.49
CA LYS B 264 22.73 -6.00 -26.53
C LYS B 264 22.59 -7.49 -26.30
N VAL B 265 21.35 -7.95 -26.14
CA VAL B 265 21.12 -9.34 -25.77
C VAL B 265 21.05 -10.22 -27.02
N LYS B 266 21.87 -11.27 -27.07
CA LYS B 266 21.87 -12.22 -28.19
C LYS B 266 20.90 -13.36 -27.95
N TYR B 267 21.08 -14.04 -26.82
CA TYR B 267 20.18 -15.10 -26.41
C TYR B 267 19.85 -14.93 -24.93
N ARG B 268 18.68 -15.42 -24.54
CA ARG B 268 18.20 -15.27 -23.18
C ARG B 268 17.33 -16.47 -22.85
N CYS B 269 17.75 -17.30 -21.89
CA CYS B 269 16.99 -18.51 -21.58
C CYS B 269 15.61 -18.20 -21.02
N ALA B 270 14.58 -18.73 -21.67
CA ALA B 270 13.20 -18.53 -21.25
C ALA B 270 12.88 -19.23 -19.93
N GLU B 271 13.55 -20.34 -19.65
CA GLU B 271 13.35 -21.05 -18.39
C GLU B 271 14.39 -20.65 -17.36
N TYR B 272 14.10 -20.86 -16.08
CA TYR B 272 15.17 -20.76 -15.09
C TYR B 272 16.06 -21.99 -15.26
N LEU B 273 17.30 -21.89 -14.82
CA LEU B 273 18.21 -23.04 -14.81
C LEU B 273 18.38 -23.60 -13.40
N LEU B 274 18.07 -22.79 -12.39
CA LEU B 274 17.97 -23.33 -11.04
C LEU B 274 16.99 -22.49 -10.22
N SER B 275 16.16 -23.14 -9.40
CA SER B 275 15.15 -22.45 -8.59
C SER B 275 15.05 -23.06 -7.18
N PRO B 276 14.43 -22.34 -6.22
CA PRO B 276 14.43 -22.86 -4.85
C PRO B 276 13.54 -24.10 -4.67
N GLN B 277 14.18 -25.26 -4.46
CA GLN B 277 13.42 -26.52 -4.38
C GLN B 277 13.88 -27.41 -3.23
N LYS B 278 15.12 -27.27 -2.79
CA LYS B 278 15.59 -28.08 -1.66
C LYS B 278 15.28 -27.37 -0.36
N ILE B 279 15.31 -28.13 0.73
CA ILE B 279 14.89 -27.65 2.03
C ILE B 279 15.78 -26.45 2.45
N TYR B 280 17.06 -26.47 2.09
CA TYR B 280 17.98 -25.41 2.50
C TYR B 280 17.79 -24.19 1.59
N GLU B 281 17.01 -24.37 0.54
CA GLU B 281 16.72 -23.29 -0.40
C GLU B 281 15.39 -22.60 -0.09
N CYS B 282 14.47 -23.38 0.50
CA CYS B 282 13.09 -22.98 0.70
C CYS B 282 12.86 -22.53 2.13
N VAL B 283 13.71 -23.02 3.03
CA VAL B 283 13.58 -22.71 4.45
C VAL B 283 14.81 -21.99 4.98
N GLY B 284 14.56 -20.92 5.74
CA GLY B 284 15.59 -20.11 6.36
C GLY B 284 15.14 -18.68 6.51
N ASP B 285 16.12 -17.80 6.72
CA ASP B 285 15.87 -16.38 7.01
C ASP B 285 14.98 -15.69 5.97
N VAL B 286 15.18 -16.02 4.70
CA VAL B 286 14.32 -15.57 3.61
C VAL B 286 13.95 -16.74 2.73
N GLN B 287 12.68 -17.14 2.76
CA GLN B 287 12.27 -18.36 2.07
C GLN B 287 12.41 -18.22 0.56
N ASN B 288 12.67 -19.34 -0.09
CA ASN B 288 12.64 -19.43 -1.55
C ASN B 288 13.63 -18.51 -2.25
N VAL B 289 14.91 -18.66 -1.91
CA VAL B 289 15.98 -17.90 -2.57
C VAL B 289 17.13 -18.78 -3.05
N THR B 290 17.43 -18.71 -4.34
CA THR B 290 18.70 -19.23 -4.85
C THR B 290 19.39 -18.13 -5.66
N PHE B 291 20.48 -17.60 -5.12
CA PHE B 291 21.06 -16.32 -5.55
C PHE B 291 22.55 -16.45 -5.89
N PRO B 292 22.91 -16.48 -7.19
CA PRO B 292 24.31 -16.71 -7.54
C PRO B 292 25.17 -15.44 -7.57
N CYS B 293 26.31 -15.46 -6.88
CA CYS B 293 27.23 -14.33 -6.91
C CYS B 293 28.64 -14.68 -7.43
N ALA B 294 28.93 -15.96 -7.62
CA ALA B 294 30.24 -16.34 -8.18
C ALA B 294 30.18 -17.67 -8.91
N THR B 295 30.97 -17.79 -9.98
CA THR B 295 31.29 -19.09 -10.56
C THR B 295 32.81 -19.24 -10.69
N LEU B 296 33.27 -20.48 -10.66
CA LEU B 296 34.60 -20.83 -11.11
C LEU B 296 34.48 -21.50 -12.47
N VAL B 297 35.42 -21.20 -13.36
CA VAL B 297 35.39 -21.78 -14.70
C VAL B 297 36.77 -22.33 -15.10
N ASP B 298 36.81 -23.63 -15.39
CA ASP B 298 38.00 -24.26 -15.93
C ASP B 298 37.99 -24.11 -17.45
N ALA B 299 38.82 -23.21 -17.96
CA ALA B 299 38.87 -22.95 -19.40
C ALA B 299 39.20 -24.21 -20.21
N ASP B 300 39.93 -25.14 -19.60
CA ASP B 300 40.35 -26.36 -20.29
C ASP B 300 39.21 -27.30 -20.63
N THR B 301 38.23 -27.40 -19.72
CA THR B 301 37.14 -28.38 -19.84
C THR B 301 35.77 -27.76 -20.01
N GLY B 302 35.66 -26.47 -19.71
CA GLY B 302 34.36 -25.80 -19.74
C GLY B 302 33.51 -26.13 -18.53
N ARG B 303 34.12 -26.75 -17.52
CA ARG B 303 33.42 -27.04 -16.28
C ARG B 303 33.15 -25.76 -15.49
N ILE B 304 31.91 -25.60 -15.04
CA ILE B 304 31.51 -24.45 -14.23
C ILE B 304 31.06 -24.88 -12.85
N ALA B 305 31.66 -24.29 -11.81
CA ALA B 305 31.21 -24.49 -10.43
C ALA B 305 30.57 -23.21 -9.90
N ILE B 306 29.30 -23.29 -9.52
CA ILE B 306 28.51 -22.11 -9.17
C ILE B 306 28.33 -21.99 -7.67
N TYR B 307 28.61 -20.80 -7.14
CA TYR B 307 28.33 -20.52 -5.75
C TYR B 307 27.02 -19.74 -5.63
N TYR B 308 26.16 -20.12 -4.70
CA TYR B 308 24.91 -19.38 -4.57
C TYR B 308 24.34 -19.40 -3.17
N GLY B 309 23.74 -18.27 -2.79
CA GLY B 309 23.11 -18.15 -1.50
C GLY B 309 21.79 -18.89 -1.46
N CYS B 310 21.52 -19.52 -0.33
CA CYS B 310 20.30 -20.28 -0.16
C CYS B 310 19.49 -19.75 1.01
N ALA B 311 18.30 -19.25 0.70
CA ALA B 311 17.36 -18.79 1.70
C ALA B 311 17.95 -17.66 2.59
N ASP B 312 18.88 -16.89 2.02
CA ASP B 312 19.65 -15.88 2.75
C ASP B 312 20.26 -16.45 4.04
N THR B 313 20.68 -17.71 3.97
CA THR B 313 21.08 -18.43 5.17
C THR B 313 22.45 -19.09 5.03
N CYS B 314 22.66 -19.82 3.93
CA CYS B 314 23.90 -20.55 3.72
C CYS B 314 24.37 -20.40 2.28
N VAL B 315 25.58 -20.91 2.00
CA VAL B 315 26.12 -20.93 0.64
C VAL B 315 26.14 -22.36 0.12
N SER B 316 25.65 -22.55 -1.10
CA SER B 316 25.67 -23.85 -1.74
C SER B 316 26.42 -23.84 -3.07
N MET B 317 26.62 -25.02 -3.61
CA MET B 317 27.31 -25.17 -4.87
C MET B 317 26.49 -25.98 -5.88
N ALA B 318 26.59 -25.58 -7.14
CA ALA B 318 26.00 -26.31 -8.24
C ALA B 318 27.02 -26.49 -9.36
N PHE B 319 26.73 -27.40 -10.29
CA PHE B 319 27.65 -27.68 -11.39
C PHE B 319 26.95 -27.72 -12.73
N THR B 320 27.69 -27.36 -13.77
CA THR B 320 27.22 -27.42 -15.13
C THR B 320 28.43 -27.22 -16.04
N THR B 321 28.22 -27.13 -17.35
CA THR B 321 29.34 -26.83 -18.25
C THR B 321 28.99 -25.68 -19.18
N VAL B 322 30.01 -25.03 -19.73
CA VAL B 322 29.80 -23.93 -20.67
C VAL B 322 29.00 -24.36 -21.89
N ASP B 323 29.34 -25.53 -22.43
CA ASP B 323 28.62 -26.08 -23.58
C ASP B 323 27.18 -26.40 -23.27
N ASP B 324 26.94 -27.05 -22.14
CA ASP B 324 25.57 -27.38 -21.74
C ASP B 324 24.70 -26.13 -21.62
N VAL B 325 25.23 -25.09 -20.96
CA VAL B 325 24.46 -23.88 -20.68
C VAL B 325 24.24 -23.08 -21.95
N VAL B 326 25.32 -22.89 -22.71
CA VAL B 326 25.21 -22.20 -23.99
C VAL B 326 24.21 -22.86 -24.93
N ASP B 327 24.25 -24.19 -25.05
CA ASP B 327 23.32 -24.89 -25.95
C ASP B 327 21.88 -24.72 -25.50
N TYR B 328 21.67 -24.82 -24.19
CA TYR B 328 20.32 -24.77 -23.68
C TYR B 328 19.79 -23.35 -23.80
N VAL B 329 20.65 -22.38 -23.47
CA VAL B 329 20.30 -20.97 -23.59
C VAL B 329 19.90 -20.67 -25.03
N LYS B 330 20.70 -21.14 -25.99
CA LYS B 330 20.42 -20.89 -27.40
C LYS B 330 19.16 -21.60 -27.87
N SER B 331 18.97 -22.85 -27.48
CA SER B 331 17.80 -23.60 -27.97
C SER B 331 16.50 -23.21 -27.26
N HIS B 332 16.61 -22.56 -26.10
CA HIS B 332 15.42 -22.13 -25.35
C HIS B 332 15.40 -20.63 -25.13
N SER B 333 15.67 -19.85 -26.17
CA SER B 333 15.81 -18.41 -25.99
C SER B 333 14.49 -17.63 -26.11
N SER B 334 14.34 -16.62 -25.26
CA SER B 334 13.21 -15.70 -25.30
C SER B 334 13.30 -14.78 -26.50
N VAL B 335 13.81 -13.57 -26.28
CA VAL B 335 13.89 -12.56 -27.34
C VAL B 335 15.30 -12.00 -27.48
N MET C 1 -26.04 -46.26 4.78
CA MET C 1 -25.49 -44.94 5.09
C MET C 1 -26.61 -43.96 5.39
N LYS C 2 -26.31 -42.94 6.22
CA LYS C 2 -27.32 -41.99 6.72
C LYS C 2 -27.71 -40.94 5.70
N THR C 3 -26.73 -40.41 4.98
CA THR C 3 -26.97 -39.45 3.92
C THR C 3 -26.83 -40.14 2.58
N GLN C 4 -27.83 -40.01 1.73
CA GLN C 4 -27.78 -40.67 0.43
C GLN C 4 -27.05 -39.82 -0.60
N ILE C 5 -26.39 -40.49 -1.54
CA ILE C 5 -25.78 -39.85 -2.69
C ILE C 5 -26.75 -39.88 -3.86
N ILE C 6 -27.08 -38.71 -4.40
CA ILE C 6 -28.01 -38.63 -5.52
C ILE C 6 -27.30 -38.43 -6.84
N ASN C 7 -27.71 -39.17 -7.86
CA ASN C 7 -27.12 -39.07 -9.19
C ASN C 7 -25.62 -39.30 -9.18
N GLY C 8 -25.16 -40.20 -8.31
CA GLY C 8 -23.74 -40.52 -8.22
C GLY C 8 -23.37 -41.72 -9.06
N VAL C 9 -22.15 -42.22 -8.89
CA VAL C 9 -21.72 -43.39 -9.62
C VAL C 9 -21.20 -44.47 -8.67
N SER C 10 -21.26 -45.72 -9.10
CA SER C 10 -20.69 -46.82 -8.35
C SER C 10 -19.19 -46.85 -8.58
N LEU C 11 -18.41 -46.67 -7.51
CA LEU C 11 -16.96 -46.62 -7.63
C LEU C 11 -16.28 -47.57 -6.64
N PRO C 12 -16.44 -48.89 -6.86
CA PRO C 12 -15.78 -49.83 -5.96
C PRO C 12 -14.25 -49.73 -6.03
N ASN C 13 -13.73 -49.19 -7.12
CA ASN C 13 -12.29 -49.03 -7.30
C ASN C 13 -11.73 -47.67 -6.84
N ILE C 14 -12.53 -46.91 -6.10
CA ILE C 14 -12.09 -45.61 -5.60
C ILE C 14 -10.81 -45.78 -4.79
N PRO C 15 -9.81 -44.93 -5.05
CA PRO C 15 -8.60 -44.96 -4.21
C PRO C 15 -9.00 -44.75 -2.76
N TRP C 16 -8.41 -45.50 -1.86
CA TRP C 16 -8.93 -45.53 -0.51
C TRP C 16 -7.96 -46.08 0.51
N GLN C 17 -7.99 -45.49 1.70
CA GLN C 17 -7.33 -46.03 2.87
C GLN C 17 -8.26 -45.78 4.05
N ASP C 18 -8.42 -46.78 4.91
CA ASP C 18 -9.26 -46.61 6.08
C ASP C 18 -8.66 -45.60 7.06
N LYS C 19 -9.52 -45.00 7.87
CA LYS C 19 -9.11 -44.02 8.88
C LYS C 19 -8.24 -44.66 9.97
N PRO C 20 -7.01 -44.15 10.14
CA PRO C 20 -6.13 -44.66 11.21
C PRO C 20 -6.83 -44.57 12.57
N ALA C 21 -6.45 -45.45 13.49
CA ALA C 21 -7.07 -45.53 14.80
C ALA C 21 -6.84 -44.25 15.59
N ASP C 22 -5.64 -43.69 15.47
CA ASP C 22 -5.28 -42.53 16.27
C ASP C 22 -5.83 -41.22 15.69
N CYS C 23 -6.43 -41.28 14.51
CA CYS C 23 -6.90 -40.06 13.84
C CYS C 23 -8.15 -39.51 14.51
N LYS C 24 -8.15 -38.19 14.75
CA LYS C 24 -9.27 -37.53 15.40
C LYS C 24 -9.93 -36.47 14.52
N ASP C 25 -9.54 -36.44 13.25
CA ASP C 25 -10.07 -35.47 12.30
C ASP C 25 -11.09 -36.12 11.39
N VAL C 26 -11.96 -35.29 10.82
CA VAL C 26 -12.97 -35.75 9.86
C VAL C 26 -12.36 -36.27 8.56
N ILE C 27 -11.24 -35.67 8.16
CA ILE C 27 -10.56 -36.00 6.92
C ILE C 27 -9.16 -36.46 7.24
N TRP C 28 -8.74 -37.58 6.65
CA TRP C 28 -7.38 -38.05 6.94
C TRP C 28 -6.58 -38.15 5.65
N ARG C 29 -5.29 -37.90 5.77
CA ARG C 29 -4.43 -37.85 4.60
C ARG C 29 -3.99 -39.24 4.15
N TYR C 30 -3.83 -39.39 2.84
CA TYR C 30 -3.16 -40.54 2.25
C TYR C 30 -1.76 -40.64 2.86
N ASP C 31 -1.29 -41.86 3.11
CA ASP C 31 -0.08 -42.04 3.91
C ASP C 31 1.23 -42.03 3.10
N ALA C 32 1.13 -41.80 1.80
CA ALA C 32 2.34 -41.63 0.98
C ALA C 32 2.24 -40.40 0.06
N ASN C 33 1.81 -39.28 0.64
CA ASN C 33 1.74 -38.03 -0.12
C ASN C 33 3.15 -37.49 -0.39
N PRO C 34 3.31 -36.78 -1.52
CA PRO C 34 2.28 -36.49 -2.52
C PRO C 34 2.11 -37.65 -3.49
N ILE C 35 0.98 -37.72 -4.20
CA ILE C 35 0.79 -38.76 -5.20
C ILE C 35 1.35 -38.32 -6.55
N ILE C 36 1.47 -37.01 -6.76
CA ILE C 36 2.14 -36.49 -7.94
C ILE C 36 3.16 -35.44 -7.52
N PRO C 37 4.46 -35.75 -7.64
CA PRO C 37 5.49 -34.81 -7.19
C PRO C 37 5.76 -33.73 -8.23
N ARG C 38 6.41 -32.65 -7.82
CA ARG C 38 6.57 -31.48 -8.67
C ARG C 38 7.30 -31.76 -9.99
N ASP C 39 8.14 -32.79 -10.01
CA ASP C 39 9.02 -33.05 -11.15
C ASP C 39 8.62 -34.33 -11.89
N GLN C 40 7.33 -34.67 -11.89
CA GLN C 40 6.94 -35.90 -12.57
C GLN C 40 7.15 -35.78 -14.08
N LEU C 41 6.96 -34.59 -14.66
CA LEU C 41 7.24 -34.40 -16.09
C LEU C 41 8.63 -33.80 -16.23
N PRO C 42 9.29 -34.04 -17.38
CA PRO C 42 10.62 -33.43 -17.56
C PRO C 42 10.62 -31.90 -17.57
N THR C 43 9.50 -31.28 -17.93
CA THR C 43 9.44 -29.83 -18.01
C THR C 43 8.74 -29.15 -16.82
N SER C 44 8.23 -29.93 -15.88
CA SER C 44 7.41 -29.37 -14.83
C SER C 44 8.22 -28.76 -13.69
N ASN C 45 7.78 -27.58 -13.29
CA ASN C 45 8.26 -26.91 -12.10
C ASN C 45 7.42 -27.38 -10.92
N SER C 46 6.15 -27.62 -11.22
CA SER C 46 5.16 -27.99 -10.23
C SER C 46 3.89 -28.48 -10.89
N ILE C 47 3.18 -29.35 -10.18
CA ILE C 47 1.92 -29.90 -10.64
C ILE C 47 0.97 -29.91 -9.45
N PHE C 48 -0.19 -29.27 -9.57
CA PHE C 48 -1.07 -29.12 -8.41
C PHE C 48 -2.45 -28.65 -8.82
N ASN C 49 -3.32 -28.41 -7.83
CA ASN C 49 -4.67 -27.89 -8.10
C ASN C 49 -5.31 -28.49 -9.35
N SER C 50 -5.48 -29.81 -9.35
CA SER C 50 -5.84 -30.55 -10.56
C SER C 50 -7.19 -31.29 -10.50
N ALA C 51 -7.75 -31.58 -11.68
CA ALA C 51 -9.10 -32.13 -11.81
C ALA C 51 -9.09 -33.62 -12.16
N VAL C 52 -10.03 -34.36 -11.57
CA VAL C 52 -10.08 -35.82 -11.72
C VAL C 52 -11.53 -36.33 -11.76
N VAL C 53 -11.81 -37.26 -12.68
CA VAL C 53 -13.09 -37.93 -12.77
C VAL C 53 -12.92 -39.40 -13.13
N PRO C 54 -13.95 -40.22 -12.86
CA PRO C 54 -13.93 -41.55 -13.47
C PRO C 54 -14.03 -41.47 -15.00
N TYR C 55 -13.19 -42.21 -15.70
CA TYR C 55 -13.31 -42.32 -17.14
C TYR C 55 -12.58 -43.56 -17.61
N GLU C 56 -13.28 -44.39 -18.39
CA GLU C 56 -12.70 -45.63 -18.87
C GLU C 56 -11.93 -45.40 -20.16
N SER C 57 -10.63 -45.67 -20.14
CA SER C 57 -9.82 -45.57 -21.35
C SER C 57 -8.80 -46.70 -21.42
N GLU C 58 -7.96 -46.64 -22.46
CA GLU C 58 -6.91 -47.64 -22.62
C GLU C 58 -5.83 -47.45 -21.56
N LYS C 59 -5.76 -46.25 -21.01
CA LYS C 59 -4.71 -45.96 -20.05
C LYS C 59 -5.19 -46.02 -18.62
N GLY C 60 -6.45 -46.43 -18.42
CA GLY C 60 -6.93 -46.63 -17.08
C GLY C 60 -8.41 -46.45 -16.84
N LYS C 61 -8.74 -46.16 -15.58
CA LYS C 61 -10.10 -46.05 -15.09
C LYS C 61 -10.41 -44.61 -14.65
N PHE C 62 -9.38 -43.77 -14.68
CA PHE C 62 -9.50 -42.37 -14.31
C PHE C 62 -8.79 -41.46 -15.31
N ALA C 63 -9.38 -40.31 -15.58
CA ALA C 63 -8.76 -39.29 -16.42
C ALA C 63 -8.70 -37.99 -15.64
N GLY C 64 -7.89 -37.04 -16.13
CA GLY C 64 -7.79 -35.77 -15.45
C GLY C 64 -7.24 -34.62 -16.28
N VAL C 65 -7.50 -33.40 -15.81
CA VAL C 65 -6.85 -32.22 -16.34
C VAL C 65 -5.96 -31.67 -15.23
N PHE C 66 -4.67 -31.54 -15.52
CA PHE C 66 -3.72 -31.20 -14.48
C PHE C 66 -3.06 -29.84 -14.72
N ARG C 67 -3.01 -29.03 -13.71
CA ARG C 67 -2.26 -27.82 -13.79
C ARG C 67 -0.79 -28.10 -13.68
N VAL C 68 -0.09 -27.74 -14.73
CA VAL C 68 1.36 -27.91 -14.74
C VAL C 68 1.97 -26.55 -14.98
N ASP C 69 2.78 -26.10 -14.04
CA ASP C 69 3.59 -24.91 -14.25
C ASP C 69 4.97 -25.36 -14.70
N ASP C 70 5.47 -24.79 -15.80
CA ASP C 70 6.75 -25.23 -16.34
C ASP C 70 7.94 -24.43 -15.80
N LYS C 71 9.12 -24.67 -16.35
CA LYS C 71 10.31 -24.05 -15.82
C LYS C 71 10.51 -22.62 -16.33
N CYS C 72 9.55 -22.11 -17.09
CA CYS C 72 9.40 -20.68 -17.36
C CYS C 72 8.48 -20.08 -16.30
N ARG C 73 7.89 -20.96 -15.50
CA ARG C 73 6.77 -20.66 -14.60
C ARG C 73 5.51 -20.26 -15.36
N ASN C 74 5.42 -20.67 -16.63
CA ASN C 74 4.15 -20.58 -17.35
C ASN C 74 3.12 -21.51 -16.70
N MET C 75 1.86 -21.11 -16.73
CA MET C 75 0.78 -21.90 -16.14
C MET C 75 -0.01 -22.59 -17.25
N GLU C 76 -0.08 -23.92 -17.21
CA GLU C 76 -0.65 -24.75 -18.29
C GLU C 76 -1.58 -25.84 -17.79
N LEU C 77 -2.30 -26.43 -18.75
CA LEU C 77 -3.12 -27.61 -18.50
C LEU C 77 -2.61 -28.82 -19.32
N HIS C 78 -2.43 -29.95 -18.64
CA HIS C 78 -2.08 -31.23 -19.27
C HIS C 78 -3.14 -32.31 -18.96
N ALA C 79 -3.57 -33.05 -19.98
CA ALA C 79 -4.44 -34.20 -19.74
C ALA C 79 -3.63 -35.35 -19.16
N GLY C 80 -4.27 -36.20 -18.36
CA GLY C 80 -3.60 -37.34 -17.75
C GLY C 80 -4.51 -38.52 -17.45
N PHE C 81 -3.89 -39.69 -17.21
CA PHE C 81 -4.67 -40.91 -17.02
C PHE C 81 -4.08 -41.79 -15.90
N SER C 82 -4.95 -42.58 -15.29
CA SER C 82 -4.57 -43.46 -14.18
C SER C 82 -5.44 -44.73 -14.12
N LYS C 83 -4.80 -45.86 -13.84
CA LYS C 83 -5.51 -47.11 -13.64
C LYS C 83 -6.07 -47.20 -12.23
N ASP C 84 -5.36 -46.61 -11.26
CA ASP C 84 -5.78 -46.77 -9.88
C ASP C 84 -6.21 -45.45 -9.21
N GLY C 85 -6.00 -44.32 -9.89
CA GLY C 85 -6.37 -43.03 -9.34
C GLY C 85 -5.30 -42.41 -8.45
N ILE C 86 -4.16 -43.10 -8.32
CA ILE C 86 -3.10 -42.66 -7.41
C ILE C 86 -1.81 -42.40 -8.15
N HIS C 87 -1.44 -43.36 -9.01
CA HIS C 87 -0.31 -43.21 -9.91
C HIS C 87 -0.80 -42.68 -11.26
N TRP C 88 -0.17 -41.62 -11.75
CA TRP C 88 -0.71 -40.92 -12.90
C TRP C 88 0.23 -40.87 -14.07
N ASP C 89 -0.33 -41.14 -15.25
CA ASP C 89 0.36 -40.95 -16.52
C ASP C 89 -0.09 -39.62 -17.11
N ILE C 90 0.74 -38.60 -16.96
CA ILE C 90 0.35 -37.27 -17.40
C ILE C 90 1.05 -36.91 -18.70
N ASN C 91 0.27 -36.49 -19.69
CA ASN C 91 0.82 -36.03 -20.96
C ASN C 91 1.95 -35.05 -20.79
N PRO C 92 3.07 -35.27 -21.50
CA PRO C 92 4.25 -34.41 -21.45
C PRO C 92 3.95 -32.99 -21.86
N ASP C 93 3.02 -32.83 -22.80
CA ASP C 93 2.77 -31.55 -23.44
C ASP C 93 1.41 -31.01 -23.06
N ARG C 94 1.22 -29.69 -23.23
CA ARG C 94 -0.02 -29.04 -22.83
C ARG C 94 -1.17 -29.39 -23.77
N ILE C 95 -2.37 -29.32 -23.22
CA ILE C 95 -3.56 -29.29 -24.03
C ILE C 95 -3.50 -28.08 -24.97
N VAL C 96 -3.59 -28.37 -26.26
CA VAL C 96 -3.77 -27.32 -27.25
C VAL C 96 -5.23 -27.34 -27.67
N PHE C 97 -5.96 -26.30 -27.27
CA PHE C 97 -7.41 -26.31 -27.47
C PHE C 97 -7.82 -26.11 -28.92
N GLU C 98 -8.88 -26.80 -29.31
CA GLU C 98 -9.58 -26.49 -30.54
C GLU C 98 -10.83 -25.71 -30.21
N GLN C 99 -11.12 -24.72 -31.06
CA GLN C 99 -12.34 -23.93 -30.91
C GLN C 99 -13.56 -24.73 -31.34
N ALA C 100 -14.55 -24.81 -30.45
CA ALA C 100 -15.80 -25.49 -30.74
C ALA C 100 -16.48 -24.85 -31.93
N GLU C 101 -16.57 -23.54 -31.90
CA GLU C 101 -17.20 -22.79 -32.96
C GLU C 101 -16.22 -21.84 -33.58
N LYS C 102 -16.41 -21.58 -34.86
CA LYS C 102 -15.56 -20.68 -35.60
C LYS C 102 -15.60 -19.28 -34.99
N SER C 103 -16.70 -18.95 -34.34
CA SER C 103 -16.90 -17.62 -33.78
C SER C 103 -15.93 -17.24 -32.65
N THR C 104 -15.19 -18.21 -32.11
CA THR C 104 -14.21 -17.90 -31.07
C THR C 104 -12.78 -18.03 -31.56
N GLU C 105 -12.60 -18.17 -32.87
CA GLU C 105 -11.26 -18.37 -33.43
C GLU C 105 -10.33 -17.20 -33.17
N GLU C 106 -10.85 -15.98 -33.21
CA GLU C 106 -10.03 -14.80 -32.94
C GLU C 106 -9.87 -14.49 -31.46
N VAL C 107 -10.95 -14.59 -30.70
CA VAL C 107 -10.93 -14.29 -29.27
C VAL C 107 -10.00 -15.16 -28.43
N ASN C 108 -10.15 -16.47 -28.58
CA ASN C 108 -9.48 -17.38 -27.67
C ASN C 108 -8.06 -17.68 -28.13
N GLN C 109 -7.18 -16.73 -27.89
CA GLN C 109 -5.74 -16.94 -28.04
C GLN C 109 -5.22 -17.52 -26.74
N TRP C 110 -4.37 -18.54 -26.81
CA TRP C 110 -3.80 -19.12 -25.60
C TRP C 110 -2.85 -18.15 -24.90
N GLY C 111 -3.10 -17.90 -23.62
CA GLY C 111 -2.20 -17.11 -22.79
C GLY C 111 -1.69 -17.99 -21.67
N TYR C 112 -2.57 -18.28 -20.71
CA TYR C 112 -2.25 -19.24 -19.65
C TYR C 112 -3.55 -19.90 -19.18
N GLY C 113 -3.43 -20.94 -18.38
CA GLY C 113 -4.59 -21.58 -17.78
C GLY C 113 -4.23 -22.37 -16.54
N TYR C 114 -4.96 -22.23 -15.46
CA TYR C 114 -4.72 -22.95 -14.23
C TYR C 114 -5.97 -23.40 -13.50
N ASP C 115 -5.82 -24.27 -12.52
CA ASP C 115 -6.86 -24.74 -11.62
C ASP C 115 -8.13 -25.21 -12.31
N PRO C 116 -8.02 -26.27 -13.13
CA PRO C 116 -9.18 -26.80 -13.83
C PRO C 116 -10.12 -27.52 -12.88
N ARG C 117 -11.41 -27.44 -13.17
CA ARG C 117 -12.34 -28.36 -12.56
C ARG C 117 -13.07 -29.03 -13.72
N VAL C 118 -13.43 -30.29 -13.54
CA VAL C 118 -13.99 -31.11 -14.60
C VAL C 118 -15.11 -31.97 -14.05
N CYS C 119 -16.22 -32.02 -14.76
CA CYS C 119 -17.28 -32.97 -14.44
C CYS C 119 -18.02 -33.36 -15.70
N PHE C 120 -18.66 -34.53 -15.64
CA PHE C 120 -19.47 -35.04 -16.74
C PHE C 120 -20.85 -34.44 -16.62
N ILE C 121 -21.37 -33.88 -17.71
CA ILE C 121 -22.77 -33.48 -17.71
C ILE C 121 -23.46 -34.01 -18.95
N GLU C 122 -24.54 -34.76 -18.71
CA GLU C 122 -25.38 -35.48 -19.68
C GLU C 122 -24.66 -36.28 -20.79
N ASP C 123 -23.85 -35.64 -21.62
CA ASP C 123 -23.23 -36.37 -22.73
C ASP C 123 -21.72 -36.13 -22.94
N ARG C 124 -21.09 -35.39 -22.03
CA ARG C 124 -19.69 -35.07 -22.20
C ARG C 124 -19.09 -34.54 -20.92
N PHE C 125 -17.76 -34.39 -20.92
CA PHE C 125 -17.05 -33.80 -19.79
C PHE C 125 -16.82 -32.32 -20.05
N TRP C 126 -17.24 -31.50 -19.09
CA TRP C 126 -17.02 -30.06 -19.17
C TRP C 126 -15.82 -29.64 -18.35
N VAL C 127 -15.00 -28.76 -18.92
CA VAL C 127 -13.81 -28.27 -18.25
C VAL C 127 -13.85 -26.76 -18.05
N THR C 128 -13.76 -26.33 -16.79
CA THR C 128 -13.58 -24.92 -16.49
C THR C 128 -12.22 -24.68 -15.86
N TRP C 129 -11.70 -23.48 -16.01
CA TRP C 129 -10.38 -23.16 -15.49
C TRP C 129 -10.19 -21.65 -15.47
N CYS C 130 -9.17 -21.19 -14.77
CA CYS C 130 -8.84 -19.77 -14.82
C CYS C 130 -8.03 -19.50 -16.08
N ASN C 131 -8.68 -18.87 -17.05
CA ASN C 131 -8.11 -18.67 -18.38
C ASN C 131 -7.73 -17.22 -18.61
N ALA C 132 -6.56 -16.97 -19.17
CA ALA C 132 -6.19 -15.62 -19.55
C ALA C 132 -6.96 -15.14 -20.79
N TYR C 133 -7.71 -14.05 -20.66
CA TYR C 133 -8.17 -13.33 -21.85
C TYR C 133 -7.45 -11.97 -21.87
N GLY C 134 -6.57 -11.78 -22.84
CA GLY C 134 -5.68 -10.63 -22.84
C GLY C 134 -4.88 -10.51 -21.53
N TRP C 135 -4.37 -11.64 -21.04
CA TRP C 135 -3.56 -11.71 -19.81
C TRP C 135 -4.32 -11.23 -18.57
N LYS C 136 -5.64 -11.36 -18.60
CA LYS C 136 -6.48 -11.07 -17.45
C LYS C 136 -7.28 -12.32 -17.10
N PRO C 137 -7.34 -12.67 -15.80
CA PRO C 137 -8.01 -13.89 -15.38
C PRO C 137 -9.53 -13.86 -15.55
N THR C 138 -10.05 -14.89 -16.22
CA THR C 138 -11.49 -15.12 -16.22
C THR C 138 -11.71 -16.64 -16.22
N ILE C 139 -12.95 -17.08 -16.39
CA ILE C 139 -13.23 -18.52 -16.39
C ILE C 139 -13.30 -19.07 -17.81
N GLY C 140 -12.31 -19.87 -18.18
CA GLY C 140 -12.36 -20.61 -19.44
C GLY C 140 -13.36 -21.76 -19.38
N VAL C 141 -13.90 -22.11 -20.55
CA VAL C 141 -14.86 -23.20 -20.68
C VAL C 141 -14.52 -24.07 -21.90
N ALA C 142 -14.51 -25.38 -21.72
CA ALA C 142 -14.27 -26.29 -22.81
C ALA C 142 -14.98 -27.61 -22.55
N TYR C 143 -15.11 -28.45 -23.58
CA TYR C 143 -15.61 -29.80 -23.32
C TYR C 143 -14.76 -30.82 -24.06
N THR C 144 -14.94 -32.08 -23.64
CA THR C 144 -14.20 -33.18 -24.25
C THR C 144 -14.98 -34.47 -24.07
N PHE C 145 -14.87 -35.36 -25.06
CA PHE C 145 -15.52 -36.66 -25.00
C PHE C 145 -14.55 -37.75 -24.60
N ASP C 146 -13.27 -37.53 -24.89
CA ASP C 146 -12.29 -38.59 -24.75
C ASP C 146 -11.01 -38.20 -24.01
N PHE C 147 -10.96 -36.96 -23.52
CA PHE C 147 -9.77 -36.40 -22.87
C PHE C 147 -8.54 -36.43 -23.78
N LYS C 148 -8.79 -36.54 -25.09
CA LYS C 148 -7.74 -36.42 -26.08
C LYS C 148 -7.88 -35.09 -26.83
N THR C 149 -9.08 -34.83 -27.34
CA THR C 149 -9.34 -33.56 -27.97
C THR C 149 -10.21 -32.69 -27.07
N PHE C 150 -9.82 -31.43 -26.95
CA PHE C 150 -10.52 -30.48 -26.07
C PHE C 150 -11.05 -29.31 -26.88
N TYR C 151 -12.36 -29.07 -26.75
CA TYR C 151 -13.05 -28.07 -27.53
C TYR C 151 -13.42 -26.84 -26.69
N GLN C 152 -12.71 -25.75 -26.93
CA GLN C 152 -12.88 -24.53 -26.15
C GLN C 152 -14.11 -23.73 -26.56
N CYS C 153 -14.82 -23.20 -25.57
CA CYS C 153 -16.01 -22.38 -25.84
C CYS C 153 -15.74 -20.96 -25.38
N GLU C 154 -16.79 -20.14 -25.33
CA GLU C 154 -16.64 -18.77 -24.83
C GLU C 154 -16.28 -18.78 -23.35
N ASN C 155 -15.31 -17.95 -22.96
CA ASN C 155 -15.11 -17.60 -21.56
C ASN C 155 -16.47 -17.20 -20.97
N ALA C 156 -16.82 -17.79 -19.84
CA ALA C 156 -18.18 -17.59 -19.32
C ALA C 156 -18.41 -16.16 -18.82
N PHE C 157 -17.34 -15.49 -18.42
CA PHE C 157 -17.47 -14.18 -17.79
C PHE C 157 -16.43 -13.19 -18.24
N LEU C 158 -16.66 -11.94 -17.90
CA LEU C 158 -15.62 -10.93 -17.93
C LEU C 158 -14.55 -11.19 -16.87
N PRO C 159 -13.32 -10.73 -17.11
CA PRO C 159 -12.38 -10.61 -15.99
C PRO C 159 -12.98 -9.63 -14.97
N PHE C 160 -12.53 -9.64 -13.72
CA PHE C 160 -11.53 -10.55 -13.21
C PHE C 160 -12.22 -11.59 -12.37
N ASN C 161 -11.96 -12.86 -12.65
CA ASN C 161 -12.72 -13.95 -12.06
C ASN C 161 -11.88 -15.21 -12.00
N ARG C 162 -12.12 -16.01 -10.99
CA ARG C 162 -11.40 -17.23 -10.75
C ARG C 162 -12.27 -18.24 -9.99
N ASN C 163 -11.82 -19.49 -9.91
CA ASN C 163 -12.55 -20.54 -9.20
C ASN C 163 -13.94 -20.78 -9.79
N GLY C 164 -13.99 -20.94 -11.12
CA GLY C 164 -15.21 -21.31 -11.80
C GLY C 164 -15.43 -22.81 -11.68
N VAL C 165 -16.57 -23.20 -11.11
CA VAL C 165 -16.88 -24.61 -10.89
C VAL C 165 -18.34 -24.94 -11.22
N LEU C 166 -18.53 -25.85 -12.17
CA LEU C 166 -19.86 -26.27 -12.61
C LEU C 166 -20.50 -27.25 -11.65
N PHE C 167 -21.80 -27.07 -11.45
CA PHE C 167 -22.66 -28.10 -10.87
C PHE C 167 -22.85 -29.19 -11.93
N PRO C 168 -22.93 -30.46 -11.50
CA PRO C 168 -22.78 -31.54 -12.49
C PRO C 168 -24.07 -31.86 -13.25
N ARG C 169 -25.11 -31.06 -13.08
CA ARG C 169 -26.29 -31.16 -13.92
C ARG C 169 -26.96 -29.81 -14.02
N LYS C 170 -27.92 -29.69 -14.93
CA LYS C 170 -28.77 -28.52 -14.98
C LYS C 170 -29.65 -28.52 -13.73
N ILE C 171 -29.99 -27.32 -13.26
CA ILE C 171 -30.93 -27.11 -12.16
C ILE C 171 -31.99 -26.14 -12.66
N ASN C 172 -33.25 -26.57 -12.63
CA ASN C 172 -34.36 -25.80 -13.19
C ASN C 172 -34.07 -25.40 -14.64
N GLY C 173 -33.54 -26.34 -15.40
CA GLY C 173 -33.33 -26.15 -16.82
C GLY C 173 -32.08 -25.38 -17.23
N LYS C 174 -31.25 -25.01 -16.25
CA LYS C 174 -30.08 -24.19 -16.54
C LYS C 174 -28.79 -24.77 -15.97
N TYR C 175 -27.69 -24.58 -16.69
CA TYR C 175 -26.37 -24.81 -16.11
C TYR C 175 -26.07 -23.80 -15.01
N VAL C 176 -25.37 -24.26 -13.98
CA VAL C 176 -25.07 -23.43 -12.81
C VAL C 176 -23.59 -23.50 -12.49
N MET C 177 -22.93 -22.36 -12.35
CA MET C 177 -21.50 -22.35 -12.08
C MET C 177 -21.12 -21.47 -10.90
N PHE C 178 -20.36 -22.05 -9.97
CA PHE C 178 -19.63 -21.25 -8.99
C PHE C 178 -18.66 -20.37 -9.74
N SER C 179 -18.51 -19.13 -9.31
CA SER C 179 -17.29 -18.38 -9.61
C SER C 179 -16.91 -17.48 -8.41
N ARG C 180 -15.93 -16.62 -8.62
CA ARG C 180 -15.39 -15.84 -7.51
C ARG C 180 -14.72 -14.56 -8.03
N PRO C 181 -15.51 -13.49 -8.16
CA PRO C 181 -15.00 -12.19 -8.59
C PRO C 181 -13.70 -11.82 -7.83
N SER C 182 -12.70 -11.43 -8.60
CA SER C 182 -11.37 -11.16 -8.10
C SER C 182 -10.89 -9.82 -8.60
N ASP C 183 -9.58 -9.64 -8.62
CA ASP C 183 -8.95 -8.45 -9.19
C ASP C 183 -7.75 -8.85 -10.03
N SER C 184 -6.88 -7.90 -10.36
CA SER C 184 -5.76 -8.17 -11.26
C SER C 184 -4.52 -8.75 -10.58
N GLY C 185 -4.60 -9.05 -9.29
CA GLY C 185 -3.47 -9.59 -8.58
C GLY C 185 -3.76 -10.68 -7.57
N HIS C 186 -3.06 -10.62 -6.44
CA HIS C 186 -3.26 -11.59 -5.38
C HIS C 186 -4.37 -11.05 -4.51
N THR C 187 -5.57 -11.33 -4.97
CA THR C 187 -6.81 -10.74 -4.48
C THR C 187 -6.99 -10.81 -2.96
N PRO C 188 -7.15 -9.65 -2.31
CA PRO C 188 -7.36 -9.56 -0.87
C PRO C 188 -8.85 -9.62 -0.49
N PHE C 189 -9.66 -10.27 -1.31
CA PHE C 189 -11.09 -10.39 -1.04
C PHE C 189 -11.65 -11.55 -1.83
N GLY C 190 -12.86 -11.97 -1.50
CA GLY C 190 -13.51 -12.98 -2.29
C GLY C 190 -14.73 -13.66 -1.71
N ASP C 191 -15.89 -13.40 -2.32
CA ASP C 191 -17.14 -14.12 -2.07
C ASP C 191 -17.48 -15.14 -3.18
N MET C 192 -18.10 -16.23 -2.79
CA MET C 192 -18.59 -17.18 -3.77
C MET C 192 -19.94 -16.73 -4.35
N PHE C 193 -20.06 -16.81 -5.67
CA PHE C 193 -21.30 -16.57 -6.40
C PHE C 193 -21.65 -17.77 -7.28
N ILE C 194 -22.92 -17.91 -7.65
CA ILE C 194 -23.25 -18.74 -8.78
C ILE C 194 -23.84 -17.88 -9.91
N SER C 195 -23.77 -18.42 -11.12
CA SER C 195 -24.34 -17.83 -12.32
C SER C 195 -25.04 -18.94 -13.09
N GLN C 196 -26.02 -18.57 -13.89
CA GLN C 196 -26.86 -19.54 -14.54
C GLN C 196 -26.88 -19.31 -16.05
N SER C 197 -27.03 -20.39 -16.81
CA SER C 197 -27.00 -20.32 -18.26
C SER C 197 -27.87 -21.40 -18.89
N PRO C 198 -28.72 -21.01 -19.85
CA PRO C 198 -29.52 -21.98 -20.62
C PRO C 198 -28.69 -22.82 -21.60
N ASP C 199 -27.56 -22.29 -22.06
CA ASP C 199 -26.87 -22.88 -23.20
C ASP C 199 -25.35 -22.98 -23.07
N MET C 200 -24.81 -22.73 -21.87
CA MET C 200 -23.36 -22.70 -21.65
C MET C 200 -22.60 -21.60 -22.40
N LYS C 201 -23.31 -20.60 -22.91
CA LYS C 201 -22.64 -19.47 -23.58
C LYS C 201 -22.99 -18.12 -22.93
N TYR C 202 -24.28 -17.91 -22.66
CA TYR C 202 -24.74 -16.64 -22.10
C TYR C 202 -25.10 -16.85 -20.63
N TRP C 203 -24.57 -15.98 -19.77
CA TRP C 203 -24.72 -16.15 -18.33
C TRP C 203 -25.46 -14.99 -17.66
N GLY C 204 -26.21 -15.30 -16.62
CA GLY C 204 -27.06 -14.31 -15.99
C GLY C 204 -27.65 -14.86 -14.71
N GLU C 205 -28.56 -14.10 -14.12
CA GLU C 205 -29.20 -14.45 -12.85
C GLU C 205 -28.13 -14.77 -11.79
N HIS C 206 -27.25 -13.80 -11.56
CA HIS C 206 -26.13 -13.98 -10.64
C HIS C 206 -26.67 -13.90 -9.22
N ARG C 207 -26.24 -14.83 -8.37
CA ARG C 207 -26.65 -14.87 -6.98
C ARG C 207 -25.45 -15.01 -6.05
N HIS C 208 -25.50 -14.30 -4.92
CA HIS C 208 -24.46 -14.39 -3.91
C HIS C 208 -24.64 -15.67 -3.11
N VAL C 209 -23.57 -16.46 -2.97
CA VAL C 209 -23.64 -17.66 -2.16
C VAL C 209 -23.33 -17.31 -0.70
N MET C 210 -22.07 -16.95 -0.45
CA MET C 210 -21.62 -16.59 0.88
C MET C 210 -20.26 -15.89 0.79
N GLY C 211 -19.77 -15.35 1.91
CA GLY C 211 -18.47 -14.71 1.92
C GLY C 211 -17.62 -15.13 3.11
N PRO C 212 -16.44 -14.49 3.28
CA PRO C 212 -15.57 -14.81 4.42
C PRO C 212 -16.28 -14.65 5.77
N LEU C 213 -16.05 -15.59 6.68
CA LEU C 213 -16.77 -15.57 7.95
C LEU C 213 -15.88 -15.86 9.13
N ARG C 214 -15.60 -17.13 9.38
CA ARG C 214 -14.78 -17.52 10.52
C ARG C 214 -13.33 -17.09 10.29
N ALA C 215 -12.51 -17.18 11.33
CA ALA C 215 -11.13 -16.68 11.26
C ALA C 215 -10.28 -17.37 10.20
N TRP C 216 -10.42 -18.70 10.06
CA TRP C 216 -9.60 -19.47 9.10
C TRP C 216 -9.94 -19.12 7.63
N GLU C 217 -11.09 -18.49 7.44
CA GLU C 217 -11.59 -18.17 6.11
C GLU C 217 -11.96 -16.68 6.07
N SER C 218 -11.19 -15.85 6.78
CA SER C 218 -11.64 -14.48 6.99
C SER C 218 -11.20 -13.52 5.89
N LYS C 219 -10.17 -13.89 5.13
CA LYS C 219 -9.68 -13.02 4.07
C LYS C 219 -10.46 -13.19 2.76
N LYS C 220 -10.69 -14.45 2.37
CA LYS C 220 -11.44 -14.75 1.15
C LYS C 220 -11.78 -16.24 1.03
N ILE C 221 -12.82 -16.52 0.23
CA ILE C 221 -13.19 -17.91 -0.02
C ILE C 221 -13.39 -18.16 -1.51
N GLY C 222 -13.41 -19.42 -1.90
CA GLY C 222 -13.74 -19.82 -3.26
C GLY C 222 -14.08 -21.31 -3.35
N ALA C 223 -14.93 -21.67 -4.30
CA ALA C 223 -15.29 -23.06 -4.56
C ALA C 223 -14.07 -23.95 -4.77
N GLY C 224 -14.22 -25.22 -4.41
CA GLY C 224 -13.16 -26.18 -4.63
C GLY C 224 -13.50 -27.13 -5.76
N PRO C 225 -13.83 -28.38 -5.40
CA PRO C 225 -14.21 -29.42 -6.35
C PRO C 225 -15.69 -29.36 -6.75
N ILE C 226 -16.08 -30.21 -7.71
CA ILE C 226 -17.45 -30.26 -8.21
C ILE C 226 -18.40 -30.55 -7.06
N PRO C 227 -19.52 -29.80 -6.99
CA PRO C 227 -20.57 -30.07 -6.01
C PRO C 227 -21.06 -31.53 -6.07
N ILE C 228 -21.34 -32.09 -4.89
CA ILE C 228 -21.81 -33.45 -4.75
C ILE C 228 -23.28 -33.42 -4.37
N GLU C 229 -24.13 -34.07 -5.16
CA GLU C 229 -25.55 -34.09 -4.82
C GLU C 229 -25.87 -35.15 -3.76
N THR C 230 -26.50 -34.70 -2.68
CA THR C 230 -26.91 -35.58 -1.59
C THR C 230 -28.38 -35.34 -1.19
N SER C 231 -28.89 -36.20 -0.31
CA SER C 231 -30.25 -36.01 0.20
C SER C 231 -30.36 -34.81 1.14
N GLU C 232 -29.21 -34.25 1.53
CA GLU C 232 -29.16 -33.03 2.34
C GLU C 232 -29.08 -31.79 1.45
N GLY C 233 -28.79 -32.01 0.17
CA GLY C 233 -28.58 -30.94 -0.76
C GLY C 233 -27.20 -31.03 -1.36
N TRP C 234 -26.67 -29.90 -1.83
CA TRP C 234 -25.37 -29.90 -2.48
C TRP C 234 -24.23 -29.83 -1.47
N LEU C 235 -23.45 -30.91 -1.38
CA LEU C 235 -22.28 -30.95 -0.51
C LEU C 235 -21.08 -30.34 -1.21
N CYS C 236 -20.62 -29.21 -0.69
CA CYS C 236 -19.61 -28.40 -1.38
C CYS C 236 -18.36 -28.11 -0.54
N PHE C 237 -17.24 -28.70 -0.92
CA PHE C 237 -15.96 -28.28 -0.36
C PHE C 237 -15.51 -26.97 -0.97
N TYR C 238 -15.07 -26.05 -0.12
CA TYR C 238 -14.54 -24.78 -0.57
C TYR C 238 -13.28 -24.47 0.20
N HIS C 239 -12.44 -23.64 -0.38
CA HIS C 239 -11.24 -23.19 0.32
C HIS C 239 -11.49 -21.85 1.00
N GLY C 240 -10.68 -21.55 2.01
CA GLY C 240 -10.73 -20.29 2.72
C GLY C 240 -9.35 -19.81 3.10
N VAL C 241 -9.21 -18.49 3.25
CA VAL C 241 -7.89 -17.90 3.47
C VAL C 241 -7.84 -17.10 4.77
N LEU C 242 -6.80 -17.34 5.55
CA LEU C 242 -6.45 -16.46 6.65
C LEU C 242 -5.17 -15.73 6.24
N GLU C 243 -5.11 -14.44 6.53
CA GLU C 243 -3.92 -13.66 6.26
C GLU C 243 -3.11 -13.45 7.54
N SER C 244 -1.91 -13.98 7.58
CA SER C 244 -1.01 -13.70 8.69
C SER C 244 -0.17 -12.49 8.33
N CYS C 245 0.84 -12.20 9.15
CA CYS C 245 1.76 -11.11 8.84
C CYS C 245 2.71 -11.49 7.71
N ASN C 246 2.81 -12.79 7.40
CA ASN C 246 3.76 -13.22 6.37
C ASN C 246 3.12 -13.66 5.05
N GLY C 247 1.80 -13.72 5.00
CA GLY C 247 1.08 -14.05 3.78
C GLY C 247 -0.25 -14.75 4.00
N PHE C 248 -0.61 -15.64 3.08
CA PHE C 248 -1.91 -16.31 3.14
C PHE C 248 -1.77 -17.74 3.65
N VAL C 249 -2.80 -18.23 4.31
CA VAL C 249 -2.88 -19.62 4.72
C VAL C 249 -4.19 -20.17 4.16
N TYR C 250 -4.07 -21.07 3.18
CA TYR C 250 -5.22 -21.69 2.50
C TYR C 250 -5.59 -23.03 3.13
N SER C 251 -6.76 -23.10 3.73
CA SER C 251 -7.31 -24.35 4.25
C SER C 251 -8.58 -24.67 3.47
N PHE C 252 -9.19 -25.82 3.71
CA PHE C 252 -10.50 -26.02 3.13
C PHE C 252 -11.49 -26.72 4.06
N SER C 253 -12.77 -26.52 3.80
CA SER C 253 -13.84 -27.12 4.60
C SER C 253 -15.02 -27.46 3.70
N ALA C 254 -16.23 -27.48 4.26
CA ALA C 254 -17.41 -27.84 3.48
C ALA C 254 -18.68 -27.13 3.93
N CYS C 255 -19.58 -26.92 2.97
CA CYS C 255 -20.89 -26.40 3.29
C CYS C 255 -21.93 -27.27 2.60
N ILE C 256 -23.19 -27.07 2.99
CA ILE C 256 -24.31 -27.74 2.33
C ILE C 256 -25.27 -26.70 1.77
N LEU C 257 -25.56 -26.80 0.48
CA LEU C 257 -26.38 -25.81 -0.20
C LEU C 257 -27.73 -26.36 -0.65
N ASP C 258 -28.74 -25.51 -0.66
CA ASP C 258 -30.09 -25.88 -1.08
C ASP C 258 -30.11 -26.55 -2.44
N LYS C 259 -30.82 -27.67 -2.53
CA LYS C 259 -30.90 -28.45 -3.76
C LYS C 259 -31.42 -27.64 -4.96
N ASP C 260 -32.45 -26.83 -4.73
CA ASP C 260 -33.12 -26.09 -5.81
C ASP C 260 -32.50 -24.72 -6.08
N GLU C 261 -32.12 -24.02 -5.00
CA GLU C 261 -31.43 -22.73 -5.10
C GLU C 261 -30.06 -22.77 -4.37
N PRO C 262 -29.03 -23.26 -5.06
CA PRO C 262 -27.72 -23.54 -4.44
C PRO C 262 -27.00 -22.31 -3.87
N TRP C 263 -27.50 -21.10 -4.10
CA TRP C 263 -26.89 -19.93 -3.49
C TRP C 263 -27.36 -19.73 -2.04
N LYS C 264 -28.35 -20.53 -1.64
CA LYS C 264 -28.84 -20.45 -0.28
C LYS C 264 -28.13 -21.50 0.59
N VAL C 265 -27.49 -21.05 1.65
CA VAL C 265 -26.68 -21.94 2.48
C VAL C 265 -27.54 -22.64 3.52
N LYS C 266 -27.53 -23.98 3.54
CA LYS C 266 -28.29 -24.68 4.56
C LYS C 266 -27.43 -24.87 5.79
N TYR C 267 -26.21 -25.37 5.57
CA TYR C 267 -25.22 -25.53 6.63
C TYR C 267 -23.84 -25.14 6.10
N ARG C 268 -22.98 -24.66 7.00
CA ARG C 268 -21.62 -24.29 6.67
C ARG C 268 -20.74 -24.57 7.87
N CYS C 269 -19.70 -25.37 7.68
CA CYS C 269 -18.84 -25.77 8.79
C CYS C 269 -17.99 -24.61 9.31
N ALA C 270 -18.07 -24.36 10.62
CA ALA C 270 -17.32 -23.28 11.27
C ALA C 270 -15.81 -23.54 11.28
N GLU C 271 -15.41 -24.81 11.33
CA GLU C 271 -14.00 -25.17 11.30
C GLU C 271 -13.58 -25.56 9.91
N TYR C 272 -12.29 -25.43 9.63
CA TYR C 272 -11.70 -26.09 8.49
C TYR C 272 -11.71 -27.61 8.72
N LEU C 273 -11.65 -28.37 7.64
CA LEU C 273 -11.57 -29.84 7.72
C LEU C 273 -10.15 -30.31 7.38
N LEU C 274 -9.40 -29.42 6.76
CA LEU C 274 -7.99 -29.67 6.47
C LEU C 274 -7.25 -28.35 6.31
N SER C 275 -6.02 -28.32 6.78
CA SER C 275 -5.21 -27.13 6.70
C SER C 275 -3.73 -27.50 6.53
N PRO C 276 -2.88 -26.54 6.14
CA PRO C 276 -1.49 -26.88 5.90
C PRO C 276 -0.76 -27.23 7.18
N GLN C 277 -0.33 -28.48 7.30
CA GLN C 277 0.37 -28.93 8.49
C GLN C 277 1.53 -29.88 8.20
N LYS C 278 1.51 -30.56 7.06
CA LYS C 278 2.59 -31.49 6.77
C LYS C 278 3.68 -30.72 6.06
N ILE C 279 4.86 -31.31 5.98
CA ILE C 279 6.03 -30.61 5.43
C ILE C 279 5.76 -30.21 3.98
N TYR C 280 5.04 -31.06 3.24
CA TYR C 280 4.84 -30.84 1.81
C TYR C 280 3.68 -29.88 1.58
N GLU C 281 2.94 -29.59 2.64
CA GLU C 281 1.89 -28.57 2.63
C GLU C 281 2.39 -27.19 3.04
N CYS C 282 3.43 -27.15 3.85
CA CYS C 282 3.94 -25.89 4.40
C CYS C 282 5.16 -25.35 3.65
N VAL C 283 5.87 -26.24 2.97
CA VAL C 283 7.06 -25.83 2.24
C VAL C 283 6.93 -26.08 0.74
N GLY C 284 7.27 -25.06 -0.04
CA GLY C 284 7.26 -25.14 -1.49
C GLY C 284 7.12 -23.76 -2.10
N ASP C 285 6.66 -23.73 -3.35
CA ASP C 285 6.57 -22.51 -4.16
C ASP C 285 5.72 -21.43 -3.50
N VAL C 286 4.63 -21.85 -2.87
CA VAL C 286 3.78 -20.96 -2.09
C VAL C 286 3.53 -21.68 -0.77
N GLN C 287 4.00 -21.11 0.34
CA GLN C 287 3.91 -21.82 1.61
C GLN C 287 2.46 -21.88 2.12
N ASN C 288 2.16 -22.94 2.88
CA ASN C 288 0.89 -23.06 3.60
C ASN C 288 -0.30 -23.00 2.68
N VAL C 289 -0.38 -23.96 1.75
CA VAL C 289 -1.51 -24.09 0.87
C VAL C 289 -2.01 -25.54 0.81
N THR C 290 -3.29 -25.74 1.11
CA THR C 290 -3.97 -27.01 0.83
C THR C 290 -5.24 -26.67 0.04
N PHE C 291 -5.24 -27.01 -1.25
CA PHE C 291 -6.19 -26.44 -2.20
C PHE C 291 -6.88 -27.54 -3.04
N PRO C 292 -8.14 -27.87 -2.69
CA PRO C 292 -8.85 -28.98 -3.36
C PRO C 292 -9.58 -28.60 -4.64
N CYS C 293 -9.26 -29.29 -5.74
CA CYS C 293 -9.98 -29.08 -6.99
C CYS C 293 -10.80 -30.31 -7.47
N ALA C 294 -10.66 -31.46 -6.80
CA ALA C 294 -11.43 -32.64 -7.20
C ALA C 294 -11.68 -33.63 -6.08
N THR C 295 -12.84 -34.28 -6.14
CA THR C 295 -13.10 -35.46 -5.33
C THR C 295 -13.66 -36.58 -6.19
N LEU C 296 -13.42 -37.81 -5.77
CA LEU C 296 -14.13 -38.97 -6.29
C LEU C 296 -15.07 -39.43 -5.20
N VAL C 297 -16.29 -39.78 -5.58
CA VAL C 297 -17.26 -40.28 -4.61
C VAL C 297 -17.80 -41.63 -5.04
N ASP C 298 -17.68 -42.61 -4.15
CA ASP C 298 -18.32 -43.90 -4.38
C ASP C 298 -19.72 -43.87 -3.80
N ALA C 299 -20.73 -43.78 -4.67
CA ALA C 299 -22.10 -43.61 -4.21
C ALA C 299 -22.56 -44.83 -3.40
N ASP C 300 -21.94 -45.97 -3.64
CA ASP C 300 -22.38 -47.21 -3.00
C ASP C 300 -22.04 -47.26 -1.51
N THR C 301 -21.04 -46.48 -1.09
CA THR C 301 -20.52 -46.58 0.28
C THR C 301 -20.35 -45.21 0.95
N GLY C 302 -20.28 -44.15 0.15
CA GLY C 302 -20.08 -42.80 0.66
C GLY C 302 -18.62 -42.42 0.82
N ARG C 303 -17.72 -43.28 0.36
CA ARG C 303 -16.29 -42.97 0.41
C ARG C 303 -15.96 -41.81 -0.53
N ILE C 304 -15.14 -40.88 -0.04
CA ILE C 304 -14.68 -39.75 -0.84
C ILE C 304 -13.17 -39.73 -0.89
N ALA C 305 -12.60 -39.60 -2.09
CA ALA C 305 -11.15 -39.43 -2.24
C ALA C 305 -10.86 -38.02 -2.76
N ILE C 306 -10.18 -37.22 -1.95
CA ILE C 306 -9.96 -35.80 -2.23
C ILE C 306 -8.58 -35.54 -2.83
N TYR C 307 -8.55 -34.99 -4.05
CA TYR C 307 -7.30 -34.51 -4.65
C TYR C 307 -7.10 -33.03 -4.30
N TYR C 308 -5.91 -32.68 -3.80
CA TYR C 308 -5.65 -31.29 -3.43
C TYR C 308 -4.20 -30.85 -3.62
N GLY C 309 -4.04 -29.64 -4.17
CA GLY C 309 -2.73 -29.06 -4.35
C GLY C 309 -2.11 -28.73 -3.01
N CYS C 310 -0.80 -28.94 -2.91
CA CYS C 310 -0.05 -28.70 -1.68
C CYS C 310 1.06 -27.72 -1.95
N ALA C 311 1.03 -26.59 -1.26
CA ALA C 311 2.07 -25.57 -1.38
C ALA C 311 2.30 -25.11 -2.82
N ASP C 312 1.25 -25.17 -3.64
CA ASP C 312 1.37 -24.90 -5.07
C ASP C 312 2.55 -25.65 -5.69
N THR C 313 2.82 -26.86 -5.19
CA THR C 313 4.02 -27.61 -5.59
C THR C 313 3.72 -29.02 -6.11
N CYS C 314 2.80 -29.72 -5.43
CA CYS C 314 2.52 -31.13 -5.73
C CYS C 314 1.02 -31.46 -5.54
N VAL C 315 0.63 -32.69 -5.87
CA VAL C 315 -0.74 -33.14 -5.67
C VAL C 315 -0.79 -34.23 -4.61
N SER C 316 -1.68 -34.07 -3.63
CA SER C 316 -1.85 -35.03 -2.55
C SER C 316 -3.27 -35.55 -2.49
N MET C 317 -3.47 -36.57 -1.67
CA MET C 317 -4.78 -37.18 -1.52
C MET C 317 -5.15 -37.23 -0.06
N ALA C 318 -6.45 -37.16 0.20
CA ALA C 318 -7.00 -37.27 1.54
C ALA C 318 -8.32 -38.03 1.43
N PHE C 319 -8.79 -38.59 2.54
CA PHE C 319 -9.97 -39.45 2.55
C PHE C 319 -10.97 -39.08 3.63
N THR C 320 -12.26 -39.30 3.33
CA THR C 320 -13.33 -39.07 4.29
C THR C 320 -14.61 -39.70 3.74
N THR C 321 -15.70 -39.63 4.49
CA THR C 321 -16.98 -40.14 3.99
C THR C 321 -18.02 -39.04 3.93
N VAL C 322 -19.03 -39.25 3.09
CA VAL C 322 -20.13 -38.30 3.01
C VAL C 322 -20.82 -38.15 4.37
N ASP C 323 -21.09 -39.27 5.04
CA ASP C 323 -21.80 -39.23 6.31
C ASP C 323 -21.00 -38.46 7.36
N ASP C 324 -19.69 -38.69 7.39
CA ASP C 324 -18.81 -37.99 8.34
C ASP C 324 -18.80 -36.50 8.06
N VAL C 325 -18.58 -36.11 6.81
CA VAL C 325 -18.56 -34.69 6.48
C VAL C 325 -19.89 -34.05 6.82
N VAL C 326 -20.98 -34.66 6.34
CA VAL C 326 -22.31 -34.12 6.63
C VAL C 326 -22.59 -34.00 8.14
N ASP C 327 -22.35 -35.05 8.90
CA ASP C 327 -22.60 -35.01 10.34
C ASP C 327 -21.83 -33.87 10.98
N TYR C 328 -20.58 -33.71 10.57
CA TYR C 328 -19.71 -32.72 11.20
C TYR C 328 -20.08 -31.31 10.78
N VAL C 329 -20.43 -31.13 9.50
CA VAL C 329 -20.80 -29.80 8.98
C VAL C 329 -22.05 -29.28 9.68
N LYS C 330 -23.05 -30.15 9.80
CA LYS C 330 -24.32 -29.82 10.47
C LYS C 330 -24.14 -29.59 11.97
N SER C 331 -23.28 -30.37 12.61
CA SER C 331 -23.13 -30.28 14.06
C SER C 331 -22.14 -29.19 14.46
N HIS C 332 -21.42 -28.64 13.48
CA HIS C 332 -20.51 -27.53 13.74
C HIS C 332 -20.80 -26.35 12.82
N SER C 333 -22.08 -26.07 12.58
CA SER C 333 -22.46 -25.12 11.55
C SER C 333 -22.32 -23.66 12.01
N SER C 334 -21.90 -22.81 11.08
CA SER C 334 -21.81 -21.37 11.30
C SER C 334 -23.19 -20.72 11.20
N VAL C 335 -23.54 -20.21 10.02
CA VAL C 335 -24.84 -19.54 9.82
C VAL C 335 -25.46 -19.93 8.47
N MET D 1 -38.42 27.47 24.50
CA MET D 1 -37.63 26.45 23.82
C MET D 1 -37.99 25.04 24.30
N LYS D 2 -38.01 24.09 23.37
CA LYS D 2 -38.48 22.73 23.64
C LYS D 2 -37.48 21.93 24.47
N THR D 3 -36.21 22.00 24.09
CA THR D 3 -35.15 21.34 24.83
C THR D 3 -34.45 22.34 25.74
N GLN D 4 -34.22 21.96 26.99
CA GLN D 4 -33.56 22.86 27.93
C GLN D 4 -32.05 22.67 27.93
N ILE D 5 -31.33 23.78 28.12
CA ILE D 5 -29.88 23.75 28.30
C ILE D 5 -29.55 23.61 29.77
N ILE D 6 -28.75 22.60 30.10
CA ILE D 6 -28.46 22.27 31.49
C ILE D 6 -27.03 22.60 31.91
N ASN D 7 -26.90 23.22 33.08
CA ASN D 7 -25.63 23.72 33.58
C ASN D 7 -24.95 24.61 32.55
N GLY D 8 -25.77 25.42 31.87
CA GLY D 8 -25.26 26.31 30.84
C GLY D 8 -24.87 27.67 31.39
N VAL D 9 -24.70 28.62 30.49
CA VAL D 9 -24.40 29.99 30.88
C VAL D 9 -25.22 30.95 30.04
N SER D 10 -25.62 32.07 30.65
CA SER D 10 -26.32 33.11 29.93
C SER D 10 -25.35 33.88 29.06
N LEU D 11 -25.64 33.95 27.76
CA LEU D 11 -24.73 34.58 26.80
C LEU D 11 -25.45 35.52 25.83
N PRO D 12 -26.06 36.60 26.34
CA PRO D 12 -26.74 37.54 25.46
C PRO D 12 -25.79 38.15 24.43
N ASN D 13 -24.50 38.21 24.74
CA ASN D 13 -23.49 38.75 23.81
C ASN D 13 -22.93 37.71 22.81
N ILE D 14 -23.57 36.56 22.72
CA ILE D 14 -23.08 35.50 21.83
C ILE D 14 -23.04 36.00 20.38
N PRO D 15 -21.92 35.73 19.67
CA PRO D 15 -21.89 36.10 18.25
C PRO D 15 -23.06 35.44 17.55
N TRP D 16 -23.75 36.19 16.70
CA TRP D 16 -25.00 35.69 16.14
C TRP D 16 -25.39 36.41 14.86
N GLN D 17 -25.94 35.65 13.93
CA GLN D 17 -26.65 36.18 12.78
C GLN D 17 -27.87 35.32 12.60
N ASP D 18 -28.98 35.91 12.16
CA ASP D 18 -30.21 35.14 11.99
C ASP D 18 -30.12 34.30 10.73
N LYS D 19 -30.76 33.13 10.77
CA LYS D 19 -30.92 32.30 9.59
C LYS D 19 -31.52 33.07 8.43
N PRO D 20 -30.87 33.01 7.26
CA PRO D 20 -31.43 33.58 6.04
C PRO D 20 -32.72 32.87 5.63
N ALA D 21 -33.65 33.60 5.04
CA ALA D 21 -34.93 33.03 4.64
C ALA D 21 -34.77 31.97 3.54
N ASP D 22 -33.74 32.10 2.73
CA ASP D 22 -33.48 31.16 1.65
C ASP D 22 -32.72 29.92 2.13
N CYS D 23 -32.23 29.95 3.37
CA CYS D 23 -31.47 28.83 3.91
C CYS D 23 -32.38 27.66 4.26
N LYS D 24 -32.09 26.52 3.67
CA LYS D 24 -32.87 25.31 3.88
C LYS D 24 -32.10 24.29 4.73
N ASP D 25 -31.11 24.79 5.46
CA ASP D 25 -30.24 23.92 6.24
C ASP D 25 -30.46 24.10 7.75
N VAL D 26 -30.03 23.11 8.51
CA VAL D 26 -30.10 23.19 9.97
C VAL D 26 -29.10 24.24 10.48
N ILE D 27 -27.94 24.24 9.84
CA ILE D 27 -26.85 25.12 10.21
C ILE D 27 -26.55 26.08 9.08
N TRP D 28 -26.39 27.36 9.40
CA TRP D 28 -26.06 28.34 8.39
C TRP D 28 -24.73 29.01 8.74
N ARG D 29 -24.01 29.44 7.71
CA ARG D 29 -22.68 29.98 7.91
C ARG D 29 -22.72 31.49 8.08
N TYR D 30 -21.90 31.98 9.00
CA TYR D 30 -21.58 33.40 9.09
C TYR D 30 -21.27 33.94 7.70
N ASP D 31 -21.68 35.18 7.42
CA ASP D 31 -21.63 35.68 6.05
C ASP D 31 -20.36 36.46 5.69
N ALA D 32 -19.36 36.44 6.57
CA ALA D 32 -18.07 37.08 6.27
C ALA D 32 -16.89 36.19 6.66
N ASN D 33 -17.08 34.88 6.47
CA ASN D 33 -16.03 33.92 6.71
C ASN D 33 -14.82 34.14 5.80
N PRO D 34 -13.61 33.78 6.28
CA PRO D 34 -13.36 33.27 7.63
C PRO D 34 -13.35 34.40 8.66
N ILE D 35 -13.45 34.07 9.94
CA ILE D 35 -13.31 35.08 10.99
C ILE D 35 -11.86 35.22 11.42
N ILE D 36 -11.05 34.19 11.15
CA ILE D 36 -9.62 34.28 11.40
C ILE D 36 -8.90 33.71 10.19
N PRO D 37 -8.27 34.59 9.40
CA PRO D 37 -7.54 34.22 8.19
C PRO D 37 -6.22 33.52 8.52
N ARG D 38 -5.62 32.83 7.54
CA ARG D 38 -4.39 32.06 7.77
C ARG D 38 -3.19 32.91 8.22
N ASP D 39 -3.20 34.19 7.84
CA ASP D 39 -2.02 35.03 8.05
C ASP D 39 -2.26 36.14 9.07
N GLN D 40 -3.11 35.88 10.07
CA GLN D 40 -3.39 36.90 11.06
C GLN D 40 -2.16 37.22 11.88
N LEU D 41 -1.31 36.21 12.10
CA LEU D 41 -0.03 36.40 12.77
C LEU D 41 1.08 36.57 11.75
N PRO D 42 2.12 37.33 12.12
CA PRO D 42 3.27 37.49 11.22
C PRO D 42 3.94 36.16 10.91
N THR D 43 3.85 35.21 11.85
CA THR D 43 4.53 33.93 11.71
C THR D 43 3.61 32.78 11.25
N SER D 44 2.32 33.06 11.05
CA SER D 44 1.37 31.96 10.88
C SER D 44 1.20 31.55 9.42
N ASN D 45 1.32 30.24 9.18
CA ASN D 45 1.00 29.66 7.89
C ASN D 45 -0.51 29.38 7.79
N SER D 46 -1.08 28.99 8.93
CA SER D 46 -2.48 28.63 8.98
C SER D 46 -2.96 28.65 10.42
N ILE D 47 -4.24 28.96 10.61
CA ILE D 47 -4.85 28.98 11.93
C ILE D 47 -6.24 28.34 11.85
N PHE D 48 -6.45 27.24 12.53
CA PHE D 48 -7.71 26.50 12.39
C PHE D 48 -7.97 25.64 13.60
N ASN D 49 -8.97 24.76 13.48
CA ASN D 49 -9.30 23.80 14.53
C ASN D 49 -9.12 24.28 15.97
N SER D 50 -9.84 25.35 16.37
CA SER D 50 -9.54 26.06 17.63
C SER D 50 -10.64 26.16 18.72
N ALA D 51 -10.19 26.35 19.97
CA ALA D 51 -11.02 26.26 21.18
C ALA D 51 -11.41 27.63 21.73
N VAL D 52 -12.68 27.76 22.16
CA VAL D 52 -13.24 29.05 22.54
C VAL D 52 -14.25 28.88 23.67
N VAL D 53 -14.15 29.75 24.68
CA VAL D 53 -15.06 29.75 25.82
C VAL D 53 -15.36 31.18 26.22
N PRO D 54 -16.52 31.40 26.89
CA PRO D 54 -16.70 32.71 27.53
C PRO D 54 -15.65 32.93 28.62
N TYR D 55 -15.06 34.11 28.64
CA TYR D 55 -14.12 34.47 29.71
C TYR D 55 -13.92 35.97 29.79
N GLU D 56 -14.18 36.53 30.97
CA GLU D 56 -14.03 37.96 31.14
C GLU D 56 -12.59 38.31 31.53
N SER D 57 -11.94 39.08 30.67
CA SER D 57 -10.62 39.57 30.95
C SER D 57 -10.56 41.02 30.50
N GLU D 58 -9.38 41.63 30.59
CA GLU D 58 -9.18 42.99 30.12
C GLU D 58 -9.23 43.10 28.59
N LYS D 59 -9.09 41.98 27.88
CA LYS D 59 -9.07 42.03 26.43
C LYS D 59 -10.38 41.60 25.79
N GLY D 60 -11.35 41.20 26.61
CA GLY D 60 -12.68 40.94 26.11
C GLY D 60 -13.58 40.02 26.92
N LYS D 61 -14.48 39.34 26.23
CA LYS D 61 -15.52 38.54 26.87
C LYS D 61 -15.34 37.05 26.57
N PHE D 62 -14.44 36.74 25.65
CA PHE D 62 -14.16 35.36 25.26
C PHE D 62 -12.66 35.11 25.24
N ALA D 63 -12.25 33.91 25.63
CA ALA D 63 -10.84 33.50 25.50
C ALA D 63 -10.73 32.22 24.66
N GLY D 64 -9.52 31.90 24.24
CA GLY D 64 -9.34 30.70 23.47
C GLY D 64 -7.95 30.15 23.43
N VAL D 65 -7.85 28.88 23.04
CA VAL D 65 -6.58 28.26 22.66
C VAL D 65 -6.66 27.89 21.19
N PHE D 66 -5.74 28.42 20.41
CA PHE D 66 -5.79 28.31 18.96
C PHE D 66 -4.67 27.47 18.39
N ARG D 67 -5.00 26.56 17.51
CA ARG D 67 -3.99 25.87 16.78
C ARG D 67 -3.38 26.80 15.74
N VAL D 68 -2.08 27.01 15.82
CA VAL D 68 -1.37 27.82 14.85
C VAL D 68 -0.29 26.98 14.22
N ASP D 69 -0.31 26.84 12.90
CA ASP D 69 0.81 26.21 12.24
C ASP D 69 1.67 27.32 11.65
N ASP D 70 2.97 27.29 11.93
CA ASP D 70 3.87 28.37 11.52
C ASP D 70 4.53 28.07 10.18
N LYS D 71 5.48 28.93 9.79
CA LYS D 71 6.03 28.86 8.46
C LYS D 71 7.09 27.78 8.31
N CYS D 72 7.39 27.08 9.41
CA CYS D 72 8.10 25.81 9.35
C CYS D 72 7.10 24.64 9.21
N ARG D 73 5.82 24.95 9.44
CA ARG D 73 4.72 23.98 9.54
C ARG D 73 4.84 23.18 10.83
N ASN D 74 5.47 23.76 11.84
CA ASN D 74 5.30 23.25 13.20
C ASN D 74 3.90 23.48 13.68
N MET D 75 3.39 22.58 14.50
CA MET D 75 2.05 22.67 15.07
C MET D 75 2.10 23.17 16.53
N GLU D 76 1.41 24.28 16.80
CA GLU D 76 1.47 24.97 18.09
C GLU D 76 0.14 25.45 18.62
N LEU D 77 0.14 25.77 19.91
CA LEU D 77 -1.02 26.36 20.55
C LEU D 77 -0.76 27.82 20.96
N HIS D 78 -1.69 28.70 20.61
CA HIS D 78 -1.62 30.10 21.02
C HIS D 78 -2.88 30.51 21.75
N ALA D 79 -2.74 31.22 22.86
CA ALA D 79 -3.90 31.79 23.55
C ALA D 79 -4.36 33.05 22.82
N GLY D 80 -5.67 33.28 22.82
CA GLY D 80 -6.22 34.46 22.18
C GLY D 80 -7.38 35.03 22.98
N PHE D 81 -7.78 36.24 22.62
CA PHE D 81 -8.88 36.92 23.31
C PHE D 81 -9.71 37.72 22.33
N SER D 82 -10.98 37.90 22.66
CA SER D 82 -11.90 38.61 21.80
C SER D 82 -12.95 39.33 22.61
N LYS D 83 -13.39 40.50 22.10
CA LYS D 83 -14.47 41.23 22.71
C LYS D 83 -15.85 40.71 22.27
N ASP D 84 -15.94 40.21 21.04
CA ASP D 84 -17.24 39.85 20.45
C ASP D 84 -17.30 38.39 19.97
N GLY D 85 -16.17 37.71 20.00
CA GLY D 85 -16.11 36.31 19.61
C GLY D 85 -15.79 36.11 18.13
N ILE D 86 -15.59 37.22 17.43
CA ILE D 86 -15.48 37.23 15.97
C ILE D 86 -14.16 37.82 15.49
N HIS D 87 -13.82 38.97 16.07
CA HIS D 87 -12.53 39.59 15.84
C HIS D 87 -11.61 39.17 16.98
N TRP D 88 -10.53 38.49 16.65
CA TRP D 88 -9.71 37.88 17.70
C TRP D 88 -8.33 38.49 17.81
N ASP D 89 -7.92 38.73 19.04
CA ASP D 89 -6.56 39.12 19.35
C ASP D 89 -5.79 37.86 19.76
N ILE D 90 -4.96 37.34 18.86
CA ILE D 90 -4.23 36.12 19.17
C ILE D 90 -2.78 36.39 19.51
N ASN D 91 -2.34 35.87 20.65
CA ASN D 91 -0.95 35.95 21.06
C ASN D 91 0.01 35.60 19.94
N PRO D 92 1.08 36.39 19.77
CA PRO D 92 2.09 36.21 18.73
C PRO D 92 2.89 34.92 18.92
N ASP D 93 3.11 34.54 20.17
CA ASP D 93 3.94 33.39 20.48
C ASP D 93 3.13 32.27 21.14
N ARG D 94 3.73 31.09 21.15
CA ARG D 94 3.08 29.88 21.60
C ARG D 94 2.89 29.83 23.11
N ILE D 95 1.91 29.05 23.54
CA ILE D 95 1.82 28.70 24.93
C ILE D 95 3.06 27.89 25.32
N VAL D 96 3.81 28.36 26.30
CA VAL D 96 4.87 27.56 26.88
C VAL D 96 4.38 27.01 28.21
N PHE D 97 4.27 25.70 28.32
CA PHE D 97 3.62 25.11 29.49
C PHE D 97 4.52 25.03 30.71
N GLU D 98 3.89 25.25 31.86
CA GLU D 98 4.47 24.96 33.15
C GLU D 98 3.90 23.64 33.61
N GLN D 99 4.72 22.81 34.23
CA GLN D 99 4.22 21.57 34.78
C GLN D 99 3.47 21.85 36.09
N ALA D 100 2.39 21.13 36.31
CA ALA D 100 1.57 21.32 37.50
C ALA D 100 2.22 20.67 38.73
N GLU D 101 2.71 19.46 38.54
CA GLU D 101 3.54 18.79 39.53
C GLU D 101 4.94 18.58 38.99
N LYS D 102 5.91 18.45 39.88
CA LYS D 102 7.28 18.22 39.48
C LYS D 102 7.48 16.86 38.83
N SER D 103 6.52 15.97 39.04
CA SER D 103 6.69 14.59 38.61
C SER D 103 6.58 14.43 37.09
N THR D 104 6.20 15.50 36.40
CA THR D 104 6.11 15.49 34.94
C THR D 104 7.17 16.37 34.28
N GLU D 105 8.11 16.88 35.07
CA GLU D 105 9.17 17.73 34.53
C GLU D 105 9.96 17.02 33.43
N GLU D 106 10.27 15.76 33.65
CA GLU D 106 11.07 15.01 32.68
C GLU D 106 10.27 14.55 31.44
N VAL D 107 9.05 14.05 31.67
CA VAL D 107 8.22 13.47 30.61
C VAL D 107 7.72 14.48 29.59
N ASN D 108 7.23 15.61 30.08
CA ASN D 108 6.48 16.54 29.24
C ASN D 108 7.37 17.57 28.57
N GLN D 109 8.26 17.09 27.70
CA GLN D 109 8.98 18.00 26.85
C GLN D 109 8.13 18.32 25.62
N TRP D 110 8.16 19.57 25.21
CA TRP D 110 7.37 20.04 24.10
C TRP D 110 7.91 19.53 22.75
N GLY D 111 7.00 19.03 21.91
CA GLY D 111 7.32 18.68 20.56
C GLY D 111 6.38 19.37 19.60
N TYR D 112 5.09 19.05 19.72
CA TYR D 112 4.03 19.77 18.99
C TYR D 112 2.69 19.60 19.72
N GLY D 113 1.70 20.37 19.29
CA GLY D 113 0.36 20.27 19.86
C GLY D 113 -0.67 20.82 18.91
N TYR D 114 -1.83 20.18 18.82
CA TYR D 114 -2.83 20.70 17.92
C TYR D 114 -4.25 20.30 18.27
N ASP D 115 -5.20 20.88 17.57
CA ASP D 115 -6.64 20.67 17.80
C ASP D 115 -7.05 20.70 19.27
N PRO D 116 -6.86 21.85 19.93
CA PRO D 116 -7.27 21.99 21.33
C PRO D 116 -8.78 21.97 21.54
N ARG D 117 -9.21 21.42 22.66
CA ARG D 117 -10.58 21.59 23.14
C ARG D 117 -10.50 22.11 24.58
N VAL D 118 -11.37 23.07 24.92
CA VAL D 118 -11.35 23.71 26.24
C VAL D 118 -12.74 23.78 26.87
N CYS D 119 -12.83 23.39 28.13
CA CYS D 119 -14.08 23.56 28.87
C CYS D 119 -13.83 23.85 30.35
N PHE D 120 -14.71 24.67 30.90
CA PHE D 120 -14.65 25.01 32.32
C PHE D 120 -15.16 23.83 33.14
N ILE D 121 -14.38 23.42 34.14
CA ILE D 121 -14.89 22.44 35.09
C ILE D 121 -14.61 22.93 36.51
N GLU D 122 -15.70 23.04 37.28
CA GLU D 122 -15.75 23.49 38.69
C GLU D 122 -14.94 24.76 39.02
N ASP D 123 -13.61 24.74 38.95
CA ASP D 123 -12.84 25.92 39.32
C ASP D 123 -11.79 26.39 38.32
N ARG D 124 -11.70 25.74 37.17
CA ARG D 124 -10.69 26.13 36.18
C ARG D 124 -11.04 25.72 34.75
N PHE D 125 -10.29 26.23 33.79
CA PHE D 125 -10.45 25.83 32.39
C PHE D 125 -9.49 24.70 32.07
N TRP D 126 -10.05 23.55 31.67
CA TRP D 126 -9.21 22.43 31.24
C TRP D 126 -8.94 22.48 29.74
N VAL D 127 -7.71 22.15 29.36
CA VAL D 127 -7.35 22.06 27.95
C VAL D 127 -6.92 20.64 27.60
N THR D 128 -7.53 20.07 26.57
CA THR D 128 -6.98 18.86 25.94
C THR D 128 -6.54 19.19 24.52
N TRP D 129 -5.49 18.52 24.06
CA TRP D 129 -5.05 18.67 22.68
C TRP D 129 -4.30 17.43 22.21
N CYS D 130 -4.06 17.33 20.90
CA CYS D 130 -3.20 16.26 20.40
C CYS D 130 -1.74 16.66 20.65
N ASN D 131 -1.12 15.96 21.59
CA ASN D 131 0.20 16.31 22.09
C ASN D 131 1.21 15.23 21.73
N ALA D 132 2.39 15.65 21.28
CA ALA D 132 3.44 14.70 20.94
C ALA D 132 4.14 14.22 22.19
N TYR D 133 4.15 12.91 22.41
CA TYR D 133 5.03 12.35 23.42
C TYR D 133 6.05 11.48 22.69
N GLY D 134 7.27 11.97 22.57
CA GLY D 134 8.26 11.31 21.74
C GLY D 134 7.83 11.26 20.29
N TRP D 135 7.27 12.38 19.82
CA TRP D 135 6.82 12.56 18.44
C TRP D 135 5.73 11.57 18.04
N LYS D 136 4.98 11.10 19.03
CA LYS D 136 3.81 10.25 18.77
C LYS D 136 2.58 10.99 19.27
N PRO D 137 1.49 10.96 18.50
CA PRO D 137 0.28 11.66 18.95
C PRO D 137 -0.37 10.99 20.15
N THR D 138 -0.67 11.78 21.17
CA THR D 138 -1.52 11.33 22.25
C THR D 138 -2.32 12.52 22.76
N ILE D 139 -3.09 12.34 23.82
CA ILE D 139 -3.89 13.45 24.36
C ILE D 139 -3.17 14.13 25.52
N GLY D 140 -2.76 15.37 25.29
CA GLY D 140 -2.16 16.20 26.31
C GLY D 140 -3.23 16.85 27.17
N VAL D 141 -2.92 17.08 28.45
CA VAL D 141 -3.87 17.61 29.42
C VAL D 141 -3.27 18.76 30.20
N ALA D 142 -3.99 19.87 30.31
CA ALA D 142 -3.54 20.99 31.13
C ALA D 142 -4.72 21.79 31.68
N TYR D 143 -4.46 22.66 32.65
CA TYR D 143 -5.48 23.57 33.14
C TYR D 143 -4.97 25.00 33.21
N THR D 144 -5.90 25.96 33.21
CA THR D 144 -5.58 27.36 33.34
C THR D 144 -6.71 28.07 34.10
N PHE D 145 -6.36 29.10 34.87
CA PHE D 145 -7.35 29.92 35.57
C PHE D 145 -7.60 31.22 34.83
N ASP D 146 -6.65 31.62 34.00
CA ASP D 146 -6.63 32.97 33.42
C ASP D 146 -6.28 33.05 31.93
N PHE D 147 -5.97 31.91 31.31
CA PHE D 147 -5.50 31.87 29.92
C PHE D 147 -4.22 32.69 29.73
N LYS D 148 -3.46 32.87 30.80
CA LYS D 148 -2.15 33.50 30.70
C LYS D 148 -1.05 32.47 31.04
N THR D 149 -1.27 31.73 32.12
CA THR D 149 -0.37 30.64 32.48
C THR D 149 -1.11 29.32 32.34
N PHE D 150 -0.47 28.32 31.75
CA PHE D 150 -1.08 27.02 31.55
C PHE D 150 -0.28 25.91 32.23
N TYR D 151 -0.97 25.04 32.98
CA TYR D 151 -0.31 24.05 33.82
C TYR D 151 -0.54 22.65 33.28
N GLN D 152 0.48 22.08 32.64
CA GLN D 152 0.37 20.77 31.99
C GLN D 152 0.36 19.61 32.97
N CYS D 153 -0.56 18.68 32.78
CA CYS D 153 -0.59 17.46 33.57
C CYS D 153 0.02 16.30 32.80
N GLU D 154 -0.20 15.09 33.31
CA GLU D 154 0.15 13.86 32.59
C GLU D 154 -0.68 13.72 31.31
N ASN D 155 -0.06 13.16 30.27
CA ASN D 155 -0.81 12.74 29.09
C ASN D 155 -1.83 11.70 29.56
N ALA D 156 -3.07 11.82 29.12
CA ALA D 156 -4.12 10.94 29.63
C ALA D 156 -3.94 9.49 29.19
N PHE D 157 -3.46 9.29 27.96
CA PHE D 157 -3.40 7.96 27.38
C PHE D 157 -2.04 7.70 26.76
N LEU D 158 -1.75 6.43 26.52
CA LEU D 158 -0.70 6.05 25.58
C LEU D 158 -1.02 6.52 24.18
N PRO D 159 0.01 6.79 23.37
CA PRO D 159 -0.22 6.85 21.91
C PRO D 159 -0.82 5.53 21.44
N PHE D 160 -1.44 5.48 20.27
CA PHE D 160 -1.66 6.61 19.36
C PHE D 160 -3.10 7.03 19.53
N ASN D 161 -3.34 8.32 19.73
CA ASN D 161 -4.66 8.81 20.08
C ASN D 161 -4.79 10.30 19.76
N ARG D 162 -5.98 10.70 19.37
CA ARG D 162 -6.25 12.06 18.91
C ARG D 162 -7.73 12.39 19.24
N ASN D 163 -8.12 13.66 19.14
CA ASN D 163 -9.50 14.08 19.41
C ASN D 163 -9.94 13.76 20.86
N GLY D 164 -9.07 14.07 21.81
CA GLY D 164 -9.42 13.96 23.22
C GLY D 164 -10.26 15.17 23.60
N VAL D 165 -11.48 14.92 24.06
CA VAL D 165 -12.42 15.99 24.41
C VAL D 165 -13.14 15.72 25.75
N LEU D 166 -13.07 16.67 26.68
CA LEU D 166 -13.63 16.46 28.01
C LEU D 166 -15.13 16.80 28.08
N PHE D 167 -15.89 16.00 28.80
CA PHE D 167 -17.25 16.38 29.19
C PHE D 167 -17.13 17.47 30.28
N PRO D 168 -18.02 18.47 30.25
CA PRO D 168 -17.81 19.68 31.04
C PRO D 168 -18.15 19.54 32.53
N ARG D 169 -18.39 18.31 32.99
CA ARG D 169 -18.57 18.03 34.42
C ARG D 169 -18.30 16.57 34.71
N LYS D 170 -18.30 16.22 36.00
CA LYS D 170 -18.12 14.84 36.42
C LYS D 170 -19.40 14.04 36.22
N ILE D 171 -19.24 12.76 35.89
CA ILE D 171 -20.38 11.88 35.69
C ILE D 171 -20.18 10.62 36.52
N ASN D 172 -21.16 10.34 37.37
CA ASN D 172 -21.05 9.26 38.37
C ASN D 172 -19.77 9.34 39.18
N GLY D 173 -19.33 10.57 39.47
CA GLY D 173 -18.19 10.82 40.33
C GLY D 173 -16.85 10.87 39.63
N LYS D 174 -16.87 10.84 38.30
CA LYS D 174 -15.64 10.70 37.52
C LYS D 174 -15.57 11.69 36.37
N TYR D 175 -14.36 12.12 36.03
CA TYR D 175 -14.15 12.81 34.77
C TYR D 175 -14.35 11.82 33.63
N VAL D 176 -14.91 12.31 32.53
CA VAL D 176 -15.16 11.49 31.34
C VAL D 176 -14.56 12.18 30.13
N MET D 177 -13.77 11.46 29.35
CA MET D 177 -13.18 12.05 28.15
C MET D 177 -13.40 11.19 26.90
N PHE D 178 -13.93 11.82 25.86
CA PHE D 178 -13.87 11.29 24.49
C PHE D 178 -12.42 11.13 24.11
N SER D 179 -12.07 10.07 23.41
CA SER D 179 -10.83 10.08 22.64
C SER D 179 -11.05 9.26 21.36
N ARG D 180 -9.98 8.96 20.64
CA ARG D 180 -10.12 8.31 19.35
C ARG D 180 -8.82 7.61 18.97
N PRO D 181 -8.73 6.33 19.31
CA PRO D 181 -7.54 5.54 19.02
C PRO D 181 -7.15 5.64 17.54
N SER D 182 -5.92 6.03 17.29
CA SER D 182 -5.45 6.29 15.94
C SER D 182 -4.20 5.45 15.65
N ASP D 183 -3.44 5.83 14.62
CA ASP D 183 -2.17 5.17 14.34
C ASP D 183 -1.09 6.24 14.19
N SER D 184 0.02 5.89 13.55
CA SER D 184 1.15 6.82 13.44
C SER D 184 1.09 7.73 12.21
N GLY D 185 0.05 7.67 11.42
CA GLY D 185 -0.08 8.56 10.28
C GLY D 185 -1.46 9.11 10.01
N HIS D 186 -1.85 9.22 8.75
CA HIS D 186 -3.19 9.70 8.42
C HIS D 186 -4.16 8.54 8.52
N THR D 187 -4.66 8.36 9.74
CA THR D 187 -5.33 7.15 10.17
C THR D 187 -6.53 6.82 9.28
N PRO D 188 -6.55 5.60 8.70
CA PRO D 188 -7.62 5.10 7.83
C PRO D 188 -8.77 4.39 8.59
N PHE D 189 -8.91 4.69 9.87
CA PHE D 189 -9.97 4.15 10.70
C PHE D 189 -10.24 5.12 11.85
N GLY D 190 -11.24 4.83 12.68
CA GLY D 190 -11.49 5.66 13.83
C GLY D 190 -12.87 5.54 14.45
N ASP D 191 -12.93 4.98 15.66
CA ASP D 191 -14.14 4.94 16.47
C ASP D 191 -14.02 5.87 17.67
N MET D 192 -15.13 6.46 18.10
CA MET D 192 -15.10 7.27 19.32
C MET D 192 -15.23 6.40 20.57
N PHE D 193 -14.40 6.66 21.57
CA PHE D 193 -14.49 5.97 22.87
C PHE D 193 -14.68 6.99 23.99
N ILE D 194 -15.05 6.53 25.18
CA ILE D 194 -14.86 7.36 26.36
C ILE D 194 -14.01 6.60 27.35
N SER D 195 -13.26 7.36 28.12
CA SER D 195 -12.53 6.80 29.25
C SER D 195 -12.90 7.62 30.50
N GLN D 196 -12.70 7.04 31.68
CA GLN D 196 -13.12 7.67 32.94
C GLN D 196 -11.99 7.76 33.96
N SER D 197 -12.05 8.78 34.80
CA SER D 197 -10.98 9.04 35.77
C SER D 197 -11.50 9.67 37.06
N PRO D 198 -11.09 9.14 38.21
CA PRO D 198 -11.44 9.81 39.46
C PRO D 198 -10.63 11.09 39.69
N ASP D 199 -9.51 11.26 39.01
CA ASP D 199 -8.58 12.33 39.39
C ASP D 199 -7.92 13.14 38.26
N MET D 200 -8.27 12.86 37.01
CA MET D 200 -7.59 13.44 35.84
C MET D 200 -6.12 13.09 35.73
N LYS D 201 -5.74 11.95 36.30
CA LYS D 201 -4.38 11.47 36.12
C LYS D 201 -4.45 10.04 35.64
N TYR D 202 -5.15 9.20 36.39
CA TYR D 202 -5.30 7.81 36.02
C TYR D 202 -6.61 7.61 35.29
N TRP D 203 -6.54 6.89 34.17
CA TRP D 203 -7.73 6.66 33.34
C TRP D 203 -8.03 5.18 33.17
N GLY D 204 -9.32 4.87 33.04
CA GLY D 204 -9.78 3.50 32.96
C GLY D 204 -11.26 3.40 32.64
N GLU D 205 -11.81 2.20 32.77
CA GLU D 205 -13.21 1.93 32.45
C GLU D 205 -13.58 2.45 31.06
N HIS D 206 -12.78 2.06 30.07
CA HIS D 206 -12.91 2.53 28.68
C HIS D 206 -14.17 1.99 28.04
N ARG D 207 -14.88 2.86 27.35
CA ARG D 207 -16.17 2.46 26.79
C ARG D 207 -16.30 2.88 25.33
N HIS D 208 -16.79 1.97 24.50
CA HIS D 208 -17.00 2.25 23.09
C HIS D 208 -18.28 3.06 22.87
N VAL D 209 -18.15 4.20 22.19
CA VAL D 209 -19.28 5.05 21.87
C VAL D 209 -19.94 4.61 20.57
N MET D 210 -19.24 4.80 19.47
CA MET D 210 -19.74 4.44 18.15
C MET D 210 -18.61 4.47 17.11
N GLY D 211 -18.86 3.89 15.94
CA GLY D 211 -17.90 3.85 14.86
C GLY D 211 -18.47 4.48 13.62
N PRO D 212 -17.71 4.41 12.50
CA PRO D 212 -18.23 4.87 11.20
C PRO D 212 -19.53 4.16 10.83
N LEU D 213 -20.47 4.88 10.20
CA LEU D 213 -21.79 4.33 9.87
C LEU D 213 -22.27 4.76 8.49
N ARG D 214 -22.80 5.98 8.36
CA ARG D 214 -23.27 6.47 7.06
C ARG D 214 -22.11 6.82 6.10
N ALA D 215 -22.42 6.93 4.82
CA ALA D 215 -21.39 7.12 3.81
C ALA D 215 -20.48 8.33 4.09
N TRP D 216 -21.07 9.43 4.55
CA TRP D 216 -20.31 10.68 4.73
C TRP D 216 -19.34 10.56 5.90
N GLU D 217 -19.53 9.50 6.68
CA GLU D 217 -18.74 9.24 7.87
C GLU D 217 -18.26 7.78 7.87
N SER D 218 -18.07 7.23 6.66
CA SER D 218 -17.78 5.80 6.46
C SER D 218 -16.36 5.38 6.80
N LYS D 219 -15.42 6.32 6.75
CA LYS D 219 -14.01 6.01 6.90
C LYS D 219 -13.53 6.09 8.34
N LYS D 220 -13.86 7.20 9.00
CA LYS D 220 -13.57 7.39 10.43
C LYS D 220 -14.37 8.55 11.02
N ILE D 221 -14.49 8.55 12.34
CA ILE D 221 -15.16 9.64 13.05
C ILE D 221 -14.33 10.07 14.26
N GLY D 222 -14.63 11.26 14.78
CA GLY D 222 -14.06 11.71 16.03
C GLY D 222 -14.88 12.81 16.68
N ALA D 223 -14.71 13.00 17.99
CA ALA D 223 -15.42 14.06 18.71
C ALA D 223 -14.99 15.42 18.19
N GLY D 224 -15.88 16.41 18.28
CA GLY D 224 -15.56 17.78 17.91
C GLY D 224 -15.49 18.69 19.12
N PRO D 225 -16.46 19.62 19.28
CA PRO D 225 -16.46 20.51 20.45
C PRO D 225 -16.86 19.82 21.76
N ILE D 226 -16.86 20.59 22.84
CA ILE D 226 -17.28 20.10 24.14
C ILE D 226 -18.73 19.63 24.05
N PRO D 227 -19.03 18.47 24.66
CA PRO D 227 -20.45 18.08 24.73
C PRO D 227 -21.30 19.13 25.44
N ILE D 228 -22.49 19.38 24.90
CA ILE D 228 -23.46 20.30 25.50
C ILE D 228 -24.51 19.53 26.29
N GLU D 229 -24.71 19.85 27.57
CA GLU D 229 -25.68 19.11 28.37
C GLU D 229 -27.10 19.64 28.15
N THR D 230 -28.02 18.73 27.81
CA THR D 230 -29.41 19.08 27.58
C THR D 230 -30.36 18.08 28.26
N SER D 231 -31.65 18.44 28.30
CA SER D 231 -32.67 17.58 28.89
C SER D 231 -32.85 16.29 28.11
N GLU D 232 -32.39 16.31 26.86
CA GLU D 232 -32.41 15.12 26.00
C GLU D 232 -31.20 14.22 26.19
N GLY D 233 -30.14 14.79 26.76
CA GLY D 233 -28.88 14.09 26.90
C GLY D 233 -27.73 14.99 26.47
N TRP D 234 -26.56 14.41 26.26
CA TRP D 234 -25.42 15.20 25.81
C TRP D 234 -25.52 15.46 24.31
N LEU D 235 -25.56 16.72 23.92
CA LEU D 235 -25.54 17.04 22.51
C LEU D 235 -24.08 17.17 22.08
N CYS D 236 -23.65 16.26 21.22
CA CYS D 236 -22.26 16.19 20.81
C CYS D 236 -22.11 16.26 19.31
N PHE D 237 -21.57 17.39 18.84
CA PHE D 237 -21.18 17.53 17.45
C PHE D 237 -19.89 16.73 17.21
N TYR D 238 -19.82 16.05 16.08
CA TYR D 238 -18.67 15.21 15.74
C TYR D 238 -18.35 15.30 14.25
N HIS D 239 -17.08 15.07 13.91
CA HIS D 239 -16.67 15.00 12.50
C HIS D 239 -16.67 13.55 12.01
N GLY D 240 -16.93 13.39 10.71
CA GLY D 240 -16.88 12.09 10.06
C GLY D 240 -16.24 12.25 8.70
N VAL D 241 -15.59 11.19 8.22
CA VAL D 241 -14.76 11.26 7.02
C VAL D 241 -15.26 10.30 5.95
N LEU D 242 -15.38 10.82 4.73
CA LEU D 242 -15.61 10.02 3.52
C LEU D 242 -14.30 9.99 2.71
N GLU D 243 -13.93 8.82 2.21
CA GLU D 243 -12.73 8.71 1.38
C GLU D 243 -13.09 8.66 -0.10
N SER D 244 -12.67 9.68 -0.84
CA SER D 244 -12.79 9.69 -2.30
C SER D 244 -11.51 9.14 -2.96
N CYS D 245 -11.48 9.06 -4.28
CA CYS D 245 -10.26 8.62 -4.97
C CYS D 245 -9.10 9.61 -4.76
N ASN D 246 -9.44 10.84 -4.36
CA ASN D 246 -8.42 11.87 -4.20
C ASN D 246 -8.10 12.20 -2.74
N GLY D 247 -8.72 11.48 -1.81
CA GLY D 247 -8.44 11.70 -0.40
C GLY D 247 -9.64 11.72 0.55
N PHE D 248 -9.54 12.53 1.61
CA PHE D 248 -10.57 12.64 2.63
C PHE D 248 -11.44 13.89 2.46
N VAL D 249 -12.74 13.72 2.74
CA VAL D 249 -13.66 14.83 2.91
C VAL D 249 -14.15 14.82 4.38
N TYR D 250 -13.83 15.87 5.13
CA TYR D 250 -14.26 16.01 6.52
C TYR D 250 -15.55 16.84 6.65
N SER D 251 -16.63 16.20 7.11
CA SER D 251 -17.87 16.92 7.39
C SER D 251 -18.19 16.77 8.87
N PHE D 252 -19.19 17.47 9.37
CA PHE D 252 -19.60 17.20 10.74
C PHE D 252 -21.11 17.25 10.94
N SER D 253 -21.55 16.56 11.99
CA SER D 253 -22.96 16.39 12.31
C SER D 253 -23.11 16.37 13.82
N ALA D 254 -24.20 15.80 14.33
CA ALA D 254 -24.37 15.71 15.77
C ALA D 254 -25.06 14.42 16.19
N CYS D 255 -24.82 14.04 17.44
CA CYS D 255 -25.53 12.94 18.06
C CYS D 255 -25.97 13.35 19.47
N ILE D 256 -26.78 12.52 20.10
CA ILE D 256 -27.25 12.77 21.46
C ILE D 256 -26.91 11.54 22.28
N LEU D 257 -26.13 11.73 23.33
CA LEU D 257 -25.69 10.60 24.13
C LEU D 257 -26.37 10.56 25.50
N ASP D 258 -26.57 9.35 26.01
CA ASP D 258 -27.24 9.16 27.28
C ASP D 258 -26.54 9.98 28.38
N LYS D 259 -27.35 10.56 29.25
CA LYS D 259 -26.87 11.55 30.19
C LYS D 259 -25.92 10.97 31.24
N ASP D 260 -26.17 9.72 31.64
CA ASP D 260 -25.41 9.10 32.72
C ASP D 260 -24.43 8.03 32.25
N GLU D 261 -24.70 7.46 31.08
CA GLU D 261 -23.77 6.53 30.46
C GLU D 261 -23.52 7.04 29.05
N PRO D 262 -22.67 8.06 28.91
CA PRO D 262 -22.58 8.77 27.64
C PRO D 262 -21.94 7.96 26.52
N TRP D 263 -21.50 6.74 26.78
CA TRP D 263 -21.07 5.86 25.69
C TRP D 263 -22.26 5.22 24.96
N LYS D 264 -23.47 5.41 25.48
CA LYS D 264 -24.66 4.85 24.87
C LYS D 264 -25.37 5.90 24.03
N VAL D 265 -25.46 5.66 22.72
CA VAL D 265 -26.03 6.61 21.78
C VAL D 265 -27.56 6.53 21.81
N LYS D 266 -28.24 7.67 21.98
CA LYS D 266 -29.70 7.69 21.92
C LYS D 266 -30.16 8.06 20.52
N TYR D 267 -29.57 9.13 19.99
CA TYR D 267 -29.86 9.52 18.62
C TYR D 267 -28.57 9.86 17.87
N ARG D 268 -28.63 9.77 16.54
CA ARG D 268 -27.45 9.98 15.71
C ARG D 268 -27.93 10.41 14.34
N CYS D 269 -27.62 11.64 13.95
CA CYS D 269 -28.11 12.19 12.69
C CYS D 269 -27.50 11.46 11.49
N ALA D 270 -28.34 10.89 10.65
CA ALA D 270 -27.89 10.14 9.47
C ALA D 270 -27.16 11.02 8.47
N GLU D 271 -27.55 12.29 8.41
CA GLU D 271 -26.94 13.24 7.52
C GLU D 271 -25.85 14.05 8.22
N TYR D 272 -24.92 14.59 7.44
CA TYR D 272 -24.05 15.63 7.98
C TYR D 272 -24.92 16.88 8.16
N LEU D 273 -24.46 17.83 8.98
CA LEU D 273 -25.15 19.10 9.15
C LEU D 273 -24.39 20.22 8.47
N LEU D 274 -23.10 19.99 8.24
CA LEU D 274 -22.29 20.92 7.48
C LEU D 274 -21.16 20.15 6.81
N SER D 275 -20.86 20.51 5.56
CA SER D 275 -19.86 19.80 4.77
C SER D 275 -19.09 20.80 3.91
N PRO D 276 -17.87 20.44 3.47
CA PRO D 276 -17.07 21.43 2.74
C PRO D 276 -17.68 21.79 1.39
N GLN D 277 -18.08 23.05 1.23
CA GLN D 277 -18.81 23.46 0.03
C GLN D 277 -18.41 24.83 -0.47
N LYS D 278 -17.97 25.70 0.42
CA LYS D 278 -17.53 27.02 0.03
C LYS D 278 -16.06 27.03 -0.36
N ILE D 279 -15.62 28.06 -1.05
CA ILE D 279 -14.25 28.07 -1.57
C ILE D 279 -13.21 28.01 -0.44
N TYR D 280 -13.46 28.64 0.71
CA TYR D 280 -12.50 28.60 1.82
C TYR D 280 -12.54 27.26 2.55
N GLU D 281 -13.54 26.44 2.27
CA GLU D 281 -13.66 25.10 2.85
C GLU D 281 -13.06 24.02 1.95
N CYS D 282 -12.96 24.33 0.67
CA CYS D 282 -12.59 23.34 -0.32
C CYS D 282 -11.14 23.52 -0.77
N VAL D 283 -10.66 24.76 -0.76
CA VAL D 283 -9.32 25.11 -1.25
C VAL D 283 -8.47 25.60 -0.09
N GLY D 284 -7.25 25.09 0.01
CA GLY D 284 -6.41 25.37 1.16
C GLY D 284 -5.42 24.23 1.42
N ASP D 285 -4.67 24.33 2.51
CA ASP D 285 -3.60 23.39 2.81
C ASP D 285 -4.09 21.94 2.77
N VAL D 286 -5.32 21.70 3.27
CA VAL D 286 -5.94 20.39 3.16
C VAL D 286 -7.35 20.57 2.59
N GLN D 287 -7.54 20.16 1.34
CA GLN D 287 -8.79 20.42 0.66
C GLN D 287 -9.97 19.69 1.33
N ASN D 288 -11.14 20.30 1.26
CA ASN D 288 -12.40 19.67 1.71
C ASN D 288 -12.41 19.28 3.17
N VAL D 289 -12.27 20.27 4.03
CA VAL D 289 -12.31 20.05 5.47
C VAL D 289 -13.16 21.11 6.17
N THR D 290 -14.13 20.65 6.95
CA THR D 290 -14.83 21.50 7.90
C THR D 290 -14.80 20.82 9.27
N PHE D 291 -14.02 21.38 10.20
CA PHE D 291 -13.63 20.64 11.39
C PHE D 291 -13.94 21.49 12.65
N PRO D 292 -15.00 21.13 13.39
CA PRO D 292 -15.44 21.89 14.57
C PRO D 292 -14.72 21.54 15.87
N CYS D 293 -14.10 22.52 16.52
CA CYS D 293 -13.50 22.23 17.81
C CYS D 293 -14.16 22.99 18.98
N ALA D 294 -14.94 24.04 18.69
CA ALA D 294 -15.66 24.75 19.77
C ALA D 294 -17.06 25.21 19.37
N THR D 295 -17.92 25.34 20.37
CA THR D 295 -19.18 26.09 20.23
C THR D 295 -19.47 26.90 21.48
N LEU D 296 -20.14 28.04 21.26
CA LEU D 296 -20.74 28.82 22.32
C LEU D 296 -22.24 28.56 22.35
N VAL D 297 -22.80 28.48 23.55
CA VAL D 297 -24.22 28.24 23.75
C VAL D 297 -24.82 29.24 24.73
N ASP D 298 -25.70 30.09 24.22
CA ASP D 298 -26.53 30.95 25.06
C ASP D 298 -27.70 30.14 25.61
N ALA D 299 -27.59 29.73 26.88
CA ALA D 299 -28.62 28.94 27.53
C ALA D 299 -29.98 29.66 27.60
N ASP D 300 -29.95 31.00 27.56
CA ASP D 300 -31.20 31.75 27.60
C ASP D 300 -32.05 31.49 26.36
N THR D 301 -31.41 31.36 25.20
CA THR D 301 -32.12 31.33 23.92
C THR D 301 -31.94 30.04 23.09
N GLY D 302 -30.94 29.23 23.44
CA GLY D 302 -30.61 28.05 22.64
C GLY D 302 -29.76 28.36 21.42
N ARG D 303 -29.31 29.60 21.30
CA ARG D 303 -28.44 29.97 20.18
C ARG D 303 -27.03 29.35 20.30
N ILE D 304 -26.58 28.72 19.22
CA ILE D 304 -25.24 28.13 19.15
C ILE D 304 -24.36 28.82 18.10
N ALA D 305 -23.16 29.25 18.48
CA ALA D 305 -22.20 29.75 17.52
C ALA D 305 -21.06 28.74 17.41
N ILE D 306 -20.85 28.23 16.20
CA ILE D 306 -19.91 27.12 16.02
C ILE D 306 -18.61 27.60 15.39
N TYR D 307 -17.49 27.24 16.01
CA TYR D 307 -16.18 27.54 15.44
C TYR D 307 -15.64 26.30 14.73
N TYR D 308 -15.29 26.43 13.45
CA TYR D 308 -14.77 25.27 12.73
C TYR D 308 -13.63 25.64 11.79
N GLY D 309 -12.64 24.74 11.72
CA GLY D 309 -11.53 24.88 10.81
C GLY D 309 -11.95 24.65 9.37
N CYS D 310 -11.42 25.46 8.47
CA CYS D 310 -11.72 25.31 7.05
C CYS D 310 -10.45 25.00 6.28
N ALA D 311 -10.45 23.85 5.60
CA ALA D 311 -9.37 23.44 4.72
C ALA D 311 -8.01 23.50 5.42
N ASP D 312 -8.00 23.19 6.73
CA ASP D 312 -6.81 23.31 7.58
C ASP D 312 -6.06 24.63 7.32
N THR D 313 -6.82 25.68 7.04
CA THR D 313 -6.22 26.95 6.64
C THR D 313 -6.66 28.10 7.53
N CYS D 314 -7.97 28.18 7.80
CA CYS D 314 -8.54 29.30 8.55
C CYS D 314 -9.65 28.85 9.53
N VAL D 315 -10.09 29.77 10.38
CA VAL D 315 -11.21 29.51 11.28
C VAL D 315 -12.48 30.19 10.76
N SER D 316 -13.57 29.44 10.66
CA SER D 316 -14.85 30.03 10.28
C SER D 316 -15.90 29.86 11.38
N MET D 317 -17.03 30.54 11.20
CA MET D 317 -18.12 30.46 12.17
C MET D 317 -19.42 30.07 11.48
N ALA D 318 -20.25 29.30 12.19
CA ALA D 318 -21.58 28.95 11.72
C ALA D 318 -22.58 29.05 12.87
N PHE D 319 -23.86 29.08 12.53
CA PHE D 319 -24.92 29.26 13.53
C PHE D 319 -26.02 28.24 13.42
N THR D 320 -26.63 27.98 14.56
CA THR D 320 -27.82 27.17 14.68
C THR D 320 -28.40 27.34 16.09
N THR D 321 -29.43 26.55 16.43
CA THR D 321 -29.98 26.55 17.78
C THR D 321 -30.03 25.12 18.30
N VAL D 322 -30.07 24.96 19.62
CA VAL D 322 -30.18 23.62 20.22
C VAL D 322 -31.45 22.93 19.75
N ASP D 323 -32.56 23.67 19.74
CA ASP D 323 -33.85 23.07 19.33
C ASP D 323 -33.83 22.56 17.90
N ASP D 324 -33.34 23.40 16.97
CA ASP D 324 -33.20 23.01 15.57
C ASP D 324 -32.38 21.75 15.40
N VAL D 325 -31.25 21.67 16.09
CA VAL D 325 -30.34 20.52 16.00
C VAL D 325 -30.96 19.26 16.57
N VAL D 326 -31.42 19.34 17.82
CA VAL D 326 -32.07 18.22 18.48
C VAL D 326 -33.26 17.70 17.66
N ASP D 327 -34.12 18.59 17.18
CA ASP D 327 -35.26 18.14 16.38
C ASP D 327 -34.82 17.39 15.13
N TYR D 328 -33.79 17.91 14.47
CA TYR D 328 -33.36 17.29 13.23
C TYR D 328 -32.68 15.97 13.54
N VAL D 329 -31.82 15.97 14.57
CA VAL D 329 -31.10 14.77 14.97
C VAL D 329 -32.08 13.65 15.30
N LYS D 330 -33.16 13.99 16.00
CA LYS D 330 -34.12 12.98 16.41
C LYS D 330 -34.99 12.49 15.25
N SER D 331 -35.40 13.39 14.37
CA SER D 331 -36.22 13.00 13.22
C SER D 331 -35.40 12.38 12.06
N HIS D 332 -34.09 12.56 12.08
CA HIS D 332 -33.26 11.98 11.02
C HIS D 332 -32.23 11.01 11.59
N SER D 333 -32.66 10.16 12.52
CA SER D 333 -31.72 9.32 13.25
C SER D 333 -31.36 8.03 12.54
N SER D 334 -30.08 7.68 12.61
CA SER D 334 -29.55 6.39 12.19
C SER D 334 -29.97 5.29 13.16
N VAL D 335 -29.01 4.80 13.94
CA VAL D 335 -29.24 3.69 14.88
C VAL D 335 -28.68 3.99 16.27
N MET E 1 25.34 46.95 -0.97
CA MET E 1 24.66 45.75 -0.50
C MET E 1 25.59 44.90 0.37
N LYS E 2 25.00 44.22 1.36
CA LYS E 2 25.75 43.50 2.39
C LYS E 2 26.38 42.20 1.90
N THR E 3 25.63 41.44 1.10
CA THR E 3 26.15 40.22 0.51
C THR E 3 26.48 40.47 -0.95
N GLN E 4 27.68 40.10 -1.35
CA GLN E 4 28.12 40.39 -2.71
C GLN E 4 27.78 39.26 -3.68
N ILE E 5 27.36 39.64 -4.88
CA ILE E 5 27.12 38.69 -5.96
C ILE E 5 28.40 38.44 -6.71
N ILE E 6 28.76 37.17 -6.91
CA ILE E 6 30.01 36.80 -7.56
C ILE E 6 29.76 36.14 -8.92
N ASN E 7 30.61 36.47 -9.89
CA ASN E 7 30.45 36.03 -11.27
C ASN E 7 29.02 36.26 -11.76
N GLY E 8 28.43 37.36 -11.31
CA GLY E 8 27.08 37.73 -11.71
C GLY E 8 27.06 38.50 -13.02
N VAL E 9 25.88 38.96 -13.41
CA VAL E 9 25.74 39.83 -14.58
C VAL E 9 24.94 41.06 -14.20
N SER E 10 25.15 42.12 -14.98
CA SER E 10 24.43 43.37 -14.79
C SER E 10 23.10 43.26 -15.49
N LEU E 11 22.02 43.32 -14.71
CA LEU E 11 20.69 43.15 -15.27
C LEU E 11 19.78 44.31 -14.89
N PRO E 12 20.06 45.51 -15.43
CA PRO E 12 19.22 46.66 -15.06
C PRO E 12 17.76 46.48 -15.50
N ASN E 13 17.55 45.74 -16.59
CA ASN E 13 16.22 45.50 -17.12
C ASN E 13 15.54 44.26 -16.51
N ILE E 14 15.98 43.87 -15.32
CA ILE E 14 15.40 42.71 -14.66
C ILE E 14 13.92 42.98 -14.42
N PRO E 15 13.05 42.00 -14.73
CA PRO E 15 11.65 42.17 -14.33
C PRO E 15 11.60 42.44 -12.85
N TRP E 16 10.80 43.41 -12.43
CA TRP E 16 10.83 43.84 -11.04
C TRP E 16 9.57 44.59 -10.61
N GLN E 17 9.18 44.39 -9.37
CA GLN E 17 8.14 45.18 -8.71
C GLN E 17 8.59 45.36 -7.27
N ASP E 18 8.30 46.52 -6.69
CA ASP E 18 8.75 46.77 -5.32
C ASP E 18 7.93 46.00 -4.32
N LYS E 19 8.50 45.79 -3.14
CA LYS E 19 7.82 45.10 -2.07
C LYS E 19 6.71 45.95 -1.45
N PRO E 20 5.45 45.49 -1.56
CA PRO E 20 4.27 46.16 -1.01
C PRO E 20 4.44 46.50 0.46
N ALA E 21 3.89 47.64 0.87
CA ALA E 21 4.01 48.10 2.24
C ALA E 21 3.46 47.09 3.24
N ASP E 22 2.40 46.40 2.86
CA ASP E 22 1.75 45.46 3.78
C ASP E 22 2.43 44.10 3.80
N CYS E 23 3.29 43.85 2.82
CA CYS E 23 3.94 42.54 2.70
C CYS E 23 4.92 42.28 3.85
N LYS E 24 4.65 41.25 4.62
CA LYS E 24 5.51 40.91 5.76
C LYS E 24 6.30 39.62 5.53
N ASP E 25 6.53 39.30 4.26
CA ASP E 25 7.28 38.08 3.91
C ASP E 25 8.61 38.45 3.26
N VAL E 26 9.54 37.49 3.25
CA VAL E 26 10.83 37.70 2.57
C VAL E 26 10.64 37.88 1.07
N ILE E 27 9.74 37.09 0.50
CA ILE E 27 9.49 37.07 -0.95
C ILE E 27 8.07 37.53 -1.26
N TRP E 28 7.90 38.36 -2.29
CA TRP E 28 6.55 38.78 -2.67
C TRP E 28 6.26 38.39 -4.11
N ARG E 29 5.00 38.08 -4.37
CA ARG E 29 4.58 37.64 -5.69
C ARG E 29 4.33 38.82 -6.62
N TYR E 30 4.60 38.60 -7.91
CA TYR E 30 4.13 39.47 -8.97
C TYR E 30 2.62 39.68 -8.83
N ASP E 31 2.16 40.91 -9.08
CA ASP E 31 0.76 41.22 -8.82
C ASP E 31 -0.20 40.85 -9.97
N ALA E 32 0.34 40.29 -11.05
CA ALA E 32 -0.52 39.84 -12.16
C ALA E 32 -0.22 38.38 -12.60
N ASN E 33 0.07 37.52 -11.63
CA ASN E 33 0.28 36.09 -11.88
C ASN E 33 -0.99 35.42 -12.41
N PRO E 34 -0.84 34.39 -13.27
CA PRO E 34 0.41 33.86 -13.82
C PRO E 34 0.93 34.71 -14.97
N ILE E 35 2.25 34.71 -15.21
CA ILE E 35 2.78 35.44 -16.36
C ILE E 35 2.70 34.61 -17.63
N ILE E 36 2.62 33.29 -17.47
CA ILE E 36 2.37 32.39 -18.58
C ILE E 36 1.23 31.44 -18.20
N PRO E 37 0.08 31.56 -18.88
CA PRO E 37 -1.11 30.74 -18.64
C PRO E 37 -1.08 29.38 -19.33
N ARG E 38 -1.79 28.40 -18.76
CA ARG E 38 -1.81 27.03 -19.27
C ARG E 38 -2.08 26.94 -20.76
N ASP E 39 -2.82 27.89 -21.29
CA ASP E 39 -3.33 27.78 -22.65
C ASP E 39 -2.67 28.72 -23.65
N GLN E 40 -1.53 29.30 -23.28
CA GLN E 40 -0.84 30.24 -24.16
C GLN E 40 -0.52 29.66 -25.56
N LEU E 41 -0.34 28.35 -25.64
CA LEU E 41 -0.11 27.69 -26.93
C LEU E 41 -1.39 26.98 -27.39
N PRO E 42 -1.58 26.83 -28.71
CA PRO E 42 -2.79 26.17 -29.21
C PRO E 42 -2.89 24.71 -28.77
N THR E 43 -1.74 24.11 -28.46
CA THR E 43 -1.69 22.68 -28.17
C THR E 43 -1.44 22.39 -26.69
N SER E 44 -1.29 23.43 -25.88
CA SER E 44 -0.82 23.21 -24.52
C SER E 44 -1.95 22.98 -23.51
N ASN E 45 -1.76 21.93 -22.70
CA ASN E 45 -2.60 21.67 -21.54
C ASN E 45 -2.16 22.52 -20.37
N SER E 46 -0.85 22.69 -20.25
CA SER E 46 -0.26 23.39 -19.12
C SER E 46 1.19 23.76 -19.43
N ILE E 47 1.68 24.81 -18.77
CA ILE E 47 3.03 25.31 -18.99
C ILE E 47 3.57 25.74 -17.64
N PHE E 48 4.61 25.10 -17.15
CA PHE E 48 5.07 25.34 -15.78
C PHE E 48 6.49 24.82 -15.61
N ASN E 49 7.06 24.98 -14.41
CA ASN E 49 8.40 24.47 -14.12
C ASN E 49 9.40 24.71 -15.26
N SER E 50 9.83 25.96 -15.45
CA SER E 50 10.56 26.32 -16.65
C SER E 50 11.84 27.13 -16.39
N ALA E 51 12.72 27.13 -17.38
CA ALA E 51 14.08 27.66 -17.28
C ALA E 51 14.20 28.97 -18.03
N VAL E 52 14.84 29.97 -17.41
CA VAL E 52 15.02 31.30 -17.98
C VAL E 52 16.44 31.85 -17.71
N VAL E 53 17.01 32.50 -18.73
CA VAL E 53 18.30 33.19 -18.60
C VAL E 53 18.29 34.49 -19.39
N PRO E 54 19.18 35.44 -19.01
CA PRO E 54 19.36 36.58 -19.92
C PRO E 54 19.97 36.09 -21.23
N TYR E 55 19.44 36.53 -22.36
CA TYR E 55 20.00 36.20 -23.67
C TYR E 55 19.47 37.14 -24.75
N GLU E 56 20.38 37.87 -25.39
CA GLU E 56 20.01 38.87 -26.39
C GLU E 56 19.80 38.22 -27.75
N SER E 57 18.63 38.44 -28.32
CA SER E 57 18.32 37.88 -29.63
C SER E 57 17.35 38.80 -30.37
N GLU E 58 16.92 38.37 -31.55
CA GLU E 58 15.99 39.16 -32.35
C GLU E 58 14.63 39.29 -31.69
N LYS E 59 14.36 38.45 -30.71
CA LYS E 59 13.04 38.43 -30.08
C LYS E 59 13.05 38.92 -28.65
N GLY E 60 14.18 39.44 -28.18
CA GLY E 60 14.22 40.02 -26.84
C GLY E 60 15.55 40.00 -26.11
N LYS E 61 15.48 40.11 -24.79
CA LYS E 61 16.66 40.19 -23.94
C LYS E 61 16.77 38.99 -22.99
N PHE E 62 15.78 38.10 -23.05
CA PHE E 62 15.77 36.87 -22.27
C PHE E 62 15.39 35.70 -23.16
N ALA E 63 15.88 34.51 -22.80
CA ALA E 63 15.42 33.29 -23.47
C ALA E 63 15.17 32.20 -22.43
N GLY E 64 14.57 31.10 -22.85
CA GLY E 64 14.35 30.00 -21.93
C GLY E 64 13.90 28.69 -22.56
N VAL E 65 13.89 27.63 -21.75
CA VAL E 65 13.34 26.34 -22.16
C VAL E 65 12.15 26.05 -21.25
N PHE E 66 11.00 25.75 -21.87
CA PHE E 66 9.76 25.70 -21.12
C PHE E 66 9.16 24.31 -21.12
N ARG E 67 8.71 23.86 -19.98
CA ARG E 67 7.93 22.65 -19.94
C ARG E 67 6.49 22.83 -20.43
N VAL E 68 6.18 22.18 -21.52
CA VAL E 68 4.85 22.24 -22.06
C VAL E 68 4.27 20.83 -22.13
N ASP E 69 3.19 20.59 -21.38
CA ASP E 69 2.44 19.35 -21.51
C ASP E 69 1.29 19.57 -22.49
N ASP E 70 1.20 18.73 -23.53
CA ASP E 70 0.16 18.91 -24.55
C ASP E 70 -1.17 18.26 -24.13
N LYS E 71 -2.08 18.14 -25.09
CA LYS E 71 -3.42 17.66 -24.76
C LYS E 71 -3.51 16.14 -24.80
N CYS E 72 -2.37 15.49 -25.03
CA CYS E 72 -2.21 14.05 -24.78
C CYS E 72 -1.66 13.88 -23.35
N ARG E 73 -1.32 15.00 -22.73
CA ARG E 73 -0.55 15.09 -21.47
C ARG E 73 0.88 14.53 -21.63
N ASN E 74 1.36 14.43 -22.87
CA ASN E 74 2.79 14.22 -23.13
C ASN E 74 3.55 15.35 -22.51
N MET E 75 4.76 15.07 -22.01
CA MET E 75 5.65 16.09 -21.46
C MET E 75 6.79 16.44 -22.42
N GLU E 76 6.90 17.73 -22.75
CA GLU E 76 7.83 18.27 -23.75
C GLU E 76 8.53 19.55 -23.30
N LEU E 77 9.58 19.91 -24.04
CA LEU E 77 10.28 21.18 -23.86
C LEU E 77 10.13 22.03 -25.13
N HIS E 78 9.77 23.29 -24.94
CA HIS E 78 9.71 24.28 -26.02
C HIS E 78 10.64 25.44 -25.67
N ALA E 79 11.43 25.88 -26.64
CA ALA E 79 12.27 27.07 -26.44
C ALA E 79 11.40 28.33 -26.43
N GLY E 80 11.84 29.38 -25.74
CA GLY E 80 11.05 30.60 -25.67
C GLY E 80 11.87 31.88 -25.53
N PHE E 81 11.26 33.00 -25.92
CA PHE E 81 11.93 34.29 -25.87
C PHE E 81 11.03 35.40 -25.33
N SER E 82 11.63 36.50 -24.92
CA SER E 82 10.87 37.58 -24.27
C SER E 82 11.66 38.87 -24.24
N LYS E 83 10.98 39.99 -24.47
CA LYS E 83 11.64 41.28 -24.42
C LYS E 83 11.82 41.77 -22.98
N ASP E 84 10.84 41.50 -22.12
CA ASP E 84 10.86 42.05 -20.76
C ASP E 84 11.00 40.98 -19.67
N GLY E 85 10.99 39.70 -20.06
CA GLY E 85 11.08 38.61 -19.10
C GLY E 85 9.76 38.25 -18.44
N ILE E 86 8.66 38.86 -18.91
CA ILE E 86 7.34 38.60 -18.35
C ILE E 86 6.39 38.11 -19.44
N HIS E 87 6.36 38.79 -20.58
CA HIS E 87 5.50 38.41 -21.70
C HIS E 87 6.30 37.59 -22.69
N TRP E 88 5.90 36.33 -22.87
CA TRP E 88 6.77 35.35 -23.52
C TRP E 88 6.27 34.85 -24.86
N ASP E 89 7.19 34.73 -25.80
CA ASP E 89 6.97 34.11 -27.09
C ASP E 89 7.56 32.71 -27.04
N ILE E 90 6.69 31.71 -26.88
CA ILE E 90 7.13 30.33 -26.76
C ILE E 90 6.87 29.62 -28.07
N ASN E 91 7.89 28.95 -28.61
CA ASN E 91 7.75 28.19 -29.83
C ASN E 91 6.55 27.26 -29.75
N PRO E 92 5.78 27.16 -30.84
CA PRO E 92 4.60 26.29 -30.81
C PRO E 92 4.99 24.81 -30.78
N ASP E 93 6.14 24.44 -31.34
CA ASP E 93 6.52 23.03 -31.44
C ASP E 93 7.67 22.71 -30.49
N ARG E 94 7.86 21.42 -30.18
CA ARG E 94 8.86 21.00 -29.20
C ARG E 94 10.29 21.14 -29.71
N ILE E 95 11.23 21.24 -28.80
CA ILE E 95 12.62 21.09 -29.17
C ILE E 95 12.86 19.67 -29.67
N VAL E 96 13.45 19.58 -30.85
CA VAL E 96 13.88 18.31 -31.42
C VAL E 96 15.39 18.28 -31.35
N PHE E 97 15.93 17.52 -30.42
CA PHE E 97 17.37 17.57 -30.18
C PHE E 97 18.15 16.99 -31.35
N GLU E 98 19.29 17.61 -31.63
CA GLU E 98 20.32 16.98 -32.43
C GLU E 98 21.35 16.38 -31.47
N GLN E 99 21.97 15.29 -31.88
CA GLN E 99 22.97 14.65 -31.04
C GLN E 99 24.32 15.36 -31.18
N ALA E 100 24.91 15.75 -30.04
CA ALA E 100 26.21 16.39 -30.05
C ALA E 100 27.24 15.50 -30.74
N GLU E 101 27.20 14.21 -30.41
CA GLU E 101 28.09 13.23 -31.03
C GLU E 101 27.27 12.10 -31.65
N LYS E 102 27.81 11.53 -32.71
CA LYS E 102 27.11 10.50 -33.47
C LYS E 102 26.90 9.22 -32.65
N SER E 103 27.70 9.04 -31.61
CA SER E 103 27.64 7.80 -30.84
C SER E 103 26.49 7.75 -29.82
N THR E 104 25.60 8.74 -29.83
CA THR E 104 24.40 8.72 -28.98
C THR E 104 23.14 8.73 -29.82
N GLU E 105 23.29 8.49 -31.12
CA GLU E 105 22.14 8.46 -32.04
C GLU E 105 21.16 7.38 -31.62
N GLU E 106 21.69 6.21 -31.28
CA GLU E 106 20.83 5.09 -30.90
C GLU E 106 20.17 5.28 -29.55
N VAL E 107 20.95 5.68 -28.55
CA VAL E 107 20.49 5.77 -27.18
C VAL E 107 19.44 6.83 -26.93
N ASN E 108 19.65 8.01 -27.51
CA ASN E 108 18.86 9.18 -27.14
C ASN E 108 17.68 9.33 -28.06
N GLN E 109 16.78 8.36 -28.01
CA GLN E 109 15.53 8.52 -28.72
C GLN E 109 14.54 9.22 -27.80
N TRP E 110 13.79 10.15 -28.35
CA TRP E 110 12.92 11.00 -27.54
C TRP E 110 11.77 10.21 -26.95
N GLY E 111 11.52 10.41 -25.66
CA GLY E 111 10.36 9.83 -25.01
C GLY E 111 9.55 10.92 -24.33
N TYR E 112 10.13 11.47 -23.26
CA TYR E 112 9.58 12.69 -22.67
C TYR E 112 10.68 13.53 -22.02
N GLY E 113 10.33 14.75 -21.66
CA GLY E 113 11.24 15.62 -20.96
C GLY E 113 10.47 16.65 -20.17
N TYR E 114 10.91 16.92 -18.95
CA TYR E 114 10.28 17.98 -18.18
C TYR E 114 11.21 18.63 -17.15
N ASP E 115 10.77 19.78 -16.68
CA ASP E 115 11.44 20.50 -15.62
C ASP E 115 12.90 20.84 -15.97
N PRO E 116 13.08 21.61 -17.04
CA PRO E 116 14.43 21.95 -17.45
C PRO E 116 15.05 22.98 -16.53
N ARG E 117 16.35 22.94 -16.38
CA ARG E 117 17.10 24.03 -15.77
C ARG E 117 18.16 24.44 -16.78
N VAL E 118 18.48 25.72 -16.83
CA VAL E 118 19.40 26.22 -17.86
C VAL E 118 20.33 27.28 -17.27
N CYS E 119 21.62 27.16 -17.60
CA CYS E 119 22.60 28.17 -17.23
C CYS E 119 23.75 28.22 -18.23
N PHE E 120 24.29 29.42 -18.42
CA PHE E 120 25.48 29.62 -19.25
C PHE E 120 26.73 29.14 -18.50
N ILE E 121 27.53 28.31 -19.15
CA ILE E 121 28.83 27.98 -18.60
C ILE E 121 29.91 28.20 -19.65
N GLU E 122 30.87 29.04 -19.26
CA GLU E 122 32.03 29.46 -20.03
C GLU E 122 31.80 29.83 -21.51
N ASP E 123 31.14 28.98 -22.31
CA ASP E 123 30.99 29.34 -23.73
C ASP E 123 29.68 28.93 -24.39
N ARG E 124 28.75 28.39 -23.60
CA ARG E 124 27.44 28.01 -24.12
C ARG E 124 26.42 27.89 -23.01
N PHE E 125 25.18 27.60 -23.38
CA PHE E 125 24.13 27.37 -22.40
C PHE E 125 23.90 25.87 -22.21
N TRP E 126 23.95 25.42 -20.95
CA TRP E 126 23.70 24.02 -20.65
C TRP E 126 22.29 23.81 -20.12
N VAL E 127 21.59 22.86 -20.72
CA VAL E 127 20.24 22.48 -20.32
C VAL E 127 20.26 21.10 -19.67
N THR E 128 19.73 21.00 -18.45
CA THR E 128 19.40 19.70 -17.86
C THR E 128 17.88 19.58 -17.70
N TRP E 129 17.37 18.37 -17.83
CA TRP E 129 15.93 18.12 -17.61
C TRP E 129 15.69 16.69 -17.20
N CYS E 130 14.47 16.40 -16.74
CA CYS E 130 14.12 15.03 -16.46
C CYS E 130 13.80 14.33 -17.78
N ASN E 131 14.66 13.42 -18.21
CA ASN E 131 14.60 12.83 -19.54
C ASN E 131 14.29 11.35 -19.46
N ALA E 132 13.33 10.87 -20.25
CA ALA E 132 13.03 9.44 -20.29
C ALA E 132 14.10 8.68 -21.06
N TYR E 133 14.64 7.67 -20.41
CA TYR E 133 15.46 6.68 -21.09
C TYR E 133 14.75 5.33 -20.94
N GLY E 134 14.20 4.81 -22.03
CA GLY E 134 13.37 3.61 -21.95
C GLY E 134 12.15 3.82 -21.04
N TRP E 135 11.61 5.04 -21.05
CA TRP E 135 10.44 5.46 -20.25
C TRP E 135 10.69 5.44 -18.74
N LYS E 136 11.94 5.64 -18.35
CA LYS E 136 12.32 5.79 -16.96
C LYS E 136 12.99 7.15 -16.80
N PRO E 137 12.74 7.84 -15.67
CA PRO E 137 13.33 9.18 -15.52
C PRO E 137 14.79 9.16 -15.11
N THR E 138 15.62 9.92 -15.84
CA THR E 138 16.99 10.23 -15.44
C THR E 138 17.27 11.68 -15.83
N ILE E 139 18.52 12.13 -15.79
CA ILE E 139 18.79 13.54 -16.12
C ILE E 139 19.38 13.68 -17.51
N GLY E 140 18.65 14.34 -18.39
CA GLY E 140 19.13 14.60 -19.73
C GLY E 140 20.09 15.78 -19.68
N VAL E 141 21.02 15.80 -20.64
CA VAL E 141 21.96 16.90 -20.79
C VAL E 141 22.01 17.39 -22.23
N ALA E 142 22.06 18.69 -22.43
CA ALA E 142 22.21 19.24 -23.77
C ALA E 142 22.88 20.60 -23.74
N TYR E 143 23.32 21.10 -24.88
CA TYR E 143 23.82 22.47 -24.90
C TYR E 143 23.32 23.20 -26.12
N THR E 144 23.32 24.52 -26.01
CA THR E 144 22.88 25.37 -27.09
C THR E 144 23.69 26.66 -27.04
N PHE E 145 23.94 27.23 -28.21
CA PHE E 145 24.61 28.53 -28.35
C PHE E 145 23.61 29.67 -28.59
N ASP E 146 22.46 29.33 -29.20
CA ASP E 146 21.52 30.33 -29.68
C ASP E 146 20.06 30.10 -29.29
N PHE E 147 19.79 29.06 -28.49
CA PHE E 147 18.43 28.67 -28.15
C PHE E 147 17.58 28.42 -29.38
N LYS E 148 18.25 27.96 -30.43
CA LYS E 148 17.59 27.65 -31.67
C LYS E 148 17.84 26.18 -32.01
N THR E 149 19.11 25.78 -31.95
CA THR E 149 19.47 24.39 -32.12
C THR E 149 20.01 23.87 -30.79
N PHE E 150 19.56 22.68 -30.39
CA PHE E 150 19.97 22.09 -29.13
C PHE E 150 20.72 20.78 -29.37
N TYR E 151 21.87 20.62 -28.73
CA TYR E 151 22.72 19.45 -28.97
C TYR E 151 22.74 18.56 -27.73
N GLN E 152 22.14 17.37 -27.85
CA GLN E 152 21.99 16.49 -26.71
C GLN E 152 23.24 15.67 -26.47
N CYS E 153 23.60 15.51 -25.19
CA CYS E 153 24.73 14.68 -24.82
C CYS E 153 24.25 13.39 -24.13
N GLU E 154 25.14 12.73 -23.39
CA GLU E 154 24.73 11.52 -22.66
C GLU E 154 23.89 11.88 -21.46
N ASN E 155 22.88 11.06 -21.15
CA ASN E 155 22.21 11.15 -19.85
C ASN E 155 23.27 10.99 -18.80
N ALA E 156 23.28 11.89 -17.81
CA ALA E 156 24.36 11.94 -16.84
C ALA E 156 24.37 10.73 -15.92
N PHE E 157 23.18 10.19 -15.64
CA PHE E 157 23.02 9.15 -14.64
C PHE E 157 22.12 8.00 -15.07
N LEU E 158 22.16 6.91 -14.33
CA LEU E 158 21.18 5.85 -14.42
C LEU E 158 19.84 6.36 -13.90
N PRO E 159 18.73 5.82 -14.41
CA PRO E 159 17.49 6.02 -13.66
C PRO E 159 17.69 5.49 -12.24
N PHE E 160 16.85 5.85 -11.26
CA PHE E 160 15.75 6.78 -11.41
C PHE E 160 16.17 8.08 -10.73
N ASN E 161 16.05 9.19 -11.46
CA ASN E 161 16.60 10.46 -11.01
C ASN E 161 15.82 11.63 -11.60
N ARG E 162 15.85 12.76 -10.89
CA ARG E 162 15.04 13.94 -11.24
C ARG E 162 15.72 15.13 -10.56
N ASN E 163 15.37 16.36 -10.97
CA ASN E 163 15.87 17.59 -10.34
C ASN E 163 17.38 17.72 -10.51
N GLY E 164 17.86 17.45 -11.72
CA GLY E 164 19.26 17.66 -12.06
C GLY E 164 19.49 19.11 -12.41
N VAL E 165 20.35 19.76 -11.63
CA VAL E 165 20.62 21.19 -11.81
C VAL E 165 22.13 21.45 -11.77
N LEU E 166 22.66 22.09 -12.80
CA LEU E 166 24.09 22.37 -12.88
C LEU E 166 24.53 23.56 -12.05
N PHE E 167 25.70 23.48 -11.41
CA PHE E 167 26.31 24.70 -10.89
C PHE E 167 26.83 25.49 -12.09
N PRO E 168 26.82 26.83 -12.00
CA PRO E 168 27.02 27.66 -13.19
C PRO E 168 28.48 27.79 -13.65
N ARG E 169 29.41 27.20 -12.90
CA ARG E 169 30.81 27.15 -13.33
C ARG E 169 31.45 25.85 -12.86
N LYS E 170 32.68 25.58 -13.29
CA LYS E 170 33.43 24.46 -12.75
C LYS E 170 33.87 24.81 -11.35
N ILE E 171 33.96 23.81 -10.49
CA ILE E 171 34.50 23.96 -9.15
C ILE E 171 35.60 22.93 -8.98
N ASN E 172 36.78 23.40 -8.60
CA ASN E 172 37.97 22.56 -8.55
C ASN E 172 38.19 21.78 -9.86
N GLY E 173 37.95 22.45 -10.97
CA GLY E 173 38.20 21.87 -12.28
C GLY E 173 37.20 20.83 -12.72
N LYS E 174 36.05 20.78 -12.04
CA LYS E 174 35.00 19.80 -12.34
C LYS E 174 33.60 20.40 -12.41
N TYR E 175 32.83 19.99 -13.42
CA TYR E 175 31.39 20.30 -13.47
C TYR E 175 30.72 19.68 -12.26
N VAL E 176 29.79 20.41 -11.65
CA VAL E 176 29.10 19.91 -10.47
C VAL E 176 27.58 20.02 -10.65
N MET E 177 26.89 18.89 -10.49
CA MET E 177 25.44 18.85 -10.68
C MET E 177 24.67 18.33 -9.47
N PHE E 178 23.69 19.12 -9.01
CA PHE E 178 22.62 18.67 -8.13
C PHE E 178 21.83 17.55 -8.79
N SER E 179 21.47 16.50 -8.07
CA SER E 179 20.41 15.61 -8.56
C SER E 179 19.64 15.02 -7.37
N ARG E 180 18.73 14.10 -7.64
CA ARG E 180 17.80 13.66 -6.60
C ARG E 180 17.29 12.27 -6.90
N PRO E 181 17.99 11.25 -6.41
CA PRO E 181 17.59 9.86 -6.63
C PRO E 181 16.13 9.64 -6.26
N SER E 182 15.41 9.04 -7.20
CA SER E 182 13.97 8.93 -7.11
C SER E 182 13.56 7.46 -7.26
N ASP E 183 12.30 7.23 -7.61
CA ASP E 183 11.88 5.90 -8.02
C ASP E 183 11.07 5.99 -9.30
N SER E 184 10.38 4.90 -9.61
CA SER E 184 9.57 4.81 -10.82
C SER E 184 8.20 5.49 -10.68
N GLY E 185 7.87 6.01 -9.50
CA GLY E 185 6.56 6.64 -9.31
C GLY E 185 6.57 8.04 -8.74
N HIS E 186 5.53 8.38 -8.01
CA HIS E 186 5.47 9.65 -7.31
C HIS E 186 6.23 9.44 -6.02
N THR E 187 7.54 9.58 -6.15
CA THR E 187 8.52 9.28 -5.11
C THR E 187 8.18 9.81 -3.73
N PRO E 188 8.06 8.90 -2.75
CA PRO E 188 7.75 9.25 -1.37
C PRO E 188 9.01 9.41 -0.51
N PHE E 189 10.11 9.82 -1.14
CA PHE E 189 11.37 10.12 -0.46
C PHE E 189 12.16 11.08 -1.34
N GLY E 190 13.29 11.58 -0.85
CA GLY E 190 14.15 12.42 -1.68
C GLY E 190 15.18 13.29 -0.98
N ASP E 191 16.45 12.93 -1.10
CA ASP E 191 17.57 13.74 -0.61
C ASP E 191 18.30 14.41 -1.77
N MET E 192 18.86 15.59 -1.53
CA MET E 192 19.70 16.20 -2.55
C MET E 192 21.13 15.65 -2.46
N PHE E 193 21.72 15.44 -3.63
CA PHE E 193 23.10 15.00 -3.80
C PHE E 193 23.77 15.90 -4.82
N ILE E 194 25.10 15.90 -4.84
CA ILE E 194 25.82 16.41 -6.01
C ILE E 194 26.69 15.30 -6.60
N SER E 195 26.89 15.41 -7.90
CA SER E 195 27.83 14.57 -8.61
C SER E 195 28.81 15.46 -9.37
N GLN E 196 29.97 14.93 -9.70
CA GLN E 196 31.02 15.71 -10.34
C GLN E 196 31.52 15.05 -11.63
N SER E 197 31.91 15.89 -12.59
CA SER E 197 32.38 15.40 -13.89
C SER E 197 33.43 16.30 -14.50
N PRO E 198 34.57 15.72 -14.94
CA PRO E 198 35.60 16.50 -15.63
C PRO E 198 35.18 16.91 -17.05
N ASP E 199 34.29 16.15 -17.69
CA ASP E 199 34.00 16.34 -19.11
C ASP E 199 32.52 16.41 -19.48
N MET E 200 31.65 16.48 -18.47
CA MET E 200 30.20 16.46 -18.68
C MET E 200 29.69 15.20 -19.33
N LYS E 201 30.46 14.11 -19.29
CA LYS E 201 29.96 12.84 -19.81
C LYS E 201 30.02 11.74 -18.76
N TYR E 202 31.15 11.66 -18.06
CA TYR E 202 31.35 10.65 -17.04
C TYR E 202 31.22 11.32 -15.66
N TRP E 203 30.46 10.71 -14.76
CA TRP E 203 30.11 11.35 -13.48
C TRP E 203 30.52 10.51 -12.27
N GLY E 204 30.92 11.19 -11.20
CA GLY E 204 31.45 10.49 -10.05
C GLY E 204 31.62 11.39 -8.85
N GLU E 205 32.22 10.84 -7.80
CA GLU E 205 32.49 11.59 -6.59
C GLU E 205 31.18 12.18 -6.05
N HIS E 206 30.22 11.28 -5.82
CA HIS E 206 28.88 11.65 -5.38
C HIS E 206 28.90 12.02 -3.90
N ARG E 207 28.26 13.14 -3.58
CA ARG E 207 28.25 13.65 -2.22
C ARG E 207 26.82 14.01 -1.81
N HIS E 208 26.43 13.57 -0.63
CA HIS E 208 25.11 13.88 -0.06
C HIS E 208 25.10 15.33 0.42
N VAL E 209 24.21 16.12 -0.18
CA VAL E 209 24.01 17.48 0.29
C VAL E 209 23.20 17.47 1.58
N MET E 210 21.91 17.18 1.46
CA MET E 210 21.03 17.18 2.63
C MET E 210 19.72 16.45 2.33
N GLY E 211 18.91 16.25 3.36
CA GLY E 211 17.66 15.52 3.23
C GLY E 211 16.51 16.24 3.90
N PRO E 212 15.31 15.63 3.87
CA PRO E 212 14.11 16.21 4.50
C PRO E 212 14.36 16.49 5.97
N LEU E 213 13.96 17.67 6.45
CA LEU E 213 14.29 18.08 7.81
C LEU E 213 13.07 18.66 8.53
N ARG E 214 12.69 19.89 8.20
CA ARG E 214 11.52 20.54 8.84
C ARG E 214 10.19 20.01 8.29
N ALA E 215 9.11 20.25 9.02
CA ALA E 215 7.77 19.74 8.65
C ALA E 215 7.38 20.05 7.21
N TRP E 216 7.64 21.27 6.74
CA TRP E 216 7.18 21.70 5.42
C TRP E 216 7.93 20.99 4.30
N GLU E 217 9.04 20.37 4.69
CA GLU E 217 9.99 19.69 3.80
C GLU E 217 10.28 18.29 4.36
N SER E 218 9.30 17.67 5.01
CA SER E 218 9.53 16.43 5.75
C SER E 218 9.47 15.15 4.90
N LYS E 219 8.86 15.24 3.73
CA LYS E 219 8.64 14.05 2.91
C LYS E 219 9.73 13.89 1.85
N LYS E 220 10.08 14.99 1.19
CA LYS E 220 11.18 14.99 0.24
C LYS E 220 11.55 16.42 -0.15
N ILE E 221 12.78 16.56 -0.63
CA ILE E 221 13.31 17.84 -1.08
C ILE E 221 14.02 17.66 -2.44
N GLY E 222 14.19 18.73 -3.18
CA GLY E 222 14.96 18.69 -4.43
C GLY E 222 15.48 20.06 -4.87
N ALA E 223 16.57 20.09 -5.63
CA ALA E 223 17.12 21.35 -6.14
C ALA E 223 16.07 22.10 -6.95
N GLY E 224 16.16 23.42 -6.92
CA GLY E 224 15.29 24.22 -7.74
C GLY E 224 16.01 24.88 -8.89
N PRO E 225 16.23 26.20 -8.78
CA PRO E 225 16.93 26.97 -9.82
C PRO E 225 18.46 26.82 -9.71
N ILE E 226 19.17 27.40 -10.68
CA ILE E 226 20.63 27.40 -10.68
C ILE E 226 21.17 28.07 -9.41
N PRO E 227 22.18 27.45 -8.79
CA PRO E 227 22.84 28.07 -7.64
C PRO E 227 23.29 29.50 -7.95
N ILE E 228 23.24 30.37 -6.96
CA ILE E 228 23.75 31.73 -7.11
C ILE E 228 25.03 31.91 -6.29
N GLU E 229 26.12 32.30 -6.94
CA GLU E 229 27.38 32.46 -6.20
C GLU E 229 27.37 33.82 -5.52
N THR E 230 27.50 33.78 -4.19
CA THR E 230 27.57 34.99 -3.37
C THR E 230 28.84 34.95 -2.51
N SER E 231 29.06 36.00 -1.72
CA SER E 231 30.22 36.06 -0.84
C SER E 231 30.05 35.17 0.38
N GLU E 232 28.84 34.66 0.56
CA GLU E 232 28.54 33.73 1.64
C GLU E 232 28.69 32.27 1.20
N GLY E 233 28.77 32.07 -0.11
CA GLY E 233 28.75 30.72 -0.65
C GLY E 233 27.70 30.60 -1.74
N TRP E 234 27.23 29.38 -1.99
CA TRP E 234 26.21 29.15 -3.00
C TRP E 234 24.82 29.29 -2.40
N LEU E 235 24.07 30.29 -2.88
CA LEU E 235 22.70 30.49 -2.44
C LEU E 235 21.80 29.61 -3.30
N CYS E 236 21.22 28.58 -2.70
CA CYS E 236 20.44 27.65 -3.49
C CYS E 236 19.00 27.60 -3.04
N PHE E 237 18.09 28.07 -3.88
CA PHE E 237 16.66 27.84 -3.64
C PHE E 237 16.38 26.37 -3.95
N TYR E 238 15.52 25.75 -3.15
CA TYR E 238 15.17 24.35 -3.32
C TYR E 238 13.69 24.11 -2.96
N HIS E 239 13.11 23.01 -3.44
CA HIS E 239 11.74 22.72 -3.04
C HIS E 239 11.71 21.68 -1.94
N GLY E 240 10.58 21.63 -1.23
CA GLY E 240 10.38 20.73 -0.11
C GLY E 240 8.90 20.35 -0.04
N VAL E 241 8.64 19.12 0.38
CA VAL E 241 7.29 18.57 0.33
C VAL E 241 6.81 18.15 1.71
N LEU E 242 5.59 18.56 2.03
CA LEU E 242 4.87 18.05 3.19
C LEU E 242 3.76 17.13 2.69
N GLU E 243 3.55 16.00 3.35
CA GLU E 243 2.50 15.08 2.93
C GLU E 243 1.28 15.18 3.84
N SER E 244 0.14 15.60 3.29
CA SER E 244 -1.10 15.57 4.04
C SER E 244 -1.92 14.32 3.73
N CYS E 245 -3.05 14.16 4.41
CA CYS E 245 -3.95 13.04 4.15
C CYS E 245 -4.45 13.05 2.71
N ASN E 246 -4.36 14.21 2.05
CA ASN E 246 -4.88 14.35 0.69
C ASN E 246 -3.83 14.41 -0.42
N GLY E 247 -2.56 14.51 -0.05
CA GLY E 247 -1.51 14.55 -1.06
C GLY E 247 -0.26 15.30 -0.65
N PHE E 248 0.40 15.89 -1.64
CA PHE E 248 1.65 16.56 -1.46
C PHE E 248 1.47 18.08 -1.49
N VAL E 249 2.21 18.78 -0.64
CA VAL E 249 2.26 20.23 -0.72
C VAL E 249 3.71 20.69 -0.96
N TYR E 250 3.93 21.34 -2.09
CA TYR E 250 5.26 21.74 -2.55
C TYR E 250 5.53 23.21 -2.26
N SER E 251 6.43 23.49 -1.33
CA SER E 251 6.89 24.86 -1.04
C SER E 251 8.36 25.00 -1.41
N PHE E 252 8.89 26.22 -1.36
CA PHE E 252 10.33 26.35 -1.52
C PHE E 252 10.93 27.39 -0.59
N SER E 253 12.24 27.29 -0.45
CA SER E 253 13.01 28.10 0.48
C SER E 253 14.43 28.15 -0.03
N ALA E 254 15.38 28.33 0.87
CA ALA E 254 16.75 28.44 0.42
C ALA E 254 17.72 27.98 1.48
N CYS E 255 18.93 27.66 1.01
CA CYS E 255 20.04 27.27 1.86
C CYS E 255 21.31 27.89 1.28
N ILE E 256 22.34 27.96 2.11
CA ILE E 256 23.66 28.44 1.65
C ILE E 256 24.64 27.29 1.80
N LEU E 257 25.34 26.98 0.71
CA LEU E 257 26.28 25.87 0.70
C LEU E 257 27.72 26.37 0.51
N ASP E 258 28.65 25.70 1.20
CA ASP E 258 30.06 26.06 1.16
C ASP E 258 30.59 26.23 -0.25
N LYS E 259 31.43 27.25 -0.43
CA LYS E 259 31.92 27.66 -1.74
C LYS E 259 32.63 26.55 -2.51
N ASP E 260 33.46 25.77 -1.80
CA ASP E 260 34.38 24.83 -2.43
C ASP E 260 33.90 23.40 -2.43
N GLU E 261 33.10 23.05 -1.43
CA GLU E 261 32.46 21.75 -1.35
C GLU E 261 30.96 21.97 -1.10
N PRO E 262 30.21 22.19 -2.19
CA PRO E 262 28.81 22.66 -2.15
C PRO E 262 27.85 21.65 -1.50
N TRP E 263 28.34 20.43 -1.25
CA TRP E 263 27.54 19.45 -0.55
C TRP E 263 27.53 19.68 0.95
N LYS E 264 28.34 20.63 1.39
CA LYS E 264 28.42 20.98 2.81
C LYS E 264 27.51 22.19 3.11
N VAL E 265 26.58 22.02 4.04
CA VAL E 265 25.56 23.04 4.27
C VAL E 265 26.01 24.07 5.30
N LYS E 266 26.05 25.33 4.91
CA LYS E 266 26.40 26.41 5.86
C LYS E 266 25.17 26.87 6.61
N TYR E 267 24.16 27.28 5.85
CA TYR E 267 22.89 27.69 6.44
C TYR E 267 21.71 27.07 5.66
N ARG E 268 20.62 26.85 6.37
CA ARG E 268 19.42 26.27 5.80
C ARG E 268 18.19 26.87 6.51
N CYS E 269 17.39 27.62 5.76
CA CYS E 269 16.22 28.26 6.34
C CYS E 269 15.22 27.23 6.87
N ALA E 270 14.83 27.37 8.14
CA ALA E 270 13.93 26.44 8.78
C ALA E 270 12.49 26.58 8.26
N GLU E 271 12.20 27.72 7.66
CA GLU E 271 10.87 28.02 7.16
C GLU E 271 10.86 27.98 5.66
N TYR E 272 9.67 27.76 5.07
CA TYR E 272 9.55 27.99 3.65
C TYR E 272 9.65 29.49 3.44
N LEU E 273 9.97 29.88 2.22
CA LEU E 273 9.96 31.29 1.85
C LEU E 273 8.76 31.62 0.96
N LEU E 274 8.16 30.59 0.36
CA LEU E 274 6.93 30.74 -0.43
C LEU E 274 6.22 29.40 -0.52
N SER E 275 4.90 29.40 -0.35
CA SER E 275 4.15 28.15 -0.27
C SER E 275 2.84 28.34 -1.02
N PRO E 276 2.18 27.24 -1.41
CA PRO E 276 0.95 27.40 -2.20
C PRO E 276 -0.19 28.04 -1.42
N GLN E 277 -0.61 29.25 -1.82
CA GLN E 277 -1.60 30.00 -1.05
C GLN E 277 -2.63 30.74 -1.91
N LYS E 278 -2.27 31.04 -3.16
CA LYS E 278 -3.18 31.74 -4.07
C LYS E 278 -3.99 30.74 -4.87
N ILE E 279 -5.11 31.19 -5.41
CA ILE E 279 -5.99 30.31 -6.16
C ILE E 279 -5.23 29.58 -7.28
N TYR E 280 -4.28 30.26 -7.93
CA TYR E 280 -3.58 29.66 -9.08
C TYR E 280 -2.43 28.74 -8.64
N GLU E 281 -2.13 28.75 -7.34
CA GLU E 281 -1.14 27.86 -6.76
C GLU E 281 -1.81 26.63 -6.14
N CYS E 282 -3.06 26.77 -5.74
CA CYS E 282 -3.77 25.72 -5.02
C CYS E 282 -4.74 24.96 -5.90
N VAL E 283 -5.15 25.58 -7.00
CA VAL E 283 -6.10 24.96 -7.90
C VAL E 283 -5.47 24.73 -9.26
N GLY E 284 -5.55 23.49 -9.75
CA GLY E 284 -5.00 23.16 -11.04
C GLY E 284 -4.77 21.68 -11.22
N ASP E 285 -3.94 21.34 -12.20
CA ASP E 285 -3.66 19.95 -12.54
C ASP E 285 -3.10 19.18 -11.34
N VAL E 286 -2.25 19.84 -10.58
CA VAL E 286 -1.77 19.27 -9.33
C VAL E 286 -1.88 20.31 -8.22
N GLN E 287 -2.82 20.11 -7.30
CA GLN E 287 -3.08 21.13 -6.29
C GLN E 287 -1.87 21.36 -5.37
N ASN E 288 -1.79 22.59 -4.86
CA ASN E 288 -0.79 22.99 -3.87
C ASN E 288 0.67 22.73 -4.28
N VAL E 289 1.06 23.36 -5.38
CA VAL E 289 2.43 23.26 -5.86
C VAL E 289 2.95 24.64 -6.17
N THR E 290 4.06 25.01 -5.55
CA THR E 290 4.84 26.18 -5.96
C THR E 290 6.28 25.70 -6.17
N PHE E 291 6.71 25.64 -7.42
CA PHE E 291 7.88 24.86 -7.84
C PHE E 291 8.83 25.69 -8.68
N PRO E 292 9.91 26.20 -8.08
CA PRO E 292 10.81 27.12 -8.79
C PRO E 292 11.90 26.43 -9.61
N CYS E 293 12.01 26.79 -10.89
CA CYS E 293 13.05 26.21 -11.71
C CYS E 293 14.04 27.25 -12.26
N ALA E 294 13.84 28.53 -11.93
CA ALA E 294 14.77 29.55 -12.43
C ALA E 294 14.70 30.85 -11.63
N THR E 295 15.84 31.54 -11.54
CA THR E 295 15.86 32.93 -11.06
C THR E 295 16.73 33.79 -11.95
N LEU E 296 16.36 35.07 -12.05
CA LEU E 296 17.22 36.10 -12.64
C LEU E 296 17.79 36.93 -11.50
N VAL E 297 19.08 37.23 -11.57
CA VAL E 297 19.75 38.02 -10.53
C VAL E 297 20.43 39.25 -11.14
N ASP E 298 20.16 40.41 -10.54
CA ASP E 298 20.84 41.64 -10.94
C ASP E 298 22.03 41.90 -10.00
N ALA E 299 23.22 41.49 -10.45
CA ALA E 299 24.42 41.61 -9.63
C ALA E 299 24.63 43.04 -9.12
N ASP E 300 24.25 44.03 -9.93
CA ASP E 300 24.35 45.44 -9.52
C ASP E 300 23.56 45.76 -8.26
N THR E 301 22.32 45.28 -8.21
CA THR E 301 21.38 45.68 -7.16
C THR E 301 21.06 44.56 -6.18
N GLY E 302 21.20 43.31 -6.64
CA GLY E 302 20.89 42.17 -5.80
C GLY E 302 19.41 41.83 -5.85
N ARG E 303 18.72 42.37 -6.85
CA ARG E 303 17.30 42.06 -7.06
C ARG E 303 17.16 40.66 -7.67
N ILE E 304 16.15 39.92 -7.23
CA ILE E 304 15.91 38.59 -7.77
C ILE E 304 14.50 38.43 -8.34
N ALA E 305 14.44 37.97 -9.59
CA ALA E 305 13.17 37.55 -10.19
C ALA E 305 13.12 36.02 -10.24
N ILE E 306 12.18 35.45 -9.48
CA ILE E 306 12.03 34.01 -9.40
C ILE E 306 10.88 33.55 -10.27
N TYR E 307 11.14 32.57 -11.13
CA TYR E 307 10.08 31.92 -11.90
C TYR E 307 9.71 30.60 -11.23
N TYR E 308 8.44 30.39 -10.94
CA TYR E 308 8.02 29.11 -10.39
C TYR E 308 6.71 28.58 -11.00
N GLY E 309 6.64 27.26 -11.14
CA GLY E 309 5.43 26.59 -11.57
C GLY E 309 4.36 26.63 -10.50
N CYS E 310 3.11 26.77 -10.93
CA CYS E 310 1.97 26.83 -10.03
C CYS E 310 0.95 25.75 -10.33
N ALA E 311 0.74 24.88 -9.35
CA ALA E 311 -0.25 23.82 -9.48
C ALA E 311 -0.04 22.99 -10.75
N ASP E 312 1.21 22.89 -11.19
CA ASP E 312 1.55 22.20 -12.43
C ASP E 312 0.69 22.70 -13.60
N THR E 313 0.34 23.98 -13.56
CA THR E 313 -0.62 24.49 -14.51
C THR E 313 -0.08 25.68 -15.26
N CYS E 314 0.55 26.61 -14.54
CA CYS E 314 1.02 27.84 -15.13
C CYS E 314 2.34 28.28 -14.51
N VAL E 315 2.94 29.33 -15.08
CA VAL E 315 4.18 29.89 -14.55
C VAL E 315 3.90 31.26 -13.96
N SER E 316 4.37 31.45 -12.73
CA SER E 316 4.22 32.74 -12.07
C SER E 316 5.59 33.31 -11.74
N MET E 317 5.62 34.56 -11.34
CA MET E 317 6.85 35.22 -10.95
C MET E 317 6.74 35.71 -9.51
N ALA E 318 7.88 35.88 -8.84
CA ALA E 318 7.92 36.45 -7.50
C ALA E 318 9.27 37.17 -7.33
N PHE E 319 9.33 38.07 -6.35
CA PHE E 319 10.51 38.91 -6.18
C PHE E 319 11.08 38.89 -4.77
N THR E 320 12.36 39.21 -4.68
CA THR E 320 13.07 39.34 -3.42
C THR E 320 14.46 39.88 -3.70
N THR E 321 15.31 39.89 -2.68
CA THR E 321 16.70 40.32 -2.90
C THR E 321 17.66 39.36 -2.22
N VAL E 322 18.87 39.31 -2.75
CA VAL E 322 19.92 38.48 -2.19
C VAL E 322 20.13 38.79 -0.72
N ASP E 323 20.30 40.07 -0.39
CA ASP E 323 20.48 40.48 1.01
C ASP E 323 19.33 40.03 1.90
N ASP E 324 18.09 40.22 1.42
CA ASP E 324 16.92 39.83 2.18
C ASP E 324 16.89 38.32 2.41
N VAL E 325 17.17 37.54 1.36
CA VAL E 325 17.16 36.09 1.50
C VAL E 325 18.31 35.58 2.38
N VAL E 326 19.51 36.10 2.16
CA VAL E 326 20.67 35.65 2.93
C VAL E 326 20.48 35.98 4.41
N ASP E 327 20.02 37.20 4.71
CA ASP E 327 19.76 37.59 6.09
C ASP E 327 18.81 36.63 6.79
N TYR E 328 17.71 36.31 6.10
CA TYR E 328 16.65 35.49 6.70
C TYR E 328 17.11 34.05 6.89
N VAL E 329 17.75 33.50 5.86
CA VAL E 329 18.33 32.15 5.93
C VAL E 329 19.25 32.01 7.15
N LYS E 330 20.16 32.98 7.34
CA LYS E 330 21.09 32.92 8.47
C LYS E 330 20.38 33.09 9.80
N SER E 331 19.46 34.06 9.88
CA SER E 331 18.75 34.31 11.13
C SER E 331 17.73 33.24 11.48
N HIS E 332 17.29 32.44 10.51
CA HIS E 332 16.35 31.35 10.83
C HIS E 332 16.91 30.00 10.42
N SER E 333 18.18 29.76 10.72
CA SER E 333 18.83 28.55 10.26
C SER E 333 18.41 27.31 11.04
N SER E 334 18.23 26.23 10.28
CA SER E 334 18.01 24.88 10.80
C SER E 334 19.29 24.32 11.36
N VAL E 335 19.96 23.50 10.56
CA VAL E 335 21.21 22.82 10.94
C VAL E 335 22.17 22.71 9.75
N MET F 1 -23.20 17.91 -44.25
CA MET F 1 -22.30 17.24 -43.32
C MET F 1 -21.58 16.07 -43.96
N LYS F 2 -20.31 15.90 -43.58
CA LYS F 2 -19.45 14.88 -44.15
C LYS F 2 -19.72 13.50 -43.59
N THR F 3 -19.93 13.42 -42.29
CA THR F 3 -20.20 12.15 -41.64
C THR F 3 -21.70 12.07 -41.34
N GLN F 4 -22.34 11.03 -41.86
CA GLN F 4 -23.79 10.89 -41.70
C GLN F 4 -24.16 10.26 -40.37
N ILE F 5 -25.23 10.77 -39.78
CA ILE F 5 -25.81 10.21 -38.58
C ILE F 5 -26.81 9.15 -38.98
N ILE F 6 -26.61 7.95 -38.46
CA ILE F 6 -27.43 6.83 -38.82
C ILE F 6 -28.37 6.50 -37.67
N ASN F 7 -29.62 6.18 -37.99
CA ASN F 7 -30.64 5.86 -37.00
C ASN F 7 -30.74 6.89 -35.89
N GLY F 8 -30.54 8.17 -36.23
CA GLY F 8 -30.66 9.26 -35.27
C GLY F 8 -32.05 9.86 -35.29
N VAL F 9 -32.20 10.98 -34.59
CA VAL F 9 -33.46 11.69 -34.54
C VAL F 9 -33.27 13.17 -34.91
N SER F 10 -34.37 13.77 -35.34
CA SER F 10 -34.41 15.18 -35.66
C SER F 10 -34.60 15.97 -34.37
N LEU F 11 -33.66 16.86 -34.07
CA LEU F 11 -33.73 17.65 -32.84
C LEU F 11 -33.43 19.12 -33.10
N PRO F 12 -34.33 19.83 -33.80
CA PRO F 12 -34.10 21.26 -34.03
C PRO F 12 -33.99 22.03 -32.72
N ASN F 13 -34.61 21.53 -31.67
CA ASN F 13 -34.64 22.18 -30.37
C ASN F 13 -33.53 21.75 -29.41
N ILE F 14 -32.50 21.10 -29.94
CA ILE F 14 -31.34 20.73 -29.13
C ILE F 14 -30.74 21.94 -28.42
N PRO F 15 -30.41 21.79 -27.13
CA PRO F 15 -29.67 22.86 -26.45
C PRO F 15 -28.44 23.21 -27.27
N TRP F 16 -28.18 24.50 -27.45
CA TRP F 16 -27.13 24.92 -28.35
C TRP F 16 -26.64 26.33 -28.11
N GLN F 17 -25.32 26.48 -28.14
CA GLN F 17 -24.67 27.77 -28.22
C GLN F 17 -23.62 27.61 -29.31
N ASP F 18 -23.35 28.67 -30.06
CA ASP F 18 -22.35 28.56 -31.12
C ASP F 18 -20.94 28.59 -30.57
N LYS F 19 -20.03 28.00 -31.31
CA LYS F 19 -18.62 28.06 -30.99
C LYS F 19 -18.13 29.50 -31.06
N PRO F 20 -17.59 30.01 -29.95
CA PRO F 20 -17.03 31.36 -29.94
C PRO F 20 -15.89 31.47 -30.94
N ALA F 21 -15.60 32.68 -31.43
CA ALA F 21 -14.55 32.86 -32.44
C ALA F 21 -13.15 32.69 -31.86
N ASP F 22 -12.97 33.01 -30.58
CA ASP F 22 -11.66 32.87 -29.96
C ASP F 22 -11.33 31.40 -29.69
N CYS F 23 -12.35 30.54 -29.75
CA CYS F 23 -12.22 29.15 -29.28
C CYS F 23 -11.42 28.25 -30.20
N LYS F 24 -10.40 27.61 -29.64
CA LYS F 24 -9.49 26.77 -30.42
C LYS F 24 -9.58 25.29 -30.06
N ASP F 25 -10.72 24.88 -29.51
CA ASP F 25 -10.91 23.48 -29.12
C ASP F 25 -11.99 22.83 -29.97
N VAL F 26 -11.99 21.51 -30.02
CA VAL F 26 -13.03 20.74 -30.70
C VAL F 26 -14.38 20.89 -30.00
N ILE F 27 -14.32 21.08 -28.69
CA ILE F 27 -15.51 21.13 -27.83
C ILE F 27 -15.52 22.37 -26.96
N TRP F 28 -16.61 23.12 -26.97
CA TRP F 28 -16.68 24.35 -26.19
C TRP F 28 -17.78 24.27 -25.13
N ARG F 29 -17.54 24.91 -24.00
CA ARG F 29 -18.46 24.79 -22.88
C ARG F 29 -19.58 25.79 -23.00
N TYR F 30 -20.75 25.36 -22.55
CA TYR F 30 -21.86 26.24 -22.25
C TYR F 30 -21.39 27.43 -21.40
N ASP F 31 -21.89 28.63 -21.69
CA ASP F 31 -21.31 29.80 -21.03
C ASP F 31 -21.91 30.11 -19.66
N ALA F 32 -22.88 29.32 -19.22
CA ALA F 32 -23.47 29.54 -17.89
C ALA F 32 -23.49 28.26 -17.06
N ASN F 33 -22.40 27.49 -17.15
CA ASN F 33 -22.24 26.30 -16.35
C ASN F 33 -22.11 26.67 -14.88
N PRO F 34 -22.57 25.77 -13.99
CA PRO F 34 -23.23 24.50 -14.29
C PRO F 34 -24.73 24.67 -14.58
N ILE F 35 -25.33 23.72 -15.28
CA ILE F 35 -26.75 23.83 -15.60
C ILE F 35 -27.60 23.22 -14.51
N ILE F 36 -27.02 22.35 -13.70
CA ILE F 36 -27.68 21.86 -12.50
C ILE F 36 -26.70 21.99 -11.33
N PRO F 37 -26.99 22.91 -10.41
CA PRO F 37 -26.11 23.10 -9.24
C PRO F 37 -26.28 21.99 -8.21
N ARG F 38 -25.31 21.82 -7.32
CA ARG F 38 -25.31 20.77 -6.30
C ARG F 38 -26.53 20.79 -5.40
N ASP F 39 -27.12 21.97 -5.24
CA ASP F 39 -28.16 22.19 -4.23
C ASP F 39 -29.53 22.46 -4.85
N GLN F 40 -29.82 21.86 -6.00
CA GLN F 40 -31.11 22.13 -6.64
C GLN F 40 -32.25 21.41 -5.92
N LEU F 41 -31.96 20.28 -5.28
CA LEU F 41 -32.94 19.57 -4.47
C LEU F 41 -32.69 19.93 -3.02
N PRO F 42 -33.76 20.04 -2.22
CA PRO F 42 -33.59 20.36 -0.80
C PRO F 42 -32.69 19.35 -0.10
N THR F 43 -32.65 18.13 -0.62
CA THR F 43 -31.89 17.05 0.00
C THR F 43 -30.59 16.72 -0.70
N SER F 44 -30.25 17.43 -1.78
CA SER F 44 -29.09 17.04 -2.58
C SER F 44 -27.76 17.61 -2.07
N ASN F 45 -26.78 16.72 -1.89
CA ASN F 45 -25.38 17.12 -1.64
C ASN F 45 -24.70 17.41 -2.97
N SER F 46 -25.06 16.65 -3.99
CA SER F 46 -24.47 16.80 -5.31
C SER F 46 -25.34 16.13 -6.34
N ILE F 47 -25.32 16.69 -7.53
CA ILE F 47 -26.00 16.11 -8.65
C ILE F 47 -25.01 16.13 -9.81
N PHE F 48 -24.72 14.96 -10.37
CA PHE F 48 -23.72 14.91 -11.43
C PHE F 48 -23.90 13.64 -12.23
N ASN F 49 -22.95 13.37 -13.12
CA ASN F 49 -22.92 12.15 -13.95
C ASN F 49 -24.28 11.60 -14.39
N SER F 50 -25.04 12.40 -15.14
CA SER F 50 -26.45 12.08 -15.43
C SER F 50 -26.83 11.79 -16.88
N ALA F 51 -27.94 11.08 -17.01
CA ALA F 51 -28.44 10.56 -18.29
C ALA F 51 -29.59 11.40 -18.80
N VAL F 52 -29.62 11.64 -20.10
CA VAL F 52 -30.60 12.54 -20.71
C VAL F 52 -31.01 12.01 -22.09
N VAL F 53 -32.31 12.07 -22.41
CA VAL F 53 -32.77 11.75 -23.76
C VAL F 53 -33.92 12.66 -24.22
N PRO F 54 -34.13 12.73 -25.54
CA PRO F 54 -35.38 13.34 -26.00
C PRO F 54 -36.57 12.52 -25.49
N TYR F 55 -37.57 13.20 -24.95
CA TYR F 55 -38.82 12.57 -24.56
C TYR F 55 -39.91 13.61 -24.29
N GLU F 56 -40.99 13.47 -25.05
CA GLU F 56 -42.12 14.38 -24.99
C GLU F 56 -43.03 14.00 -23.83
N SER F 57 -43.09 14.85 -22.81
CA SER F 57 -44.06 14.67 -21.75
C SER F 57 -44.77 15.98 -21.42
N GLU F 58 -45.61 15.94 -20.39
CA GLU F 58 -46.28 17.15 -19.95
C GLU F 58 -45.31 18.15 -19.33
N LYS F 59 -44.14 17.68 -18.91
CA LYS F 59 -43.18 18.57 -18.25
C LYS F 59 -42.03 19.01 -19.15
N GLY F 60 -42.02 18.53 -20.38
CA GLY F 60 -41.00 18.98 -21.30
C GLY F 60 -40.77 18.14 -22.54
N LYS F 61 -39.65 18.40 -23.20
CA LYS F 61 -39.25 17.72 -24.43
C LYS F 61 -38.05 16.80 -24.21
N PHE F 62 -37.50 16.84 -22.99
CA PHE F 62 -36.39 15.98 -22.60
C PHE F 62 -36.67 15.35 -21.26
N ALA F 63 -36.18 14.14 -21.08
CA ALA F 63 -36.25 13.49 -19.77
C ALA F 63 -34.90 12.87 -19.44
N GLY F 64 -34.76 12.46 -18.19
CA GLY F 64 -33.50 11.90 -17.73
C GLY F 64 -33.55 11.17 -16.41
N VAL F 65 -32.45 10.49 -16.13
CA VAL F 65 -32.21 9.88 -14.84
C VAL F 65 -30.95 10.54 -14.27
N PHE F 66 -31.07 11.03 -13.05
CA PHE F 66 -30.02 11.85 -12.48
C PHE F 66 -29.38 11.20 -11.26
N ARG F 67 -28.08 11.19 -11.21
CA ARG F 67 -27.41 10.79 -10.00
C ARG F 67 -27.47 11.90 -8.98
N VAL F 68 -28.07 11.59 -7.85
CA VAL F 68 -28.15 12.53 -6.75
C VAL F 68 -27.52 11.88 -5.55
N ASP F 69 -26.55 12.55 -4.94
CA ASP F 69 -26.02 12.06 -3.67
C ASP F 69 -26.62 12.93 -2.57
N ASP F 70 -27.22 12.32 -1.55
CA ASP F 70 -27.91 13.13 -0.57
C ASP F 70 -26.99 13.53 0.58
N LYS F 71 -27.55 14.19 1.58
CA LYS F 71 -26.74 14.68 2.70
C LYS F 71 -26.35 13.57 3.67
N CYS F 72 -26.65 12.32 3.32
CA CYS F 72 -26.00 11.15 3.93
C CYS F 72 -24.81 10.71 3.06
N ARG F 73 -24.69 11.30 1.87
CA ARG F 73 -23.76 10.86 0.82
C ARG F 73 -24.16 9.46 0.30
N ASN F 74 -25.41 9.08 0.53
CA ASN F 74 -26.03 7.96 -0.15
C ASN F 74 -26.08 8.25 -1.65
N MET F 75 -25.90 7.22 -2.46
CA MET F 75 -25.92 7.39 -3.92
C MET F 75 -27.22 6.85 -4.52
N GLU F 76 -27.91 7.72 -5.26
CA GLU F 76 -29.32 7.53 -5.63
C GLU F 76 -29.63 7.99 -7.04
N LEU F 77 -30.74 7.49 -7.59
CA LEU F 77 -31.24 7.90 -8.90
C LEU F 77 -32.59 8.64 -8.83
N HIS F 78 -32.68 9.81 -9.47
CA HIS F 78 -33.93 10.58 -9.53
C HIS F 78 -34.34 10.88 -10.98
N ALA F 79 -35.61 10.68 -11.29
CA ALA F 79 -36.12 11.03 -12.61
C ALA F 79 -36.23 12.55 -12.72
N GLY F 80 -36.05 13.07 -13.93
CA GLY F 80 -36.06 14.51 -14.16
C GLY F 80 -36.65 14.87 -15.52
N PHE F 81 -37.13 16.10 -15.65
CA PHE F 81 -37.77 16.54 -16.88
C PHE F 81 -37.38 17.97 -17.22
N SER F 82 -37.36 18.28 -18.51
CA SER F 82 -36.98 19.61 -18.93
C SER F 82 -37.59 20.01 -20.27
N LYS F 83 -37.96 21.28 -20.37
CA LYS F 83 -38.49 21.84 -21.60
C LYS F 83 -37.39 22.15 -22.62
N ASP F 84 -36.29 22.72 -22.16
CA ASP F 84 -35.23 23.19 -23.05
C ASP F 84 -33.96 22.35 -22.97
N GLY F 85 -33.91 21.41 -22.03
CA GLY F 85 -32.76 20.55 -21.89
C GLY F 85 -31.62 21.18 -21.11
N ILE F 86 -31.89 22.34 -20.50
CA ILE F 86 -30.89 23.08 -19.77
C ILE F 86 -31.37 23.38 -18.35
N HIS F 87 -32.64 23.77 -18.24
CA HIS F 87 -33.27 23.97 -16.95
C HIS F 87 -34.08 22.73 -16.58
N TRP F 88 -33.76 22.12 -15.45
CA TRP F 88 -34.32 20.79 -15.15
C TRP F 88 -35.22 20.76 -13.94
N ASP F 89 -36.33 20.04 -14.10
CA ASP F 89 -37.24 19.73 -13.01
C ASP F 89 -36.98 18.30 -12.58
N ILE F 90 -36.20 18.15 -11.51
CA ILE F 90 -35.77 16.85 -11.02
C ILE F 90 -36.65 16.43 -9.84
N ASN F 91 -37.18 15.21 -9.88
CA ASN F 91 -38.01 14.70 -8.79
C ASN F 91 -37.26 14.79 -7.47
N PRO F 92 -37.94 15.23 -6.41
CA PRO F 92 -37.33 15.41 -5.08
C PRO F 92 -36.94 14.08 -4.43
N ASP F 93 -37.62 13.01 -4.82
CA ASP F 93 -37.41 11.69 -4.22
C ASP F 93 -36.80 10.72 -5.22
N ARG F 94 -36.18 9.66 -4.72
CA ARG F 94 -35.52 8.71 -5.61
C ARG F 94 -36.50 7.83 -6.38
N ILE F 95 -36.02 7.27 -7.46
CA ILE F 95 -36.73 6.20 -8.11
C ILE F 95 -36.77 4.99 -7.18
N VAL F 96 -37.96 4.47 -6.97
CA VAL F 96 -38.14 3.17 -6.32
C VAL F 96 -38.53 2.16 -7.39
N PHE F 97 -37.63 1.25 -7.73
CA PHE F 97 -37.86 0.33 -8.84
C PHE F 97 -38.95 -0.69 -8.54
N GLU F 98 -39.68 -1.11 -9.57
CA GLU F 98 -40.50 -2.31 -9.49
C GLU F 98 -39.79 -3.37 -10.29
N GLN F 99 -39.87 -4.62 -9.86
CA GLN F 99 -39.23 -5.69 -10.58
C GLN F 99 -40.07 -6.05 -11.81
N ALA F 100 -39.40 -6.25 -12.92
CA ALA F 100 -40.05 -6.60 -14.16
C ALA F 100 -40.69 -7.97 -14.03
N GLU F 101 -39.97 -8.89 -13.39
CA GLU F 101 -40.44 -10.26 -13.17
C GLU F 101 -40.35 -10.62 -11.70
N LYS F 102 -41.25 -11.49 -11.26
CA LYS F 102 -41.25 -11.98 -9.89
C LYS F 102 -39.91 -12.59 -9.48
N SER F 103 -39.19 -13.12 -10.46
CA SER F 103 -37.98 -13.87 -10.14
C SER F 103 -36.80 -13.04 -9.60
N THR F 104 -36.93 -11.71 -9.58
CA THR F 104 -35.88 -10.87 -8.98
C THR F 104 -36.35 -10.18 -7.72
N GLU F 105 -37.51 -10.57 -7.23
CA GLU F 105 -38.11 -9.91 -6.06
C GLU F 105 -37.23 -10.04 -4.83
N GLU F 106 -36.65 -11.22 -4.60
CA GLU F 106 -35.73 -11.43 -3.49
C GLU F 106 -34.36 -10.82 -3.77
N VAL F 107 -33.90 -10.98 -5.01
CA VAL F 107 -32.54 -10.60 -5.35
C VAL F 107 -32.25 -9.11 -5.32
N ASN F 108 -33.10 -8.31 -5.96
CA ASN F 108 -32.77 -6.91 -6.18
C ASN F 108 -33.21 -5.97 -5.08
N GLN F 109 -32.59 -6.04 -3.92
CA GLN F 109 -32.93 -5.08 -2.89
C GLN F 109 -32.08 -3.83 -3.05
N TRP F 110 -32.69 -2.67 -2.86
CA TRP F 110 -32.00 -1.41 -3.10
C TRP F 110 -30.89 -1.11 -2.08
N GLY F 111 -29.68 -0.90 -2.58
CA GLY F 111 -28.57 -0.50 -1.75
C GLY F 111 -28.12 0.88 -2.17
N TYR F 112 -27.55 0.97 -3.37
CA TYR F 112 -27.22 2.24 -3.99
C TYR F 112 -27.21 2.13 -5.51
N GLY F 113 -27.15 3.27 -6.17
CA GLY F 113 -27.05 3.34 -7.61
C GLY F 113 -26.51 4.68 -8.06
N TYR F 114 -25.72 4.68 -9.12
CA TYR F 114 -25.14 5.92 -9.61
C TYR F 114 -24.71 5.81 -11.04
N ASP F 115 -24.45 6.97 -11.63
CA ASP F 115 -23.95 7.10 -12.99
C ASP F 115 -24.79 6.34 -14.02
N PRO F 116 -26.07 6.70 -14.15
CA PRO F 116 -26.95 6.06 -15.14
C PRO F 116 -26.62 6.45 -16.58
N ARG F 117 -26.85 5.52 -17.49
CA ARG F 117 -26.90 5.84 -18.90
C ARG F 117 -28.24 5.33 -19.43
N VAL F 118 -28.86 6.09 -20.32
CA VAL F 118 -30.19 5.74 -20.80
C VAL F 118 -30.31 5.91 -22.31
N CYS F 119 -30.83 4.89 -22.98
CA CYS F 119 -31.14 5.05 -24.39
C CYS F 119 -32.43 4.33 -24.75
N PHE F 120 -33.12 4.85 -25.76
CA PHE F 120 -34.29 4.17 -26.30
C PHE F 120 -33.84 3.04 -27.22
N ILE F 121 -34.42 1.86 -27.02
CA ILE F 121 -34.21 0.75 -27.94
C ILE F 121 -35.54 0.12 -28.29
N GLU F 122 -35.88 0.19 -29.58
CA GLU F 122 -37.04 -0.52 -30.15
C GLU F 122 -38.40 -0.03 -29.65
N ASP F 123 -38.70 -0.18 -28.37
CA ASP F 123 -40.05 0.11 -27.88
C ASP F 123 -40.11 0.69 -26.47
N ARG F 124 -38.95 1.02 -25.92
CA ARG F 124 -38.84 1.50 -24.54
C ARG F 124 -37.47 2.09 -24.26
N PHE F 125 -37.32 2.69 -23.08
CA PHE F 125 -36.04 3.26 -22.66
C PHE F 125 -35.33 2.34 -21.68
N TRP F 126 -34.07 2.05 -21.98
CA TRP F 126 -33.27 1.22 -21.10
C TRP F 126 -32.33 2.06 -20.23
N VAL F 127 -32.29 1.71 -18.95
CA VAL F 127 -31.45 2.38 -17.99
C VAL F 127 -30.43 1.38 -17.48
N THR F 128 -29.15 1.74 -17.61
CA THR F 128 -28.07 1.03 -16.94
C THR F 128 -27.41 1.97 -15.94
N TRP F 129 -26.92 1.41 -14.84
CA TRP F 129 -26.26 2.23 -13.84
C TRP F 129 -25.35 1.33 -13.03
N CYS F 130 -24.52 1.94 -12.17
CA CYS F 130 -23.71 1.14 -11.25
C CYS F 130 -24.55 0.85 -10.01
N ASN F 131 -24.97 -0.41 -9.92
CA ASN F 131 -25.92 -0.84 -8.91
C ASN F 131 -25.29 -1.76 -7.87
N ALA F 132 -25.66 -1.56 -6.61
CA ALA F 132 -25.13 -2.39 -5.54
C ALA F 132 -25.85 -3.73 -5.47
N TYR F 133 -25.09 -4.80 -5.62
CA TYR F 133 -25.60 -6.11 -5.29
C TYR F 133 -24.84 -6.58 -4.05
N GLY F 134 -25.53 -6.61 -2.92
CA GLY F 134 -24.86 -6.81 -1.64
C GLY F 134 -23.72 -5.83 -1.37
N TRP F 135 -23.97 -4.56 -1.69
CA TRP F 135 -22.98 -3.49 -1.48
C TRP F 135 -21.67 -3.71 -2.25
N LYS F 136 -21.78 -4.43 -3.37
CA LYS F 136 -20.70 -4.54 -4.36
C LYS F 136 -21.18 -3.94 -5.68
N PRO F 137 -20.30 -3.19 -6.37
CA PRO F 137 -20.70 -2.54 -7.62
C PRO F 137 -20.82 -3.50 -8.81
N THR F 138 -21.99 -3.50 -9.43
CA THR F 138 -22.18 -4.14 -10.72
C THR F 138 -23.04 -3.25 -11.62
N ILE F 139 -23.50 -3.81 -12.73
CA ILE F 139 -24.32 -3.05 -13.66
C ILE F 139 -25.80 -3.38 -13.47
N GLY F 140 -26.56 -2.41 -12.95
CA GLY F 140 -28.00 -2.52 -12.83
C GLY F 140 -28.65 -2.32 -14.18
N VAL F 141 -29.83 -2.93 -14.38
CA VAL F 141 -30.54 -2.84 -15.66
C VAL F 141 -32.03 -2.63 -15.43
N ALA F 142 -32.62 -1.64 -16.09
CA ALA F 142 -34.05 -1.40 -15.96
C ALA F 142 -34.63 -0.80 -17.25
N TYR F 143 -35.95 -0.85 -17.39
CA TYR F 143 -36.59 -0.13 -18.49
C TYR F 143 -37.76 0.72 -18.01
N THR F 144 -38.09 1.72 -18.81
CA THR F 144 -39.23 2.57 -18.54
C THR F 144 -39.86 3.04 -19.85
N PHE F 145 -41.19 3.19 -19.83
CA PHE F 145 -41.91 3.68 -21.00
C PHE F 145 -42.19 5.16 -20.86
N ASP F 146 -42.14 5.67 -19.62
CA ASP F 146 -42.64 7.02 -19.34
C ASP F 146 -41.80 7.84 -18.35
N PHE F 147 -40.67 7.28 -17.91
CA PHE F 147 -39.85 7.92 -16.88
C PHE F 147 -40.62 8.26 -15.61
N LYS F 148 -41.74 7.56 -15.41
CA LYS F 148 -42.51 7.64 -14.17
C LYS F 148 -42.32 6.33 -13.40
N THR F 149 -42.56 5.22 -14.09
CA THR F 149 -42.38 3.90 -13.49
C THR F 149 -41.17 3.23 -14.11
N PHE F 150 -40.32 2.66 -13.27
CA PHE F 150 -39.10 2.01 -13.76
C PHE F 150 -39.13 0.55 -13.34
N TYR F 151 -38.89 -0.33 -14.30
CA TYR F 151 -38.96 -1.78 -14.07
C TYR F 151 -37.57 -2.42 -14.06
N GLN F 152 -37.12 -2.86 -12.89
CA GLN F 152 -35.77 -3.41 -12.76
C GLN F 152 -35.61 -4.85 -13.27
N CYS F 153 -34.54 -5.09 -14.00
CA CYS F 153 -34.22 -6.42 -14.51
C CYS F 153 -33.05 -7.03 -13.75
N GLU F 154 -32.53 -8.14 -14.25
CA GLU F 154 -31.40 -8.78 -13.61
C GLU F 154 -30.17 -7.89 -13.75
N ASN F 155 -29.38 -7.79 -12.69
CA ASN F 155 -28.02 -7.28 -12.82
C ASN F 155 -27.36 -8.03 -13.97
N ALA F 156 -26.77 -7.30 -14.91
CA ALA F 156 -26.24 -7.94 -16.11
C ALA F 156 -25.01 -8.82 -15.83
N PHE F 157 -24.20 -8.42 -14.85
CA PHE F 157 -22.94 -9.10 -14.57
C PHE F 157 -22.70 -9.30 -13.10
N LEU F 158 -21.70 -10.12 -12.81
CA LEU F 158 -21.17 -10.23 -11.47
C LEU F 158 -20.43 -8.94 -11.11
N PRO F 159 -20.37 -8.62 -9.81
CA PRO F 159 -19.39 -7.60 -9.40
C PRO F 159 -18.01 -8.13 -9.80
N PHE F 160 -17.00 -7.29 -9.98
CA PHE F 160 -17.07 -5.85 -9.72
C PHE F 160 -17.02 -5.10 -11.04
N ASN F 161 -17.99 -4.22 -11.27
CA ASN F 161 -18.15 -3.66 -12.59
C ASN F 161 -18.85 -2.31 -12.51
N ARG F 162 -18.52 -1.44 -13.46
CA ARG F 162 -19.03 -0.08 -13.49
C ARG F 162 -18.97 0.40 -14.95
N ASN F 163 -19.64 1.51 -15.25
CA ASN F 163 -19.64 2.10 -16.58
C ASN F 163 -20.30 1.18 -17.62
N GLY F 164 -21.44 0.60 -17.24
CA GLY F 164 -22.23 -0.20 -18.15
C GLY F 164 -23.04 0.72 -19.06
N VAL F 165 -22.87 0.57 -20.37
CA VAL F 165 -23.48 1.47 -21.35
C VAL F 165 -23.96 0.68 -22.58
N LEU F 166 -25.28 0.70 -22.80
CA LEU F 166 -25.87 0.00 -23.94
C LEU F 166 -25.64 0.70 -25.27
N PHE F 167 -25.38 -0.09 -26.30
CA PHE F 167 -25.50 0.40 -27.66
C PHE F 167 -27.00 0.58 -27.93
N PRO F 168 -27.38 1.59 -28.74
CA PRO F 168 -28.79 1.97 -28.90
C PRO F 168 -29.62 1.08 -29.84
N ARG F 169 -29.07 -0.04 -30.30
CA ARG F 169 -29.82 -1.04 -31.06
C ARG F 169 -29.09 -2.36 -30.98
N LYS F 170 -29.77 -3.44 -31.37
CA LYS F 170 -29.13 -4.73 -31.48
C LYS F 170 -28.13 -4.73 -32.61
N ILE F 171 -27.09 -5.54 -32.44
CA ILE F 171 -26.07 -5.70 -33.46
C ILE F 171 -25.96 -7.20 -33.69
N ASN F 172 -26.15 -7.63 -34.94
CA ASN F 172 -26.20 -9.04 -35.27
C ASN F 172 -27.19 -9.81 -34.39
N GLY F 173 -28.33 -9.18 -34.13
CA GLY F 173 -29.41 -9.81 -33.39
C GLY F 173 -29.21 -9.89 -31.89
N LYS F 174 -28.25 -9.16 -31.37
CA LYS F 174 -27.96 -9.21 -29.95
C LYS F 174 -27.78 -7.82 -29.34
N TYR F 175 -28.28 -7.63 -28.12
CA TYR F 175 -27.97 -6.43 -27.35
C TYR F 175 -26.48 -6.39 -27.06
N VAL F 176 -25.88 -5.22 -27.17
CA VAL F 176 -24.45 -5.07 -26.88
C VAL F 176 -24.24 -3.99 -25.82
N MET F 177 -23.48 -4.32 -24.78
CA MET F 177 -23.24 -3.34 -23.72
C MET F 177 -21.75 -3.16 -23.41
N PHE F 178 -21.31 -1.90 -23.38
CA PHE F 178 -20.02 -1.54 -22.77
C PHE F 178 -20.05 -1.89 -21.28
N SER F 179 -18.98 -2.46 -20.74
CA SER F 179 -18.76 -2.34 -19.30
C SER F 179 -17.27 -2.17 -19.02
N ARG F 180 -16.90 -2.32 -17.74
CA ARG F 180 -15.58 -1.92 -17.30
C ARG F 180 -15.28 -2.63 -15.98
N PRO F 181 -14.73 -3.85 -16.08
CA PRO F 181 -14.31 -4.64 -14.92
C PRO F 181 -13.53 -3.78 -13.94
N SER F 182 -13.94 -3.82 -12.67
CA SER F 182 -13.36 -2.95 -11.65
C SER F 182 -12.92 -3.80 -10.45
N ASP F 183 -12.74 -3.15 -9.30
CA ASP F 183 -12.50 -3.85 -8.04
C ASP F 183 -13.44 -3.28 -6.97
N SER F 184 -13.12 -3.52 -5.70
CA SER F 184 -13.98 -3.10 -4.58
C SER F 184 -13.74 -1.67 -4.09
N GLY F 185 -12.76 -0.97 -4.64
CA GLY F 185 -12.48 0.38 -4.20
C GLY F 185 -12.42 1.41 -5.32
N HIS F 186 -11.57 2.43 -5.15
CA HIS F 186 -11.24 3.40 -6.17
C HIS F 186 -10.25 2.78 -7.14
N THR F 187 -10.80 2.06 -8.09
CA THR F 187 -10.08 1.16 -8.97
C THR F 187 -8.88 1.81 -9.67
N PRO F 188 -7.68 1.24 -9.47
CA PRO F 188 -6.43 1.73 -10.04
C PRO F 188 -6.16 1.15 -11.42
N PHE F 189 -7.21 0.68 -12.10
CA PHE F 189 -7.09 0.09 -13.44
C PHE F 189 -8.42 0.16 -14.16
N GLY F 190 -8.43 -0.16 -15.45
CA GLY F 190 -9.70 -0.36 -16.13
C GLY F 190 -9.63 -0.32 -17.64
N ASP F 191 -10.05 -1.42 -18.27
CA ASP F 191 -10.16 -1.55 -19.72
C ASP F 191 -11.62 -1.59 -20.13
N MET F 192 -11.93 -1.13 -21.33
CA MET F 192 -13.30 -1.24 -21.81
C MET F 192 -13.53 -2.59 -22.51
N PHE F 193 -14.67 -3.20 -22.20
CA PHE F 193 -15.11 -4.45 -22.83
C PHE F 193 -16.52 -4.26 -23.38
N ILE F 194 -16.95 -5.15 -24.29
CA ILE F 194 -18.38 -5.31 -24.53
C ILE F 194 -18.84 -6.70 -24.18
N SER F 195 -20.13 -6.83 -23.92
CA SER F 195 -20.76 -8.12 -23.74
C SER F 195 -22.02 -8.13 -24.59
N GLN F 196 -22.52 -9.32 -24.88
CA GLN F 196 -23.60 -9.47 -25.83
C GLN F 196 -24.70 -10.34 -25.22
N SER F 197 -25.95 -10.03 -25.55
CA SER F 197 -27.10 -10.75 -24.99
C SER F 197 -28.26 -10.89 -25.96
N PRO F 198 -28.77 -12.12 -26.15
CA PRO F 198 -29.96 -12.27 -26.99
C PRO F 198 -31.20 -11.62 -26.38
N ASP F 199 -31.23 -11.48 -25.05
CA ASP F 199 -32.50 -11.23 -24.37
C ASP F 199 -32.48 -10.22 -23.21
N MET F 200 -31.37 -9.51 -23.03
CA MET F 200 -31.15 -8.57 -21.91
C MET F 200 -31.09 -9.21 -20.53
N LYS F 201 -30.89 -10.52 -20.47
CA LYS F 201 -30.80 -11.20 -19.19
C LYS F 201 -29.51 -12.01 -19.09
N TYR F 202 -29.19 -12.78 -20.14
CA TYR F 202 -28.03 -13.64 -20.17
C TYR F 202 -26.97 -13.00 -21.06
N TRP F 203 -25.73 -12.93 -20.56
CA TRP F 203 -24.66 -12.19 -21.24
C TRP F 203 -23.44 -13.07 -21.50
N GLY F 204 -22.78 -12.79 -22.62
CA GLY F 204 -21.66 -13.60 -23.05
C GLY F 204 -21.01 -13.05 -24.31
N GLU F 205 -20.14 -13.85 -24.92
CA GLU F 205 -19.28 -13.42 -26.04
C GLU F 205 -18.56 -12.12 -25.71
N HIS F 206 -17.90 -12.12 -24.54
CA HIS F 206 -17.23 -10.93 -24.03
C HIS F 206 -16.04 -10.56 -24.92
N ARG F 207 -15.94 -9.28 -25.29
CA ARG F 207 -14.86 -8.83 -26.15
C ARG F 207 -14.20 -7.57 -25.60
N HIS F 208 -12.88 -7.59 -25.65
CA HIS F 208 -12.05 -6.49 -25.17
C HIS F 208 -12.04 -5.39 -26.22
N VAL F 209 -12.40 -4.18 -25.81
CA VAL F 209 -12.43 -3.04 -26.73
C VAL F 209 -11.04 -2.41 -26.79
N MET F 210 -10.63 -1.81 -25.67
CA MET F 210 -9.33 -1.14 -25.58
C MET F 210 -9.01 -0.85 -24.11
N GLY F 211 -7.76 -0.46 -23.84
CA GLY F 211 -7.36 -0.12 -22.49
C GLY F 211 -6.59 1.19 -22.46
N PRO F 212 -6.04 1.55 -21.28
CA PRO F 212 -5.28 2.80 -21.09
C PRO F 212 -4.16 2.95 -22.12
N LEU F 213 -3.88 4.16 -22.59
CA LEU F 213 -2.88 4.32 -23.65
C LEU F 213 -2.05 5.59 -23.58
N ARG F 214 -2.65 6.74 -23.90
CA ARG F 214 -1.94 8.01 -23.83
C ARG F 214 -1.87 8.48 -22.40
N ALA F 215 -0.97 9.42 -22.12
CA ALA F 215 -0.71 9.86 -20.73
C ALA F 215 -1.98 10.32 -19.99
N TRP F 216 -2.87 11.04 -20.68
CA TRP F 216 -4.07 11.59 -20.05
C TRP F 216 -5.05 10.49 -19.66
N GLU F 217 -4.88 9.33 -20.28
CA GLU F 217 -5.76 8.17 -20.10
C GLU F 217 -4.93 6.95 -19.67
N SER F 218 -3.86 7.18 -18.92
CA SER F 218 -2.88 6.13 -18.69
C SER F 218 -3.22 5.20 -17.50
N LYS F 219 -4.07 5.66 -16.59
CA LYS F 219 -4.41 4.86 -15.40
C LYS F 219 -5.57 3.92 -15.64
N LYS F 220 -6.64 4.47 -16.21
CA LYS F 220 -7.82 3.70 -16.56
C LYS F 220 -8.73 4.48 -17.48
N ILE F 221 -9.62 3.75 -18.15
CA ILE F 221 -10.62 4.34 -19.04
C ILE F 221 -11.97 3.71 -18.78
N GLY F 222 -13.03 4.31 -19.29
CA GLY F 222 -14.35 3.70 -19.24
C GLY F 222 -15.35 4.38 -20.19
N ALA F 223 -16.37 3.64 -20.64
CA ALA F 223 -17.39 4.23 -21.50
C ALA F 223 -18.04 5.46 -20.88
N GLY F 224 -18.49 6.37 -21.74
CA GLY F 224 -19.16 7.58 -21.30
C GLY F 224 -20.62 7.50 -21.69
N PRO F 225 -21.07 8.34 -22.63
CA PRO F 225 -22.48 8.34 -23.06
C PRO F 225 -22.81 7.20 -24.01
N ILE F 226 -24.05 7.15 -24.46
CA ILE F 226 -24.52 6.19 -25.45
C ILE F 226 -23.76 6.36 -26.76
N PRO F 227 -23.28 5.26 -27.35
CA PRO F 227 -22.63 5.32 -28.67
C PRO F 227 -23.52 5.97 -29.73
N ILE F 228 -22.89 6.72 -30.61
CA ILE F 228 -23.59 7.38 -31.69
C ILE F 228 -23.30 6.65 -33.00
N GLU F 229 -24.34 6.16 -33.66
CA GLU F 229 -24.13 5.45 -34.93
C GLU F 229 -23.88 6.44 -36.06
N THR F 230 -22.74 6.29 -36.74
CA THR F 230 -22.40 7.16 -37.86
C THR F 230 -21.91 6.37 -39.06
N SER F 231 -21.67 7.08 -40.16
CA SER F 231 -21.17 6.45 -41.38
C SER F 231 -19.72 5.98 -41.25
N GLU F 232 -19.02 6.44 -40.20
CA GLU F 232 -17.67 5.95 -39.92
C GLU F 232 -17.70 4.77 -38.95
N GLY F 233 -18.88 4.53 -38.38
CA GLY F 233 -19.03 3.53 -37.34
C GLY F 233 -19.56 4.17 -36.07
N TRP F 234 -19.32 3.53 -34.94
CA TRP F 234 -19.81 4.01 -33.66
C TRP F 234 -18.92 5.10 -33.04
N LEU F 235 -19.48 6.29 -32.89
CA LEU F 235 -18.79 7.40 -32.27
C LEU F 235 -19.05 7.32 -30.76
N CYS F 236 -17.98 7.09 -30.01
CA CYS F 236 -18.09 6.82 -28.59
C CYS F 236 -17.17 7.74 -27.78
N PHE F 237 -17.77 8.67 -27.03
CA PHE F 237 -17.01 9.43 -26.06
C PHE F 237 -16.71 8.53 -24.86
N TYR F 238 -15.53 8.66 -24.30
CA TYR F 238 -15.15 7.84 -23.17
C TYR F 238 -14.32 8.70 -22.21
N HIS F 239 -14.23 8.29 -20.96
CA HIS F 239 -13.40 9.00 -20.02
C HIS F 239 -12.06 8.27 -19.87
N GLY F 240 -11.03 9.03 -19.55
CA GLY F 240 -9.69 8.51 -19.29
C GLY F 240 -9.13 9.16 -18.05
N VAL F 241 -8.29 8.43 -17.32
CA VAL F 241 -7.74 8.93 -16.08
C VAL F 241 -6.22 9.04 -16.06
N LEU F 242 -5.72 10.17 -15.58
CA LEU F 242 -4.31 10.33 -15.27
C LEU F 242 -4.17 10.37 -13.75
N GLU F 243 -3.15 9.68 -13.23
CA GLU F 243 -2.86 9.70 -11.79
C GLU F 243 -1.69 10.63 -11.48
N SER F 244 -1.93 11.65 -10.67
CA SER F 244 -0.87 12.53 -10.21
C SER F 244 -0.46 12.12 -8.80
N CYS F 245 0.47 12.87 -8.21
CA CYS F 245 0.85 12.58 -6.83
C CYS F 245 -0.30 12.83 -5.84
N ASN F 246 -1.32 13.59 -6.26
CA ASN F 246 -2.44 13.94 -5.37
C ASN F 246 -3.75 13.22 -5.67
N GLY F 247 -3.77 12.39 -6.71
CA GLY F 247 -4.96 11.64 -7.05
C GLY F 247 -5.21 11.48 -8.54
N PHE F 248 -6.49 11.50 -8.91
CA PHE F 248 -6.93 11.25 -10.28
C PHE F 248 -7.39 12.53 -10.97
N VAL F 249 -7.17 12.59 -12.29
CA VAL F 249 -7.74 13.62 -13.12
C VAL F 249 -8.57 12.95 -14.22
N TYR F 250 -9.89 13.14 -14.19
CA TYR F 250 -10.77 12.59 -15.22
C TYR F 250 -10.97 13.58 -16.38
N SER F 251 -10.59 13.16 -17.59
CA SER F 251 -10.86 13.93 -18.81
C SER F 251 -11.68 13.06 -19.76
N PHE F 252 -12.19 13.60 -20.87
CA PHE F 252 -12.79 12.67 -21.82
C PHE F 252 -12.44 13.00 -23.26
N SER F 253 -12.57 12.00 -24.12
CA SER F 253 -12.29 12.15 -25.54
C SER F 253 -13.27 11.27 -26.32
N ALA F 254 -12.89 10.85 -27.51
CA ALA F 254 -13.76 10.04 -28.35
C ALA F 254 -12.96 9.02 -29.13
N CYS F 255 -13.62 7.91 -29.45
CA CYS F 255 -13.07 6.95 -30.41
C CYS F 255 -14.14 6.58 -31.42
N ILE F 256 -13.72 5.91 -32.49
CA ILE F 256 -14.67 5.39 -33.47
C ILE F 256 -14.52 3.87 -33.56
N LEU F 257 -15.62 3.15 -33.40
CA LEU F 257 -15.53 1.69 -33.38
C LEU F 257 -16.26 1.08 -34.58
N ASP F 258 -15.80 -0.10 -34.98
CA ASP F 258 -16.34 -0.80 -36.15
C ASP F 258 -17.84 -1.03 -36.01
N LYS F 259 -18.56 -0.81 -37.10
CA LYS F 259 -20.02 -0.89 -37.10
C LYS F 259 -20.54 -2.27 -36.69
N ASP F 260 -19.90 -3.31 -37.17
CA ASP F 260 -20.43 -4.67 -37.02
C ASP F 260 -19.87 -5.35 -35.80
N GLU F 261 -18.61 -5.05 -35.51
CA GLU F 261 -17.92 -5.61 -34.36
C GLU F 261 -17.30 -4.49 -33.53
N PRO F 262 -18.12 -3.86 -32.69
CA PRO F 262 -17.73 -2.61 -32.01
C PRO F 262 -16.58 -2.75 -30.99
N TRP F 263 -16.04 -3.95 -30.80
CA TRP F 263 -14.85 -4.07 -29.95
C TRP F 263 -13.57 -3.74 -30.73
N LYS F 264 -13.71 -3.58 -32.04
CA LYS F 264 -12.57 -3.27 -32.90
C LYS F 264 -12.44 -1.76 -33.11
N VAL F 265 -11.31 -1.21 -32.70
CA VAL F 265 -11.13 0.22 -32.72
C VAL F 265 -10.69 0.65 -34.12
N LYS F 266 -11.39 1.61 -34.72
CA LYS F 266 -10.99 2.11 -36.03
C LYS F 266 -10.16 3.37 -35.90
N TYR F 267 -10.59 4.27 -35.02
CA TYR F 267 -9.82 5.45 -34.69
C TYR F 267 -10.01 5.77 -33.20
N ARG F 268 -8.99 6.37 -32.59
CA ARG F 268 -9.03 6.69 -31.18
C ARG F 268 -8.21 7.95 -30.95
N CYS F 269 -8.86 9.03 -30.51
CA CYS F 269 -8.19 10.32 -30.42
C CYS F 269 -7.05 10.29 -29.39
N ALA F 270 -5.86 10.71 -29.82
CA ALA F 270 -4.70 10.67 -28.93
C ALA F 270 -4.81 11.72 -27.81
N GLU F 271 -5.48 12.84 -28.10
CA GLU F 271 -5.68 13.89 -27.10
C GLU F 271 -7.03 13.75 -26.44
N TYR F 272 -7.15 14.28 -25.23
CA TYR F 272 -8.48 14.50 -24.67
C TYR F 272 -9.18 15.57 -25.51
N LEU F 273 -10.50 15.65 -25.42
CA LEU F 273 -11.27 16.72 -26.07
C LEU F 273 -11.79 17.71 -25.03
N LEU F 274 -11.82 17.27 -23.78
CA LEU F 274 -12.18 18.18 -22.69
C LEU F 274 -11.58 17.66 -21.38
N SER F 275 -11.07 18.57 -20.57
CA SER F 275 -10.44 18.18 -19.32
C SER F 275 -10.78 19.22 -18.25
N PRO F 276 -10.59 18.88 -16.97
CA PRO F 276 -10.94 19.82 -15.89
C PRO F 276 -10.05 21.06 -15.89
N GLN F 277 -10.63 22.21 -16.26
CA GLN F 277 -9.86 23.45 -16.29
C GLN F 277 -10.61 24.64 -15.65
N LYS F 278 -11.92 24.51 -15.50
CA LYS F 278 -12.72 25.59 -14.91
C LYS F 278 -12.89 25.35 -13.43
N ILE F 279 -13.21 26.40 -12.70
CA ILE F 279 -13.31 26.33 -11.25
C ILE F 279 -14.30 25.26 -10.80
N TYR F 280 -15.42 25.11 -11.51
CA TYR F 280 -16.45 24.14 -11.13
C TYR F 280 -16.08 22.70 -11.56
N GLU F 281 -15.05 22.58 -12.40
CA GLU F 281 -14.49 21.27 -12.73
C GLU F 281 -13.36 20.89 -11.77
N CYS F 282 -12.67 21.89 -11.24
CA CYS F 282 -11.46 21.64 -10.47
C CYS F 282 -11.70 21.64 -8.98
N VAL F 283 -12.79 22.26 -8.55
CA VAL F 283 -13.05 22.35 -7.12
C VAL F 283 -14.44 21.77 -6.84
N GLY F 284 -14.52 20.89 -5.85
CA GLY F 284 -15.77 20.24 -5.49
C GLY F 284 -15.51 18.98 -4.67
N ASP F 285 -16.51 18.10 -4.57
CA ASP F 285 -16.37 16.89 -3.76
C ASP F 285 -15.20 16.02 -4.22
N VAL F 286 -15.01 15.92 -5.54
CA VAL F 286 -13.84 15.24 -6.08
C VAL F 286 -13.19 16.14 -7.12
N GLN F 287 -12.05 16.70 -6.77
CA GLN F 287 -11.39 17.65 -7.65
C GLN F 287 -10.98 17.01 -8.97
N ASN F 288 -11.04 17.83 -10.01
CA ASN F 288 -10.48 17.51 -11.32
C ASN F 288 -11.22 16.36 -11.98
N VAL F 289 -12.52 16.57 -12.22
CA VAL F 289 -13.36 15.59 -12.86
C VAL F 289 -14.32 16.20 -13.89
N THR F 290 -14.21 15.71 -15.12
CA THR F 290 -15.15 16.02 -16.17
C THR F 290 -15.60 14.69 -16.74
N PHE F 291 -16.86 14.34 -16.51
CA PHE F 291 -17.30 12.97 -16.67
C PHE F 291 -18.62 12.90 -17.47
N PRO F 292 -18.56 12.48 -18.75
CA PRO F 292 -19.77 12.51 -19.58
C PRO F 292 -20.62 11.22 -19.51
N CYS F 293 -21.92 11.37 -19.28
CA CYS F 293 -22.84 10.22 -19.27
C CYS F 293 -23.96 10.33 -20.30
N ALA F 294 -24.04 11.47 -20.99
CA ALA F 294 -25.10 11.67 -21.95
C ALA F 294 -24.72 12.69 -23.00
N THR F 295 -25.09 12.42 -24.25
CA THR F 295 -25.13 13.44 -25.28
C THR F 295 -26.49 13.44 -25.99
N LEU F 296 -26.87 14.62 -26.48
CA LEU F 296 -27.97 14.74 -27.43
C LEU F 296 -27.38 15.00 -28.81
N VAL F 297 -27.97 14.40 -29.83
CA VAL F 297 -27.52 14.59 -31.20
C VAL F 297 -28.66 14.94 -32.14
N ASP F 298 -28.55 16.09 -32.79
CA ASP F 298 -29.50 16.43 -33.83
C ASP F 298 -29.00 15.92 -35.19
N ALA F 299 -29.62 14.84 -35.67
CA ALA F 299 -29.19 14.20 -36.91
C ALA F 299 -29.36 15.06 -38.17
N ASP F 300 -30.22 16.07 -38.10
CA ASP F 300 -30.38 17.01 -39.22
C ASP F 300 -29.12 17.84 -39.45
N THR F 301 -28.46 18.27 -38.37
CA THR F 301 -27.34 19.23 -38.44
C THR F 301 -25.99 18.73 -37.91
N GLY F 302 -26.01 17.63 -37.16
CA GLY F 302 -24.76 17.08 -36.62
C GLY F 302 -24.35 17.71 -35.29
N ARG F 303 -25.17 18.61 -34.77
CA ARG F 303 -24.92 19.27 -33.50
C ARG F 303 -25.00 18.30 -32.33
N ILE F 304 -24.04 18.40 -31.42
CA ILE F 304 -24.02 17.60 -30.20
C ILE F 304 -23.97 18.50 -28.98
N ALA F 305 -24.88 18.23 -28.05
CA ALA F 305 -24.87 18.80 -26.72
C ALA F 305 -24.46 17.72 -25.73
N ILE F 306 -23.42 18.00 -24.94
CA ILE F 306 -22.88 17.00 -24.02
C ILE F 306 -23.21 17.39 -22.58
N TYR F 307 -23.74 16.44 -21.82
CA TYR F 307 -23.92 16.58 -20.37
C TYR F 307 -22.79 15.87 -19.64
N TYR F 308 -22.17 16.56 -18.69
CA TYR F 308 -21.06 15.95 -17.98
C TYR F 308 -20.94 16.40 -16.54
N GLY F 309 -20.73 15.43 -15.64
CA GLY F 309 -20.46 15.76 -14.27
C GLY F 309 -19.18 16.58 -14.10
N CYS F 310 -19.23 17.56 -13.19
CA CYS F 310 -18.08 18.40 -12.85
C CYS F 310 -17.70 18.27 -11.38
N ALA F 311 -16.47 17.81 -11.14
CA ALA F 311 -15.95 17.62 -9.78
C ALA F 311 -16.90 16.82 -8.87
N ASP F 312 -17.65 15.88 -9.47
CA ASP F 312 -18.66 15.10 -8.76
C ASP F 312 -19.55 16.02 -7.91
N THR F 313 -19.92 17.17 -8.46
CA THR F 313 -20.59 18.19 -7.67
C THR F 313 -21.83 18.72 -8.40
N CYS F 314 -21.68 19.00 -9.68
CA CYS F 314 -22.73 19.64 -10.46
C CYS F 314 -22.78 19.03 -11.88
N VAL F 315 -23.82 19.36 -12.65
CA VAL F 315 -23.92 18.96 -14.05
C VAL F 315 -23.68 20.16 -14.97
N SER F 316 -22.81 19.97 -15.95
CA SER F 316 -22.47 21.00 -16.93
C SER F 316 -22.72 20.52 -18.35
N MET F 317 -22.63 21.46 -19.28
CA MET F 317 -22.91 21.19 -20.68
C MET F 317 -21.83 21.73 -21.59
N ALA F 318 -21.57 21.02 -22.67
CA ALA F 318 -20.60 21.43 -23.66
C ALA F 318 -21.18 21.16 -25.03
N PHE F 319 -20.61 21.77 -26.07
CA PHE F 319 -21.11 21.57 -27.42
C PHE F 319 -20.00 21.23 -28.39
N THR F 320 -20.38 20.53 -29.46
CA THR F 320 -19.49 20.23 -30.57
C THR F 320 -20.36 19.72 -31.72
N THR F 321 -19.75 19.20 -32.78
CA THR F 321 -20.54 18.62 -33.87
C THR F 321 -19.98 17.25 -34.22
N VAL F 322 -20.77 16.44 -34.89
CA VAL F 322 -20.30 15.12 -35.27
C VAL F 322 -19.12 15.23 -36.22
N ASP F 323 -19.23 16.13 -37.20
CA ASP F 323 -18.15 16.30 -38.17
C ASP F 323 -16.88 16.79 -37.50
N ASP F 324 -16.99 17.73 -36.57
CA ASP F 324 -15.81 18.23 -35.87
C ASP F 324 -15.13 17.14 -35.04
N VAL F 325 -15.92 16.39 -34.27
CA VAL F 325 -15.30 15.33 -33.47
C VAL F 325 -14.68 14.25 -34.35
N VAL F 326 -15.46 13.72 -35.29
CA VAL F 326 -14.97 12.68 -36.20
C VAL F 326 -13.69 13.10 -36.91
N ASP F 327 -13.67 14.32 -37.45
CA ASP F 327 -12.49 14.81 -38.17
C ASP F 327 -11.26 14.86 -37.27
N TYR F 328 -11.45 15.30 -36.04
CA TYR F 328 -10.33 15.46 -35.13
C TYR F 328 -9.79 14.09 -34.72
N VAL F 329 -10.71 13.20 -34.37
CA VAL F 329 -10.37 11.84 -34.00
C VAL F 329 -9.53 11.20 -35.08
N LYS F 330 -9.97 11.31 -36.33
CA LYS F 330 -9.28 10.68 -37.46
C LYS F 330 -7.91 11.29 -37.72
N SER F 331 -7.81 12.60 -37.65
CA SER F 331 -6.53 13.26 -37.92
C SER F 331 -5.55 13.19 -36.75
N HIS F 332 -6.06 12.89 -35.54
CA HIS F 332 -5.21 12.78 -34.35
C HIS F 332 -5.31 11.40 -33.71
N SER F 333 -5.34 10.35 -34.52
CA SER F 333 -5.65 9.02 -34.03
C SER F 333 -4.46 8.28 -33.45
N SER F 334 -4.72 7.59 -32.34
CA SER F 334 -3.75 6.78 -31.62
C SER F 334 -3.39 5.52 -32.40
N VAL F 335 -4.00 4.40 -32.04
CA VAL F 335 -3.76 3.10 -32.69
C VAL F 335 -5.05 2.29 -32.81
#